data_1FRR
# 
_entry.id   1FRR 
# 
_audit_conform.dict_name       mmcif_pdbx.dic 
_audit_conform.dict_version    5.385 
_audit_conform.dict_location   http://mmcif.pdb.org/dictionaries/ascii/mmcif_pdbx.dic 
# 
loop_
_database_2.database_id 
_database_2.database_code 
_database_2.pdbx_database_accession 
_database_2.pdbx_DOI 
PDB   1FRR         pdb_00001frr 10.2210/pdb1frr/pdb 
WWPDB D_1000173393 ?            ?                   
# 
loop_
_pdbx_audit_revision_history.ordinal 
_pdbx_audit_revision_history.data_content_type 
_pdbx_audit_revision_history.major_revision 
_pdbx_audit_revision_history.minor_revision 
_pdbx_audit_revision_history.revision_date 
1 'Structure model' 1 0 1994-01-31 
2 'Structure model' 1 1 2008-03-24 
3 'Structure model' 1 2 2011-07-13 
4 'Structure model' 1 3 2024-02-07 
# 
_pdbx_audit_revision_details.ordinal             1 
_pdbx_audit_revision_details.revision_ordinal    1 
_pdbx_audit_revision_details.data_content_type   'Structure model' 
_pdbx_audit_revision_details.provider            repository 
_pdbx_audit_revision_details.type                'Initial release' 
_pdbx_audit_revision_details.description         ? 
_pdbx_audit_revision_details.details             ? 
# 
loop_
_pdbx_audit_revision_group.ordinal 
_pdbx_audit_revision_group.revision_ordinal 
_pdbx_audit_revision_group.data_content_type 
_pdbx_audit_revision_group.group 
1 2 'Structure model' 'Version format compliance' 
2 3 'Structure model' 'Version format compliance' 
3 4 'Structure model' 'Data collection'           
4 4 'Structure model' 'Database references'       
5 4 'Structure model' 'Derived calculations'      
6 4 'Structure model' Other                       
# 
loop_
_pdbx_audit_revision_category.ordinal 
_pdbx_audit_revision_category.revision_ordinal 
_pdbx_audit_revision_category.data_content_type 
_pdbx_audit_revision_category.category 
1 4 'Structure model' chem_comp_atom         
2 4 'Structure model' chem_comp_bond         
3 4 'Structure model' database_2             
4 4 'Structure model' pdbx_database_status   
5 4 'Structure model' pdbx_struct_conn_angle 
6 4 'Structure model' struct_conn            
7 4 'Structure model' struct_site            
# 
loop_
_pdbx_audit_revision_item.ordinal 
_pdbx_audit_revision_item.revision_ordinal 
_pdbx_audit_revision_item.data_content_type 
_pdbx_audit_revision_item.item 
1  4 'Structure model' '_database_2.pdbx_DOI'                       
2  4 'Structure model' '_database_2.pdbx_database_accession'        
3  4 'Structure model' '_pdbx_database_status.process_site'         
4  4 'Structure model' '_pdbx_struct_conn_angle.ptnr1_auth_seq_id'  
5  4 'Structure model' '_pdbx_struct_conn_angle.ptnr1_label_seq_id' 
6  4 'Structure model' '_pdbx_struct_conn_angle.ptnr3_auth_seq_id'  
7  4 'Structure model' '_pdbx_struct_conn_angle.ptnr3_label_seq_id' 
8  4 'Structure model' '_pdbx_struct_conn_angle.value'              
9  4 'Structure model' '_struct_conn.pdbx_dist_value'               
10 4 'Structure model' '_struct_conn.ptnr1_auth_comp_id'            
11 4 'Structure model' '_struct_conn.ptnr1_auth_seq_id'             
12 4 'Structure model' '_struct_conn.ptnr1_label_asym_id'           
13 4 'Structure model' '_struct_conn.ptnr1_label_atom_id'           
14 4 'Structure model' '_struct_conn.ptnr1_label_comp_id'           
15 4 'Structure model' '_struct_conn.ptnr1_label_seq_id'            
16 4 'Structure model' '_struct_conn.ptnr2_auth_comp_id'            
17 4 'Structure model' '_struct_conn.ptnr2_auth_seq_id'             
18 4 'Structure model' '_struct_conn.ptnr2_label_asym_id'           
19 4 'Structure model' '_struct_conn.ptnr2_label_atom_id'           
20 4 'Structure model' '_struct_conn.ptnr2_label_comp_id'           
21 4 'Structure model' '_struct_conn.ptnr2_label_seq_id'            
22 4 'Structure model' '_struct_site.pdbx_auth_asym_id'             
23 4 'Structure model' '_struct_site.pdbx_auth_comp_id'             
24 4 'Structure model' '_struct_site.pdbx_auth_seq_id'              
# 
_pdbx_database_status.status_code                     REL 
_pdbx_database_status.entry_id                        1FRR 
_pdbx_database_status.recvd_initial_deposition_date   1993-09-24 
_pdbx_database_status.deposit_site                    ? 
_pdbx_database_status.process_site                    BNL 
_pdbx_database_status.SG_entry                        . 
_pdbx_database_status.pdb_format_compatible           Y 
_pdbx_database_status.status_code_mr                  ? 
_pdbx_database_status.status_code_sf                  ? 
_pdbx_database_status.status_code_cs                  ? 
_pdbx_database_status.status_code_nmr_data            ? 
_pdbx_database_status.methods_development_category    ? 
# 
_audit_author.name           'Tsukihara, T.' 
_audit_author.pdbx_ordinal   1 
# 
_citation.id                        primary 
_citation.title                     'Structure of [2Fe-2S] ferredoxin I from Equisetum arvense at 1.8 A resolution.' 
_citation.journal_abbrev            'Acta Crystallogr.,Sect.D' 
_citation.journal_volume            50 
_citation.page_first                167 
_citation.page_last                 174 
_citation.year                      1994 
_citation.journal_id_ASTM           ABCRE6 
_citation.country                   DK 
_citation.journal_id_ISSN           0907-4449 
_citation.journal_id_CSD            0766 
_citation.book_publisher            ? 
_citation.pdbx_database_id_PubMed   15299454 
_citation.pdbx_database_id_DOI      10.1107/S0907444993009588 
# 
loop_
_citation_author.citation_id 
_citation_author.name 
_citation_author.ordinal 
_citation_author.identifier_ORCID 
primary 'Ikemizu, S.'   1 ? 
primary 'Bando, M.'     2 ? 
primary 'Sato, T.'      3 ? 
primary 'Morimoto, Y.'  4 ? 
primary 'Tsukihara, T.' 5 ? 
primary 'Fukuyama, K.'  6 ? 
# 
loop_
_entity.id 
_entity.type 
_entity.src_method 
_entity.pdbx_description 
_entity.formula_weight 
_entity.pdbx_number_of_molecules 
_entity.pdbx_ec 
_entity.pdbx_mutation 
_entity.pdbx_fragment 
_entity.details 
1 polymer     man 'FERREDOXIN I'               10104.143 2   ? ? ? ? 
2 non-polymer syn 'FE2/S2 (INORGANIC) CLUSTER' 175.820   2   ? ? ? ? 
3 water       nat water                        18.015    183 ? ? ? ? 
# 
_entity_poly.entity_id                      1 
_entity_poly.type                           'polypeptide(L)' 
_entity_poly.nstd_linkage                   no 
_entity_poly.nstd_monomer                   no 
_entity_poly.pdbx_seq_one_letter_code       
;AYKTVLKTPSGEFTLDVPEGTTILDAAEEAGYDLPFSCRAGACSSCLGKVVSGSVDESEGSFLDDGQMEEGFVLTCIAIP
ESDLVIETHKEEELF
;
_entity_poly.pdbx_seq_one_letter_code_can   
;AYKTVLKTPSGEFTLDVPEGTTILDAAEEAGYDLPFSCRAGACSSCLGKVVSGSVDESEGSFLDDGQMEEGFVLTCIAIP
ESDLVIETHKEEELF
;
_entity_poly.pdbx_strand_id                 A,B 
_entity_poly.pdbx_target_identifier         ? 
# 
loop_
_pdbx_entity_nonpoly.entity_id 
_pdbx_entity_nonpoly.name 
_pdbx_entity_nonpoly.comp_id 
2 'FE2/S2 (INORGANIC) CLUSTER' FES 
3 water                        HOH 
# 
loop_
_entity_poly_seq.entity_id 
_entity_poly_seq.num 
_entity_poly_seq.mon_id 
_entity_poly_seq.hetero 
1 1  ALA n 
1 2  TYR n 
1 3  LYS n 
1 4  THR n 
1 5  VAL n 
1 6  LEU n 
1 7  LYS n 
1 8  THR n 
1 9  PRO n 
1 10 SER n 
1 11 GLY n 
1 12 GLU n 
1 13 PHE n 
1 14 THR n 
1 15 LEU n 
1 16 ASP n 
1 17 VAL n 
1 18 PRO n 
1 19 GLU n 
1 20 GLY n 
1 21 THR n 
1 22 THR n 
1 23 ILE n 
1 24 LEU n 
1 25 ASP n 
1 26 ALA n 
1 27 ALA n 
1 28 GLU n 
1 29 GLU n 
1 30 ALA n 
1 31 GLY n 
1 32 TYR n 
1 33 ASP n 
1 34 LEU n 
1 35 PRO n 
1 36 PHE n 
1 37 SER n 
1 38 CYS n 
1 39 ARG n 
1 40 ALA n 
1 41 GLY n 
1 42 ALA n 
1 43 CYS n 
1 44 SER n 
1 45 SER n 
1 46 CYS n 
1 47 LEU n 
1 48 GLY n 
1 49 LYS n 
1 50 VAL n 
1 51 VAL n 
1 52 SER n 
1 53 GLY n 
1 54 SER n 
1 55 VAL n 
1 56 ASP n 
1 57 GLU n 
1 58 SER n 
1 59 GLU n 
1 60 GLY n 
1 61 SER n 
1 62 PHE n 
1 63 LEU n 
1 64 ASP n 
1 65 ASP n 
1 66 GLY n 
1 67 GLN n 
1 68 MET n 
1 69 GLU n 
1 70 GLU n 
1 71 GLY n 
1 72 PHE n 
1 73 VAL n 
1 74 LEU n 
1 75 THR n 
1 76 CYS n 
1 77 ILE n 
1 78 ALA n 
1 79 ILE n 
1 80 PRO n 
1 81 GLU n 
1 82 SER n 
1 83 ASP n 
1 84 LEU n 
1 85 VAL n 
1 86 ILE n 
1 87 GLU n 
1 88 THR n 
1 89 HIS n 
1 90 LYS n 
1 91 GLU n 
1 92 GLU n 
1 93 GLU n 
1 94 LEU n 
1 95 PHE n 
# 
_entity_src_gen.entity_id                          1 
_entity_src_gen.pdbx_src_id                        1 
_entity_src_gen.pdbx_alt_source_flag               sample 
_entity_src_gen.pdbx_seq_type                      ? 
_entity_src_gen.pdbx_beg_seq_num                   ? 
_entity_src_gen.pdbx_end_seq_num                   ? 
_entity_src_gen.gene_src_common_name               'field horsetail' 
_entity_src_gen.gene_src_genus                     Equisetum 
_entity_src_gen.pdbx_gene_src_gene                 ? 
_entity_src_gen.gene_src_species                   ? 
_entity_src_gen.gene_src_strain                    ? 
_entity_src_gen.gene_src_tissue                    ? 
_entity_src_gen.gene_src_tissue_fraction           ? 
_entity_src_gen.gene_src_details                   ? 
_entity_src_gen.pdbx_gene_src_fragment             ? 
_entity_src_gen.pdbx_gene_src_scientific_name      'Equisetum arvense' 
_entity_src_gen.pdbx_gene_src_ncbi_taxonomy_id     3258 
_entity_src_gen.pdbx_gene_src_variant              ? 
_entity_src_gen.pdbx_gene_src_cell_line            ? 
_entity_src_gen.pdbx_gene_src_atcc                 ? 
_entity_src_gen.pdbx_gene_src_organ                ? 
_entity_src_gen.pdbx_gene_src_organelle            ? 
_entity_src_gen.pdbx_gene_src_cell                 ? 
_entity_src_gen.pdbx_gene_src_cellular_location    ? 
_entity_src_gen.host_org_common_name               ? 
_entity_src_gen.pdbx_host_org_scientific_name      ? 
_entity_src_gen.pdbx_host_org_ncbi_taxonomy_id     ? 
_entity_src_gen.host_org_genus                     ? 
_entity_src_gen.pdbx_host_org_gene                 ? 
_entity_src_gen.pdbx_host_org_organ                ? 
_entity_src_gen.host_org_species                   ? 
_entity_src_gen.pdbx_host_org_tissue               ? 
_entity_src_gen.pdbx_host_org_tissue_fraction      ? 
_entity_src_gen.pdbx_host_org_strain               ? 
_entity_src_gen.pdbx_host_org_variant              ? 
_entity_src_gen.pdbx_host_org_cell_line            ? 
_entity_src_gen.pdbx_host_org_atcc                 ? 
_entity_src_gen.pdbx_host_org_culture_collection   ? 
_entity_src_gen.pdbx_host_org_cell                 ? 
_entity_src_gen.pdbx_host_org_organelle            ? 
_entity_src_gen.pdbx_host_org_cellular_location    ? 
_entity_src_gen.pdbx_host_org_vector_type          ? 
_entity_src_gen.pdbx_host_org_vector               ? 
_entity_src_gen.host_org_details                   ? 
_entity_src_gen.expression_system_id               ? 
_entity_src_gen.plasmid_name                       ? 
_entity_src_gen.plasmid_details                    ? 
_entity_src_gen.pdbx_description                   ? 
# 
loop_
_chem_comp.id 
_chem_comp.type 
_chem_comp.mon_nstd_flag 
_chem_comp.name 
_chem_comp.pdbx_synonyms 
_chem_comp.formula 
_chem_comp.formula_weight 
ALA 'L-peptide linking' y ALANINE                      ? 'C3 H7 N O2'     89.093  
ARG 'L-peptide linking' y ARGININE                     ? 'C6 H15 N4 O2 1' 175.209 
ASP 'L-peptide linking' y 'ASPARTIC ACID'              ? 'C4 H7 N O4'     133.103 
CYS 'L-peptide linking' y CYSTEINE                     ? 'C3 H7 N O2 S'   121.158 
FES non-polymer         . 'FE2/S2 (INORGANIC) CLUSTER' ? 'Fe2 S2'         175.820 
GLN 'L-peptide linking' y GLUTAMINE                    ? 'C5 H10 N2 O3'   146.144 
GLU 'L-peptide linking' y 'GLUTAMIC ACID'              ? 'C5 H9 N O4'     147.129 
GLY 'peptide linking'   y GLYCINE                      ? 'C2 H5 N O2'     75.067  
HIS 'L-peptide linking' y HISTIDINE                    ? 'C6 H10 N3 O2 1' 156.162 
HOH non-polymer         . WATER                        ? 'H2 O'           18.015  
ILE 'L-peptide linking' y ISOLEUCINE                   ? 'C6 H13 N O2'    131.173 
LEU 'L-peptide linking' y LEUCINE                      ? 'C6 H13 N O2'    131.173 
LYS 'L-peptide linking' y LYSINE                       ? 'C6 H15 N2 O2 1' 147.195 
MET 'L-peptide linking' y METHIONINE                   ? 'C5 H11 N O2 S'  149.211 
PHE 'L-peptide linking' y PHENYLALANINE                ? 'C9 H11 N O2'    165.189 
PRO 'L-peptide linking' y PROLINE                      ? 'C5 H9 N O2'     115.130 
SER 'L-peptide linking' y SERINE                       ? 'C3 H7 N O3'     105.093 
THR 'L-peptide linking' y THREONINE                    ? 'C4 H9 N O3'     119.119 
TYR 'L-peptide linking' y TYROSINE                     ? 'C9 H11 N O3'    181.189 
VAL 'L-peptide linking' y VALINE                       ? 'C5 H11 N O2'    117.146 
# 
loop_
_pdbx_poly_seq_scheme.asym_id 
_pdbx_poly_seq_scheme.entity_id 
_pdbx_poly_seq_scheme.seq_id 
_pdbx_poly_seq_scheme.mon_id 
_pdbx_poly_seq_scheme.ndb_seq_num 
_pdbx_poly_seq_scheme.pdb_seq_num 
_pdbx_poly_seq_scheme.auth_seq_num 
_pdbx_poly_seq_scheme.pdb_mon_id 
_pdbx_poly_seq_scheme.auth_mon_id 
_pdbx_poly_seq_scheme.pdb_strand_id 
_pdbx_poly_seq_scheme.pdb_ins_code 
_pdbx_poly_seq_scheme.hetero 
A 1 1  ALA 1  1  1  ALA ALA A . n 
A 1 2  TYR 2  2  2  TYR TYR A . n 
A 1 3  LYS 3  3  3  LYS LYS A . n 
A 1 4  THR 4  4  4  THR THR A . n 
A 1 5  VAL 5  5  5  VAL VAL A . n 
A 1 6  LEU 6  6  6  LEU LEU A . n 
A 1 7  LYS 7  7  7  LYS LYS A . n 
A 1 8  THR 8  8  8  THR THR A . n 
A 1 9  PRO 9  9  9  PRO PRO A . n 
A 1 10 SER 10 10 10 SER SER A . n 
A 1 11 GLY 11 11 11 GLY GLY A . n 
A 1 12 GLU 12 12 12 GLU GLU A . n 
A 1 13 PHE 13 13 13 PHE PHE A . n 
A 1 14 THR 14 14 14 THR THR A . n 
A 1 15 LEU 15 15 15 LEU LEU A . n 
A 1 16 ASP 16 16 16 ASP ASP A . n 
A 1 17 VAL 17 17 17 VAL VAL A . n 
A 1 18 PRO 18 18 18 PRO PRO A . n 
A 1 19 GLU 19 19 19 GLU GLU A . n 
A 1 20 GLY 20 20 20 GLY GLY A . n 
A 1 21 THR 21 21 21 THR THR A . n 
A 1 22 THR 22 22 22 THR THR A . n 
A 1 23 ILE 23 23 23 ILE ILE A . n 
A 1 24 LEU 24 24 24 LEU LEU A . n 
A 1 25 ASP 25 25 25 ASP ASP A . n 
A 1 26 ALA 26 26 26 ALA ALA A . n 
A 1 27 ALA 27 27 27 ALA ALA A . n 
A 1 28 GLU 28 28 28 GLU GLU A . n 
A 1 29 GLU 29 29 29 GLU GLU A . n 
A 1 30 ALA 30 30 30 ALA ALA A . n 
A 1 31 GLY 31 31 31 GLY GLY A . n 
A 1 32 TYR 32 32 32 TYR TYR A . n 
A 1 33 ASP 33 33 33 ASP ASP A . n 
A 1 34 LEU 34 34 34 LEU LEU A . n 
A 1 35 PRO 35 35 35 PRO PRO A . n 
A 1 36 PHE 36 36 36 PHE PHE A . n 
A 1 37 SER 37 37 37 SER SER A . n 
A 1 38 CYS 38 38 38 CYS CYS A . n 
A 1 39 ARG 39 39 39 ARG ARG A . n 
A 1 40 ALA 40 40 40 ALA ALA A . n 
A 1 41 GLY 41 41 41 GLY GLY A . n 
A 1 42 ALA 42 42 42 ALA ALA A . n 
A 1 43 CYS 43 43 43 CYS CYS A . n 
A 1 44 SER 44 44 44 SER SER A . n 
A 1 45 SER 45 45 45 SER SER A . n 
A 1 46 CYS 46 46 46 CYS CYS A . n 
A 1 47 LEU 47 47 47 LEU LEU A . n 
A 1 48 GLY 48 48 48 GLY GLY A . n 
A 1 49 LYS 49 49 49 LYS LYS A . n 
A 1 50 VAL 50 50 50 VAL VAL A . n 
A 1 51 VAL 51 51 51 VAL VAL A . n 
A 1 52 SER 52 52 52 SER SER A . n 
A 1 53 GLY 53 53 53 GLY GLY A . n 
A 1 54 SER 54 54 54 SER SER A . n 
A 1 55 VAL 55 55 55 VAL VAL A . n 
A 1 56 ASP 56 56 56 ASP ASP A . n 
A 1 57 GLU 57 57 57 GLU GLU A . n 
A 1 58 SER 58 58 58 SER SER A . n 
A 1 59 GLU 59 59 59 GLU GLU A . n 
A 1 60 GLY 60 60 60 GLY GLY A . n 
A 1 61 SER 61 61 61 SER SER A . n 
A 1 62 PHE 62 62 62 PHE PHE A . n 
A 1 63 LEU 63 63 63 LEU LEU A . n 
A 1 64 ASP 64 64 64 ASP ASP A . n 
A 1 65 ASP 65 65 65 ASP ASP A . n 
A 1 66 GLY 66 66 66 GLY GLY A . n 
A 1 67 GLN 67 67 67 GLN GLN A . n 
A 1 68 MET 68 68 68 MET MET A . n 
A 1 69 GLU 69 69 69 GLU GLU A . n 
A 1 70 GLU 70 70 70 GLU GLU A . n 
A 1 71 GLY 71 71 71 GLY GLY A . n 
A 1 72 PHE 72 72 72 PHE PHE A . n 
A 1 73 VAL 73 73 73 VAL VAL A . n 
A 1 74 LEU 74 74 74 LEU LEU A . n 
A 1 75 THR 75 75 75 THR THR A . n 
A 1 76 CYS 76 76 76 CYS CYS A . n 
A 1 77 ILE 77 77 77 ILE ILE A . n 
A 1 78 ALA 78 78 78 ALA ALA A . n 
A 1 79 ILE 79 79 79 ILE ILE A . n 
A 1 80 PRO 80 80 80 PRO PRO A . n 
A 1 81 GLU 81 81 81 GLU GLU A . n 
A 1 82 SER 82 82 82 SER SER A . n 
A 1 83 ASP 83 83 83 ASP ASP A . n 
A 1 84 LEU 84 84 84 LEU LEU A . n 
A 1 85 VAL 85 85 85 VAL VAL A . n 
A 1 86 ILE 86 86 86 ILE ILE A . n 
A 1 87 GLU 87 87 87 GLU GLU A . n 
A 1 88 THR 88 88 88 THR THR A . n 
A 1 89 HIS 89 89 89 HIS HIS A . n 
A 1 90 LYS 90 90 90 LYS LYS A . n 
A 1 91 GLU 91 91 91 GLU GLU A . n 
A 1 92 GLU 92 92 92 GLU GLU A . n 
A 1 93 GLU 93 93 93 GLU GLU A . n 
A 1 94 LEU 94 94 94 LEU LEU A . n 
A 1 95 PHE 95 95 95 PHE PHE A . n 
B 1 1  ALA 1  1  1  ALA ALA B . n 
B 1 2  TYR 2  2  2  TYR TYR B . n 
B 1 3  LYS 3  3  3  LYS LYS B . n 
B 1 4  THR 4  4  4  THR THR B . n 
B 1 5  VAL 5  5  5  VAL VAL B . n 
B 1 6  LEU 6  6  6  LEU LEU B . n 
B 1 7  LYS 7  7  7  LYS LYS B . n 
B 1 8  THR 8  8  8  THR THR B . n 
B 1 9  PRO 9  9  9  PRO PRO B . n 
B 1 10 SER 10 10 10 SER SER B . n 
B 1 11 GLY 11 11 11 GLY GLY B . n 
B 1 12 GLU 12 12 12 GLU GLU B . n 
B 1 13 PHE 13 13 13 PHE PHE B . n 
B 1 14 THR 14 14 14 THR THR B . n 
B 1 15 LEU 15 15 15 LEU LEU B . n 
B 1 16 ASP 16 16 16 ASP ASP B . n 
B 1 17 VAL 17 17 17 VAL VAL B . n 
B 1 18 PRO 18 18 18 PRO PRO B . n 
B 1 19 GLU 19 19 19 GLU GLU B . n 
B 1 20 GLY 20 20 20 GLY GLY B . n 
B 1 21 THR 21 21 21 THR THR B . n 
B 1 22 THR 22 22 22 THR THR B . n 
B 1 23 ILE 23 23 23 ILE ILE B . n 
B 1 24 LEU 24 24 24 LEU LEU B . n 
B 1 25 ASP 25 25 25 ASP ASP B . n 
B 1 26 ALA 26 26 26 ALA ALA B . n 
B 1 27 ALA 27 27 27 ALA ALA B . n 
B 1 28 GLU 28 28 28 GLU GLU B . n 
B 1 29 GLU 29 29 29 GLU GLU B . n 
B 1 30 ALA 30 30 30 ALA ALA B . n 
B 1 31 GLY 31 31 31 GLY GLY B . n 
B 1 32 TYR 32 32 32 TYR TYR B . n 
B 1 33 ASP 33 33 33 ASP ASP B . n 
B 1 34 LEU 34 34 34 LEU LEU B . n 
B 1 35 PRO 35 35 35 PRO PRO B . n 
B 1 36 PHE 36 36 36 PHE PHE B . n 
B 1 37 SER 37 37 37 SER SER B . n 
B 1 38 CYS 38 38 38 CYS CYS B . n 
B 1 39 ARG 39 39 39 ARG ARG B . n 
B 1 40 ALA 40 40 40 ALA ALA B . n 
B 1 41 GLY 41 41 41 GLY GLY B . n 
B 1 42 ALA 42 42 42 ALA ALA B . n 
B 1 43 CYS 43 43 43 CYS CYS B . n 
B 1 44 SER 44 44 44 SER SER B . n 
B 1 45 SER 45 45 45 SER SER B . n 
B 1 46 CYS 46 46 46 CYS CYS B . n 
B 1 47 LEU 47 47 47 LEU LEU B . n 
B 1 48 GLY 48 48 48 GLY GLY B . n 
B 1 49 LYS 49 49 49 LYS LYS B . n 
B 1 50 VAL 50 50 50 VAL VAL B . n 
B 1 51 VAL 51 51 51 VAL VAL B . n 
B 1 52 SER 52 52 52 SER SER B . n 
B 1 53 GLY 53 53 53 GLY GLY B . n 
B 1 54 SER 54 54 54 SER SER B . n 
B 1 55 VAL 55 55 55 VAL VAL B . n 
B 1 56 ASP 56 56 56 ASP ASP B . n 
B 1 57 GLU 57 57 57 GLU GLU B . n 
B 1 58 SER 58 58 58 SER SER B . n 
B 1 59 GLU 59 59 59 GLU GLU B . n 
B 1 60 GLY 60 60 60 GLY GLY B . n 
B 1 61 SER 61 61 61 SER SER B . n 
B 1 62 PHE 62 62 62 PHE PHE B . n 
B 1 63 LEU 63 63 63 LEU LEU B . n 
B 1 64 ASP 64 64 64 ASP ASP B . n 
B 1 65 ASP 65 65 65 ASP ASP B . n 
B 1 66 GLY 66 66 66 GLY GLY B . n 
B 1 67 GLN 67 67 67 GLN GLN B . n 
B 1 68 MET 68 68 68 MET MET B . n 
B 1 69 GLU 69 69 69 GLU GLU B . n 
B 1 70 GLU 70 70 70 GLU GLU B . n 
B 1 71 GLY 71 71 71 GLY GLY B . n 
B 1 72 PHE 72 72 72 PHE PHE B . n 
B 1 73 VAL 73 73 73 VAL VAL B . n 
B 1 74 LEU 74 74 74 LEU LEU B . n 
B 1 75 THR 75 75 75 THR THR B . n 
B 1 76 CYS 76 76 76 CYS CYS B . n 
B 1 77 ILE 77 77 77 ILE ILE B . n 
B 1 78 ALA 78 78 78 ALA ALA B . n 
B 1 79 ILE 79 79 79 ILE ILE B . n 
B 1 80 PRO 80 80 80 PRO PRO B . n 
B 1 81 GLU 81 81 81 GLU GLU B . n 
B 1 82 SER 82 82 82 SER SER B . n 
B 1 83 ASP 83 83 83 ASP ASP B . n 
B 1 84 LEU 84 84 84 LEU LEU B . n 
B 1 85 VAL 85 85 85 VAL VAL B . n 
B 1 86 ILE 86 86 86 ILE ILE B . n 
B 1 87 GLU 87 87 87 GLU GLU B . n 
B 1 88 THR 88 88 88 THR THR B . n 
B 1 89 HIS 89 89 89 HIS HIS B . n 
B 1 90 LYS 90 90 90 LYS LYS B . n 
B 1 91 GLU 91 91 91 GLU GLU B . n 
B 1 92 GLU 92 92 92 GLU GLU B . n 
B 1 93 GLU 93 93 93 GLU GLU B . n 
B 1 94 LEU 94 94 94 LEU LEU B . n 
B 1 95 PHE 95 95 95 PHE PHE B . n 
# 
loop_
_pdbx_nonpoly_scheme.asym_id 
_pdbx_nonpoly_scheme.entity_id 
_pdbx_nonpoly_scheme.mon_id 
_pdbx_nonpoly_scheme.ndb_seq_num 
_pdbx_nonpoly_scheme.pdb_seq_num 
_pdbx_nonpoly_scheme.auth_seq_num 
_pdbx_nonpoly_scheme.pdb_mon_id 
_pdbx_nonpoly_scheme.auth_mon_id 
_pdbx_nonpoly_scheme.pdb_strand_id 
_pdbx_nonpoly_scheme.pdb_ins_code 
C 2 FES 1  96  96  FES FES A . 
D 2 FES 1  96  96  FES FES B . 
E 3 HOH 1  97  1   HOH HOH A . 
E 3 HOH 2  98  2   HOH HOH A . 
E 3 HOH 3  99  3   HOH HOH A . 
E 3 HOH 4  100 4   HOH HOH A . 
E 3 HOH 5  101 5   HOH HOH A . 
E 3 HOH 6  102 6   HOH HOH A . 
E 3 HOH 7  103 7   HOH HOH A . 
E 3 HOH 8  104 8   HOH HOH A . 
E 3 HOH 9  105 9   HOH HOH A . 
E 3 HOH 10 106 10  HOH HOH A . 
E 3 HOH 11 107 11  HOH HOH A . 
E 3 HOH 12 108 12  HOH HOH A . 
E 3 HOH 13 109 13  HOH HOH A . 
E 3 HOH 14 110 14  HOH HOH A . 
E 3 HOH 15 111 15  HOH HOH A . 
E 3 HOH 16 112 16  HOH HOH A . 
E 3 HOH 17 113 17  HOH HOH A . 
E 3 HOH 18 114 18  HOH HOH A . 
E 3 HOH 19 115 19  HOH HOH A . 
E 3 HOH 20 116 20  HOH HOH A . 
E 3 HOH 21 117 21  HOH HOH A . 
E 3 HOH 22 118 22  HOH HOH A . 
E 3 HOH 23 119 23  HOH HOH A . 
E 3 HOH 24 120 24  HOH HOH A . 
E 3 HOH 25 121 25  HOH HOH A . 
E 3 HOH 26 122 26  HOH HOH A . 
E 3 HOH 27 123 27  HOH HOH A . 
E 3 HOH 28 124 28  HOH HOH A . 
E 3 HOH 29 125 29  HOH HOH A . 
E 3 HOH 30 126 30  HOH HOH A . 
E 3 HOH 31 127 31  HOH HOH A . 
E 3 HOH 32 128 32  HOH HOH A . 
E 3 HOH 33 129 33  HOH HOH A . 
E 3 HOH 34 130 34  HOH HOH A . 
E 3 HOH 35 131 35  HOH HOH A . 
E 3 HOH 36 132 36  HOH HOH A . 
E 3 HOH 37 133 38  HOH HOH A . 
E 3 HOH 38 134 39  HOH HOH A . 
E 3 HOH 39 135 40  HOH HOH A . 
E 3 HOH 40 136 41  HOH HOH A . 
E 3 HOH 41 137 42  HOH HOH A . 
E 3 HOH 42 138 43  HOH HOH A . 
E 3 HOH 43 139 45  HOH HOH A . 
E 3 HOH 44 140 46  HOH HOH A . 
E 3 HOH 45 141 47  HOH HOH A . 
E 3 HOH 46 142 49  HOH HOH A . 
E 3 HOH 47 143 50  HOH HOH A . 
E 3 HOH 48 144 51  HOH HOH A . 
E 3 HOH 49 145 52  HOH HOH A . 
E 3 HOH 50 146 55  HOH HOH A . 
E 3 HOH 51 147 56  HOH HOH A . 
E 3 HOH 52 148 57  HOH HOH A . 
E 3 HOH 53 149 58  HOH HOH A . 
E 3 HOH 54 150 59  HOH HOH A . 
E 3 HOH 55 151 60  HOH HOH A . 
E 3 HOH 56 152 61  HOH HOH A . 
E 3 HOH 57 153 62  HOH HOH A . 
E 3 HOH 58 154 63  HOH HOH A . 
E 3 HOH 59 155 64  HOH HOH A . 
E 3 HOH 60 156 65  HOH HOH A . 
E 3 HOH 61 157 66  HOH HOH A . 
E 3 HOH 62 158 67  HOH HOH A . 
E 3 HOH 63 159 68  HOH HOH A . 
E 3 HOH 64 160 69  HOH HOH A . 
E 3 HOH 65 161 70  HOH HOH A . 
E 3 HOH 66 162 71  HOH HOH A . 
E 3 HOH 67 163 72  HOH HOH A . 
E 3 HOH 68 164 73  HOH HOH A . 
E 3 HOH 69 165 74  HOH HOH A . 
E 3 HOH 70 166 75  HOH HOH A . 
E 3 HOH 71 167 76  HOH HOH A . 
E 3 HOH 72 168 77  HOH HOH A . 
E 3 HOH 73 169 78  HOH HOH A . 
E 3 HOH 74 170 79  HOH HOH A . 
E 3 HOH 75 171 80  HOH HOH A . 
E 3 HOH 76 172 81  HOH HOH A . 
E 3 HOH 77 173 82  HOH HOH A . 
E 3 HOH 78 174 83  HOH HOH A . 
E 3 HOH 79 175 84  HOH HOH A . 
E 3 HOH 80 176 85  HOH HOH A . 
E 3 HOH 81 177 86  HOH HOH A . 
E 3 HOH 82 178 87  HOH HOH A . 
E 3 HOH 83 179 88  HOH HOH A . 
E 3 HOH 84 180 114 HOH HOH A . 
E 3 HOH 85 181 130 HOH HOH A . 
E 3 HOH 86 182 132 HOH HOH A . 
E 3 HOH 87 183 136 HOH HOH A . 
E 3 HOH 88 184 150 HOH HOH A . 
E 3 HOH 89 185 154 HOH HOH A . 
E 3 HOH 90 186 181 HOH HOH A . 
F 3 HOH 1  97  37  HOH HOH B . 
F 3 HOH 2  98  44  HOH HOH B . 
F 3 HOH 3  99  48  HOH HOH B . 
F 3 HOH 4  100 53  HOH HOH B . 
F 3 HOH 5  101 54  HOH HOH B . 
F 3 HOH 6  102 89  HOH HOH B . 
F 3 HOH 7  103 90  HOH HOH B . 
F 3 HOH 8  104 91  HOH HOH B . 
F 3 HOH 9  105 92  HOH HOH B . 
F 3 HOH 10 106 93  HOH HOH B . 
F 3 HOH 11 107 94  HOH HOH B . 
F 3 HOH 12 108 95  HOH HOH B . 
F 3 HOH 13 109 96  HOH HOH B . 
F 3 HOH 14 110 97  HOH HOH B . 
F 3 HOH 15 111 98  HOH HOH B . 
F 3 HOH 16 112 99  HOH HOH B . 
F 3 HOH 17 113 100 HOH HOH B . 
F 3 HOH 18 114 101 HOH HOH B . 
F 3 HOH 19 115 102 HOH HOH B . 
F 3 HOH 20 116 103 HOH HOH B . 
F 3 HOH 21 117 104 HOH HOH B . 
F 3 HOH 22 118 105 HOH HOH B . 
F 3 HOH 23 119 106 HOH HOH B . 
F 3 HOH 24 120 107 HOH HOH B . 
F 3 HOH 25 121 108 HOH HOH B . 
F 3 HOH 26 122 109 HOH HOH B . 
F 3 HOH 27 123 110 HOH HOH B . 
F 3 HOH 28 124 111 HOH HOH B . 
F 3 HOH 29 125 112 HOH HOH B . 
F 3 HOH 30 126 113 HOH HOH B . 
F 3 HOH 31 127 115 HOH HOH B . 
F 3 HOH 32 128 116 HOH HOH B . 
F 3 HOH 33 129 117 HOH HOH B . 
F 3 HOH 34 130 118 HOH HOH B . 
F 3 HOH 35 131 119 HOH HOH B . 
F 3 HOH 36 132 120 HOH HOH B . 
F 3 HOH 37 133 121 HOH HOH B . 
F 3 HOH 38 134 122 HOH HOH B . 
F 3 HOH 39 135 123 HOH HOH B . 
F 3 HOH 40 136 124 HOH HOH B . 
F 3 HOH 41 137 125 HOH HOH B . 
F 3 HOH 42 138 126 HOH HOH B . 
F 3 HOH 43 139 127 HOH HOH B . 
F 3 HOH 44 140 128 HOH HOH B . 
F 3 HOH 45 141 129 HOH HOH B . 
F 3 HOH 46 142 131 HOH HOH B . 
F 3 HOH 47 143 133 HOH HOH B . 
F 3 HOH 48 144 134 HOH HOH B . 
F 3 HOH 49 145 135 HOH HOH B . 
F 3 HOH 50 146 137 HOH HOH B . 
F 3 HOH 51 147 138 HOH HOH B . 
F 3 HOH 52 148 139 HOH HOH B . 
F 3 HOH 53 149 140 HOH HOH B . 
F 3 HOH 54 150 141 HOH HOH B . 
F 3 HOH 55 151 142 HOH HOH B . 
F 3 HOH 56 152 143 HOH HOH B . 
F 3 HOH 57 153 144 HOH HOH B . 
F 3 HOH 58 154 145 HOH HOH B . 
F 3 HOH 59 155 146 HOH HOH B . 
F 3 HOH 60 156 147 HOH HOH B . 
F 3 HOH 61 157 148 HOH HOH B . 
F 3 HOH 62 158 149 HOH HOH B . 
F 3 HOH 63 159 151 HOH HOH B . 
F 3 HOH 64 160 152 HOH HOH B . 
F 3 HOH 65 161 153 HOH HOH B . 
F 3 HOH 66 162 155 HOH HOH B . 
F 3 HOH 67 163 156 HOH HOH B . 
F 3 HOH 68 164 157 HOH HOH B . 
F 3 HOH 69 165 158 HOH HOH B . 
F 3 HOH 70 166 159 HOH HOH B . 
F 3 HOH 71 167 160 HOH HOH B . 
F 3 HOH 72 168 161 HOH HOH B . 
F 3 HOH 73 169 162 HOH HOH B . 
F 3 HOH 74 170 163 HOH HOH B . 
F 3 HOH 75 171 164 HOH HOH B . 
F 3 HOH 76 172 165 HOH HOH B . 
F 3 HOH 77 173 166 HOH HOH B . 
F 3 HOH 78 174 167 HOH HOH B . 
F 3 HOH 79 175 168 HOH HOH B . 
F 3 HOH 80 176 169 HOH HOH B . 
F 3 HOH 81 177 170 HOH HOH B . 
F 3 HOH 82 178 171 HOH HOH B . 
F 3 HOH 83 179 172 HOH HOH B . 
F 3 HOH 84 180 173 HOH HOH B . 
F 3 HOH 85 181 174 HOH HOH B . 
F 3 HOH 86 182 175 HOH HOH B . 
F 3 HOH 87 183 176 HOH HOH B . 
F 3 HOH 88 184 177 HOH HOH B . 
F 3 HOH 89 185 178 HOH HOH B . 
F 3 HOH 90 186 179 HOH HOH B . 
F 3 HOH 91 187 180 HOH HOH B . 
F 3 HOH 92 188 182 HOH HOH B . 
F 3 HOH 93 189 183 HOH HOH B . 
# 
_software.name             PROLSQ 
_software.classification   refinement 
_software.version          . 
_software.citation_id      ? 
_software.pdbx_ordinal     1 
# 
_cell.entry_id           1FRR 
_cell.length_a           30.400 
_cell.length_b           57.400 
_cell.length_c           47.500 
_cell.angle_alpha        90.00 
_cell.angle_beta         78.70 
_cell.angle_gamma        90.00 
_cell.Z_PDB              4 
_cell.pdbx_unique_axis   ? 
# 
_symmetry.entry_id                         1FRR 
_symmetry.space_group_name_H-M             'P 1 21 1' 
_symmetry.pdbx_full_space_group_name_H-M   ? 
_symmetry.cell_setting                     ? 
_symmetry.Int_Tables_number                4 
# 
_exptl.entry_id          1FRR 
_exptl.method            'X-RAY DIFFRACTION' 
_exptl.crystals_number   ? 
# 
_exptl_crystal.id                    1 
_exptl_crystal.density_meas          ? 
_exptl_crystal.density_Matthews      2.01 
_exptl_crystal.density_percent_sol   38.81 
_exptl_crystal.description           ? 
# 
_diffrn.id                     1 
_diffrn.ambient_temp           ? 
_diffrn.ambient_temp_details   ? 
_diffrn.crystal_id             1 
# 
_diffrn_radiation.diffrn_id                        1 
_diffrn_radiation.wavelength_id                    1 
_diffrn_radiation.pdbx_monochromatic_or_laue_m_l   ? 
_diffrn_radiation.monochromator                    ? 
_diffrn_radiation.pdbx_diffrn_protocol             ? 
_diffrn_radiation.pdbx_scattering_type             x-ray 
# 
_diffrn_radiation_wavelength.id           1 
_diffrn_radiation_wavelength.wavelength   . 
_diffrn_radiation_wavelength.wt           1.0 
# 
_refine.entry_id                                 1FRR 
_refine.ls_number_reflns_obs                     13838 
_refine.ls_number_reflns_all                     ? 
_refine.pdbx_ls_sigma_I                          ? 
_refine.pdbx_ls_sigma_F                          1.0 
_refine.pdbx_data_cutoff_high_absF               ? 
_refine.pdbx_data_cutoff_low_absF                ? 
_refine.pdbx_data_cutoff_high_rms_absF           ? 
_refine.ls_d_res_low                             10.0 
_refine.ls_d_res_high                            1.8 
_refine.ls_percent_reflns_obs                    ? 
_refine.ls_R_factor_obs                          0.1700000 
_refine.ls_R_factor_all                          ? 
_refine.ls_R_factor_R_work                       ? 
_refine.ls_R_factor_R_free                       ? 
_refine.ls_R_factor_R_free_error                 ? 
_refine.ls_R_factor_R_free_error_details         ? 
_refine.ls_percent_reflns_R_free                 ? 
_refine.ls_number_reflns_R_free                  ? 
_refine.ls_number_parameters                     ? 
_refine.ls_number_restraints                     ? 
_refine.occupancy_min                            ? 
_refine.occupancy_max                            ? 
_refine.B_iso_mean                               ? 
_refine.aniso_B[1][1]                            ? 
_refine.aniso_B[2][2]                            ? 
_refine.aniso_B[3][3]                            ? 
_refine.aniso_B[1][2]                            ? 
_refine.aniso_B[1][3]                            ? 
_refine.aniso_B[2][3]                            ? 
_refine.solvent_model_details                    ? 
_refine.solvent_model_param_ksol                 ? 
_refine.solvent_model_param_bsol                 ? 
_refine.pdbx_ls_cross_valid_method               ? 
_refine.details                                  ? 
_refine.pdbx_starting_model                      ? 
_refine.pdbx_method_to_determine_struct          ? 
_refine.pdbx_isotropic_thermal_model             ? 
_refine.pdbx_stereochemistry_target_values       ? 
_refine.pdbx_stereochem_target_val_spec_case     ? 
_refine.pdbx_R_Free_selection_details            ? 
_refine.pdbx_overall_ESU_R                       ? 
_refine.pdbx_overall_ESU_R_Free                  ? 
_refine.overall_SU_ML                            ? 
_refine.overall_SU_B                             ? 
_refine.pdbx_refine_id                           'X-RAY DIFFRACTION' 
_refine.pdbx_diffrn_id                           1 
_refine.pdbx_TLS_residual_ADP_flag               ? 
_refine.correlation_coeff_Fo_to_Fc               ? 
_refine.correlation_coeff_Fo_to_Fc_free          ? 
_refine.pdbx_solvent_vdw_probe_radii             ? 
_refine.pdbx_solvent_ion_probe_radii             ? 
_refine.pdbx_solvent_shrinkage_radii             ? 
_refine.pdbx_overall_phase_error                 ? 
_refine.overall_SU_R_Cruickshank_DPI             ? 
_refine.pdbx_overall_SU_R_free_Cruickshank_DPI   ? 
_refine.pdbx_overall_SU_R_Blow_DPI               ? 
_refine.pdbx_overall_SU_R_free_Blow_DPI          ? 
# 
_refine_hist.pdbx_refine_id                   'X-RAY DIFFRACTION' 
_refine_hist.cycle_id                         LAST 
_refine_hist.pdbx_number_atoms_protein        1412 
_refine_hist.pdbx_number_atoms_nucleic_acid   0 
_refine_hist.pdbx_number_atoms_ligand         8 
_refine_hist.number_atoms_solvent             183 
_refine_hist.number_atoms_total               1603 
_refine_hist.d_res_high                       1.8 
_refine_hist.d_res_low                        10.0 
# 
loop_
_refine_ls_restr.type 
_refine_ls_restr.dev_ideal 
_refine_ls_restr.dev_ideal_target 
_refine_ls_restr.weight 
_refine_ls_restr.number 
_refine_ls_restr.pdbx_refine_id 
_refine_ls_restr.pdbx_restraint_function 
p_bond_d            0.014 0.020 ? ? 'X-RAY DIFFRACTION' ? 
p_angle_d           0.042 0.040 ? ? 'X-RAY DIFFRACTION' ? 
p_angle_deg         ?     ?     ? ? 'X-RAY DIFFRACTION' ? 
p_planar_d          0.046 0.050 ? ? 'X-RAY DIFFRACTION' ? 
p_hb_or_metal_coord ?     ?     ? ? 'X-RAY DIFFRACTION' ? 
p_mcbond_it         3.61  2.000 ? ? 'X-RAY DIFFRACTION' ? 
p_mcangle_it        4.72  2.000 ? ? 'X-RAY DIFFRACTION' ? 
p_scbond_it         6.61  3.000 ? ? 'X-RAY DIFFRACTION' ? 
p_scangle_it        8.95  3.000 ? ? 'X-RAY DIFFRACTION' ? 
p_plane_restr       0.012 0.020 ? ? 'X-RAY DIFFRACTION' ? 
p_chiral_restr      0.150 0.150 ? ? 'X-RAY DIFFRACTION' ? 
p_singtor_nbd       0.191 0.500 ? ? 'X-RAY DIFFRACTION' ? 
p_multtor_nbd       0.282 0.500 ? ? 'X-RAY DIFFRACTION' ? 
p_xhyhbond_nbd      0.220 0.500 ? ? 'X-RAY DIFFRACTION' ? 
p_xyhbond_nbd       ?     ?     ? ? 'X-RAY DIFFRACTION' ? 
p_planar_tor        2.1   3.0   ? ? 'X-RAY DIFFRACTION' ? 
p_staggered_tor     19.0  15.0  ? ? 'X-RAY DIFFRACTION' ? 
p_orthonormal_tor   19.4  20.0  ? ? 'X-RAY DIFFRACTION' ? 
p_transverse_tor    ?     ?     ? ? 'X-RAY DIFFRACTION' ? 
p_special_tor       ?     ?     ? ? 'X-RAY DIFFRACTION' ? 
# 
_struct.entry_id                  1FRR 
_struct.title                     'CRYSTAL STRUCTURE OF [2FE-2S] FERREDOXIN I FROM EQUISETUM ARVENSE AT 1.8 ANGSTROMS RESOLUTION' 
_struct.pdbx_model_details        ? 
_struct.pdbx_CASP_flag            ? 
_struct.pdbx_model_type_details   ? 
# 
_struct_keywords.entry_id        1FRR 
_struct_keywords.pdbx_keywords   'ELECTRON TRANSFER(IRON-SULFUR PROTEIN)' 
_struct_keywords.text            'ELECTRON TRANSFER(IRON-SULFUR PROTEIN)' 
# 
loop_
_struct_asym.id 
_struct_asym.pdbx_blank_PDB_chainid_flag 
_struct_asym.pdbx_modified 
_struct_asym.entity_id 
_struct_asym.details 
A N N 1 ? 
B N N 1 ? 
C N N 2 ? 
D N N 2 ? 
E N N 3 ? 
F N N 3 ? 
# 
_struct_ref.id                         1 
_struct_ref.db_name                    UNP 
_struct_ref.db_code                    FER1_EQUAR 
_struct_ref.entity_id                  1 
_struct_ref.pdbx_db_accession          P00235 
_struct_ref.pdbx_align_begin           1 
_struct_ref.pdbx_seq_one_letter_code   
;AYKTVLKTPSGEFTLDVPEGTTILDAAEEAGYDLPFSCRAGACSSCLGKVVSGSVDESEGSFLDDGQMEEGFVLTCIAIP
ESDLVIETHKEEELF
;
_struct_ref.pdbx_db_isoform            ? 
# 
loop_
_struct_ref_seq.align_id 
_struct_ref_seq.ref_id 
_struct_ref_seq.pdbx_PDB_id_code 
_struct_ref_seq.pdbx_strand_id 
_struct_ref_seq.seq_align_beg 
_struct_ref_seq.pdbx_seq_align_beg_ins_code 
_struct_ref_seq.seq_align_end 
_struct_ref_seq.pdbx_seq_align_end_ins_code 
_struct_ref_seq.pdbx_db_accession 
_struct_ref_seq.db_align_beg 
_struct_ref_seq.pdbx_db_align_beg_ins_code 
_struct_ref_seq.db_align_end 
_struct_ref_seq.pdbx_db_align_end_ins_code 
_struct_ref_seq.pdbx_auth_seq_align_beg 
_struct_ref_seq.pdbx_auth_seq_align_end 
1 1 1FRR A 1 ? 95 ? P00235 1 ? 95 ? 1 95 
2 1 1FRR B 1 ? 95 ? P00235 1 ? 95 ? 1 95 
# 
loop_
_pdbx_struct_assembly.id 
_pdbx_struct_assembly.details 
_pdbx_struct_assembly.method_details 
_pdbx_struct_assembly.oligomeric_details 
_pdbx_struct_assembly.oligomeric_count 
1 author_defined_assembly ? monomeric 1 
2 author_defined_assembly ? monomeric 1 
# 
loop_
_pdbx_struct_assembly_gen.assembly_id 
_pdbx_struct_assembly_gen.oper_expression 
_pdbx_struct_assembly_gen.asym_id_list 
1 1 A,C,E 
2 1 B,D,F 
# 
_pdbx_struct_oper_list.id                   1 
_pdbx_struct_oper_list.type                 'identity operation' 
_pdbx_struct_oper_list.name                 1_555 
_pdbx_struct_oper_list.symmetry_operation   x,y,z 
_pdbx_struct_oper_list.matrix[1][1]         1.0000000000 
_pdbx_struct_oper_list.matrix[1][2]         0.0000000000 
_pdbx_struct_oper_list.matrix[1][3]         0.0000000000 
_pdbx_struct_oper_list.vector[1]            0.0000000000 
_pdbx_struct_oper_list.matrix[2][1]         0.0000000000 
_pdbx_struct_oper_list.matrix[2][2]         1.0000000000 
_pdbx_struct_oper_list.matrix[2][3]         0.0000000000 
_pdbx_struct_oper_list.vector[2]            0.0000000000 
_pdbx_struct_oper_list.matrix[3][1]         0.0000000000 
_pdbx_struct_oper_list.matrix[3][2]         0.0000000000 
_pdbx_struct_oper_list.matrix[3][3]         1.0000000000 
_pdbx_struct_oper_list.vector[3]            0.0000000000 
# 
loop_
_struct_biol.id 
1 
2 
# 
loop_
_struct_conf.conf_type_id 
_struct_conf.id 
_struct_conf.pdbx_PDB_helix_id 
_struct_conf.beg_label_comp_id 
_struct_conf.beg_label_asym_id 
_struct_conf.beg_label_seq_id 
_struct_conf.pdbx_beg_PDB_ins_code 
_struct_conf.end_label_comp_id 
_struct_conf.end_label_asym_id 
_struct_conf.end_label_seq_id 
_struct_conf.pdbx_end_PDB_ins_code 
_struct_conf.beg_auth_comp_id 
_struct_conf.beg_auth_asym_id 
_struct_conf.beg_auth_seq_id 
_struct_conf.end_auth_comp_id 
_struct_conf.end_auth_asym_id 
_struct_conf.end_auth_seq_id 
_struct_conf.pdbx_PDB_helix_class 
_struct_conf.details 
_struct_conf.pdbx_PDB_helix_length 
HELX_P HELX_P1 H1A ILE A 23 ? ALA A 30 ? ILE A 23 ALA A 30 1 ? 8 
HELX_P HELX_P2 H2A ASP A 65 ? GLU A 70 ? ASP A 65 GLU A 70 1 ? 6 
HELX_P HELX_P3 H3A GLU A 91 ? PHE A 95 ? GLU A 91 PHE A 95 1 ? 5 
HELX_P HELX_P4 H4A ILE B 23 ? ALA B 30 ? ILE B 23 ALA B 30 1 ? 8 
HELX_P HELX_P5 H5A ASP B 65 ? GLU B 70 ? ASP B 65 GLU B 70 1 ? 6 
HELX_P HELX_P6 H6A GLU B 91 ? PHE B 95 ? GLU B 91 PHE B 95 1 ? 5 
# 
_struct_conf_type.id          HELX_P 
_struct_conf_type.criteria    ? 
_struct_conf_type.reference   ? 
# 
loop_
_struct_conn.id 
_struct_conn.conn_type_id 
_struct_conn.pdbx_leaving_atom_flag 
_struct_conn.pdbx_PDB_id 
_struct_conn.ptnr1_label_asym_id 
_struct_conn.ptnr1_label_comp_id 
_struct_conn.ptnr1_label_seq_id 
_struct_conn.ptnr1_label_atom_id 
_struct_conn.pdbx_ptnr1_label_alt_id 
_struct_conn.pdbx_ptnr1_PDB_ins_code 
_struct_conn.pdbx_ptnr1_standard_comp_id 
_struct_conn.ptnr1_symmetry 
_struct_conn.ptnr2_label_asym_id 
_struct_conn.ptnr2_label_comp_id 
_struct_conn.ptnr2_label_seq_id 
_struct_conn.ptnr2_label_atom_id 
_struct_conn.pdbx_ptnr2_label_alt_id 
_struct_conn.pdbx_ptnr2_PDB_ins_code 
_struct_conn.ptnr1_auth_asym_id 
_struct_conn.ptnr1_auth_comp_id 
_struct_conn.ptnr1_auth_seq_id 
_struct_conn.ptnr2_auth_asym_id 
_struct_conn.ptnr2_auth_comp_id 
_struct_conn.ptnr2_auth_seq_id 
_struct_conn.ptnr2_symmetry 
_struct_conn.pdbx_ptnr3_label_atom_id 
_struct_conn.pdbx_ptnr3_label_seq_id 
_struct_conn.pdbx_ptnr3_label_comp_id 
_struct_conn.pdbx_ptnr3_label_asym_id 
_struct_conn.pdbx_ptnr3_label_alt_id 
_struct_conn.pdbx_ptnr3_PDB_ins_code 
_struct_conn.details 
_struct_conn.pdbx_dist_value 
_struct_conn.pdbx_value_order 
_struct_conn.pdbx_role 
metalc1 metalc ? ? A CYS 38 SG ? ? ? 1_555 C FES . FE1 ? ? A CYS 38 A FES 96 1_555 ? ? ? ? ? ? ? 2.340 ? ? 
metalc2 metalc ? ? A CYS 43 SG ? ? ? 1_555 C FES . FE1 ? ? A CYS 43 A FES 96 1_555 ? ? ? ? ? ? ? 2.258 ? ? 
metalc3 metalc ? ? A CYS 46 SG ? ? ? 1_555 C FES . FE2 ? ? A CYS 46 A FES 96 1_555 ? ? ? ? ? ? ? 2.217 ? ? 
metalc4 metalc ? ? A CYS 76 SG ? ? ? 1_555 C FES . FE2 ? ? A CYS 76 A FES 96 1_555 ? ? ? ? ? ? ? 2.259 ? ? 
metalc5 metalc ? ? B CYS 38 SG ? ? ? 1_555 D FES . FE1 ? ? B CYS 38 B FES 96 1_555 ? ? ? ? ? ? ? 2.310 ? ? 
metalc6 metalc ? ? B CYS 43 SG ? ? ? 1_555 D FES . FE1 ? ? B CYS 43 B FES 96 1_555 ? ? ? ? ? ? ? 2.239 ? ? 
metalc7 metalc ? ? B CYS 46 SG ? ? ? 1_555 D FES . FE2 ? ? B CYS 46 B FES 96 1_555 ? ? ? ? ? ? ? 2.256 ? ? 
metalc8 metalc ? ? B CYS 76 SG ? ? ? 1_555 D FES . FE2 ? ? B CYS 76 B FES 96 1_555 ? ? ? ? ? ? ? 2.279 ? ? 
# 
_struct_conn_type.id          metalc 
_struct_conn_type.criteria    ? 
_struct_conn_type.reference   ? 
# 
loop_
_pdbx_struct_conn_angle.id 
_pdbx_struct_conn_angle.ptnr1_label_atom_id 
_pdbx_struct_conn_angle.ptnr1_label_alt_id 
_pdbx_struct_conn_angle.ptnr1_label_asym_id 
_pdbx_struct_conn_angle.ptnr1_label_comp_id 
_pdbx_struct_conn_angle.ptnr1_label_seq_id 
_pdbx_struct_conn_angle.ptnr1_auth_atom_id 
_pdbx_struct_conn_angle.ptnr1_auth_asym_id 
_pdbx_struct_conn_angle.ptnr1_auth_comp_id 
_pdbx_struct_conn_angle.ptnr1_auth_seq_id 
_pdbx_struct_conn_angle.ptnr1_PDB_ins_code 
_pdbx_struct_conn_angle.ptnr1_symmetry 
_pdbx_struct_conn_angle.ptnr2_label_atom_id 
_pdbx_struct_conn_angle.ptnr2_label_alt_id 
_pdbx_struct_conn_angle.ptnr2_label_asym_id 
_pdbx_struct_conn_angle.ptnr2_label_comp_id 
_pdbx_struct_conn_angle.ptnr2_label_seq_id 
_pdbx_struct_conn_angle.ptnr2_auth_atom_id 
_pdbx_struct_conn_angle.ptnr2_auth_asym_id 
_pdbx_struct_conn_angle.ptnr2_auth_comp_id 
_pdbx_struct_conn_angle.ptnr2_auth_seq_id 
_pdbx_struct_conn_angle.ptnr2_PDB_ins_code 
_pdbx_struct_conn_angle.ptnr2_symmetry 
_pdbx_struct_conn_angle.ptnr3_label_atom_id 
_pdbx_struct_conn_angle.ptnr3_label_alt_id 
_pdbx_struct_conn_angle.ptnr3_label_asym_id 
_pdbx_struct_conn_angle.ptnr3_label_comp_id 
_pdbx_struct_conn_angle.ptnr3_label_seq_id 
_pdbx_struct_conn_angle.ptnr3_auth_atom_id 
_pdbx_struct_conn_angle.ptnr3_auth_asym_id 
_pdbx_struct_conn_angle.ptnr3_auth_comp_id 
_pdbx_struct_conn_angle.ptnr3_auth_seq_id 
_pdbx_struct_conn_angle.ptnr3_PDB_ins_code 
_pdbx_struct_conn_angle.ptnr3_symmetry 
_pdbx_struct_conn_angle.value 
_pdbx_struct_conn_angle.value_esd 
1  SG ? A CYS 38 ? A CYS 38 ? 1_555 FE1 ? C FES . ? A FES 96 ? 1_555 S1 ? C FES .  ? A FES 96 ? 1_555 118.4 ? 
2  SG ? A CYS 38 ? A CYS 38 ? 1_555 FE1 ? C FES . ? A FES 96 ? 1_555 S2 ? C FES .  ? A FES 96 ? 1_555 100.8 ? 
3  S1 ? C FES .  ? A FES 96 ? 1_555 FE1 ? C FES . ? A FES 96 ? 1_555 S2 ? C FES .  ? A FES 96 ? 1_555 104.8 ? 
4  SG ? A CYS 38 ? A CYS 38 ? 1_555 FE1 ? C FES . ? A FES 96 ? 1_555 SG ? A CYS 43 ? A CYS 43 ? 1_555 106.4 ? 
5  S1 ? C FES .  ? A FES 96 ? 1_555 FE1 ? C FES . ? A FES 96 ? 1_555 SG ? A CYS 43 ? A CYS 43 ? 1_555 110.7 ? 
6  S2 ? C FES .  ? A FES 96 ? 1_555 FE1 ? C FES . ? A FES 96 ? 1_555 SG ? A CYS 43 ? A CYS 43 ? 1_555 115.8 ? 
7  SG ? A CYS 46 ? A CYS 46 ? 1_555 FE2 ? C FES . ? A FES 96 ? 1_555 S1 ? C FES .  ? A FES 96 ? 1_555 113.4 ? 
8  SG ? A CYS 46 ? A CYS 46 ? 1_555 FE2 ? C FES . ? A FES 96 ? 1_555 S2 ? C FES .  ? A FES 96 ? 1_555 111.4 ? 
9  S1 ? C FES .  ? A FES 96 ? 1_555 FE2 ? C FES . ? A FES 96 ? 1_555 S2 ? C FES .  ? A FES 96 ? 1_555 100.8 ? 
10 SG ? A CYS 46 ? A CYS 46 ? 1_555 FE2 ? C FES . ? A FES 96 ? 1_555 SG ? A CYS 76 ? A CYS 76 ? 1_555 109.7 ? 
11 S1 ? C FES .  ? A FES 96 ? 1_555 FE2 ? C FES . ? A FES 96 ? 1_555 SG ? A CYS 76 ? A CYS 76 ? 1_555 114.4 ? 
12 S2 ? C FES .  ? A FES 96 ? 1_555 FE2 ? C FES . ? A FES 96 ? 1_555 SG ? A CYS 76 ? A CYS 76 ? 1_555 106.7 ? 
13 SG ? B CYS 38 ? B CYS 38 ? 1_555 FE1 ? D FES . ? B FES 96 ? 1_555 S1 ? D FES .  ? B FES 96 ? 1_555 117.3 ? 
14 SG ? B CYS 38 ? B CYS 38 ? 1_555 FE1 ? D FES . ? B FES 96 ? 1_555 S2 ? D FES .  ? B FES 96 ? 1_555 103.7 ? 
15 S1 ? D FES .  ? B FES 96 ? 1_555 FE1 ? D FES . ? B FES 96 ? 1_555 S2 ? D FES .  ? B FES 96 ? 1_555 105.4 ? 
16 SG ? B CYS 38 ? B CYS 38 ? 1_555 FE1 ? D FES . ? B FES 96 ? 1_555 SG ? B CYS 43 ? B CYS 43 ? 1_555 105.9 ? 
17 S1 ? D FES .  ? B FES 96 ? 1_555 FE1 ? D FES . ? B FES 96 ? 1_555 SG ? B CYS 43 ? B CYS 43 ? 1_555 110.0 ? 
18 S2 ? D FES .  ? B FES 96 ? 1_555 FE1 ? D FES . ? B FES 96 ? 1_555 SG ? B CYS 43 ? B CYS 43 ? 1_555 114.7 ? 
19 SG ? B CYS 46 ? B CYS 46 ? 1_555 FE2 ? D FES . ? B FES 96 ? 1_555 S1 ? D FES .  ? B FES 96 ? 1_555 113.9 ? 
20 SG ? B CYS 46 ? B CYS 46 ? 1_555 FE2 ? D FES . ? B FES 96 ? 1_555 S2 ? D FES .  ? B FES 96 ? 1_555 106.8 ? 
21 S1 ? D FES .  ? B FES 96 ? 1_555 FE2 ? D FES . ? B FES 96 ? 1_555 S2 ? D FES .  ? B FES 96 ? 1_555 101.7 ? 
22 SG ? B CYS 46 ? B CYS 46 ? 1_555 FE2 ? D FES . ? B FES 96 ? 1_555 SG ? B CYS 76 ? B CYS 76 ? 1_555 112.2 ? 
23 S1 ? D FES .  ? B FES 96 ? 1_555 FE2 ? D FES . ? B FES 96 ? 1_555 SG ? B CYS 76 ? B CYS 76 ? 1_555 115.9 ? 
24 S2 ? D FES .  ? B FES 96 ? 1_555 FE2 ? D FES . ? B FES 96 ? 1_555 SG ? B CYS 76 ? B CYS 76 ? 1_555 104.9 ? 
# 
loop_
_struct_sheet.id 
_struct_sheet.type 
_struct_sheet.number_strands 
_struct_sheet.details 
A ? 4 ? 
B ? 4 ? 
# 
loop_
_struct_sheet_order.sheet_id 
_struct_sheet_order.range_id_1 
_struct_sheet_order.range_id_2 
_struct_sheet_order.offset 
_struct_sheet_order.sense 
A 1 2 ? anti-parallel 
A 2 3 ? parallel      
A 3 4 ? anti-parallel 
B 1 2 ? anti-parallel 
B 2 3 ? parallel      
B 3 4 ? anti-parallel 
# 
loop_
_struct_sheet_range.sheet_id 
_struct_sheet_range.id 
_struct_sheet_range.beg_label_comp_id 
_struct_sheet_range.beg_label_asym_id 
_struct_sheet_range.beg_label_seq_id 
_struct_sheet_range.pdbx_beg_PDB_ins_code 
_struct_sheet_range.end_label_comp_id 
_struct_sheet_range.end_label_asym_id 
_struct_sheet_range.end_label_seq_id 
_struct_sheet_range.pdbx_end_PDB_ins_code 
_struct_sheet_range.beg_auth_comp_id 
_struct_sheet_range.beg_auth_asym_id 
_struct_sheet_range.beg_auth_seq_id 
_struct_sheet_range.end_auth_comp_id 
_struct_sheet_range.end_auth_asym_id 
_struct_sheet_range.end_auth_seq_id 
A 1 GLY A 11 ? VAL A 17 ? GLY A 11 VAL A 17 
A 2 TYR A 2  ? THR A 8  ? TYR A 2  THR A 8  
A 3 ASP A 83 ? GLU A 87 ? ASP A 83 GLU A 87 
A 4 LYS A 49 ? VAL A 51 ? LYS A 49 VAL A 51 
B 1 GLY B 11 ? VAL B 17 ? GLY B 11 VAL B 17 
B 2 TYR B 2  ? THR B 8  ? TYR B 2  THR B 8  
B 3 ASP B 83 ? GLU B 87 ? ASP B 83 GLU B 87 
B 4 LYS B 49 ? VAL B 51 ? LYS B 49 VAL B 51 
# 
loop_
_pdbx_struct_sheet_hbond.sheet_id 
_pdbx_struct_sheet_hbond.range_id_1 
_pdbx_struct_sheet_hbond.range_id_2 
_pdbx_struct_sheet_hbond.range_1_label_atom_id 
_pdbx_struct_sheet_hbond.range_1_label_comp_id 
_pdbx_struct_sheet_hbond.range_1_label_asym_id 
_pdbx_struct_sheet_hbond.range_1_label_seq_id 
_pdbx_struct_sheet_hbond.range_1_PDB_ins_code 
_pdbx_struct_sheet_hbond.range_1_auth_atom_id 
_pdbx_struct_sheet_hbond.range_1_auth_comp_id 
_pdbx_struct_sheet_hbond.range_1_auth_asym_id 
_pdbx_struct_sheet_hbond.range_1_auth_seq_id 
_pdbx_struct_sheet_hbond.range_2_label_atom_id 
_pdbx_struct_sheet_hbond.range_2_label_comp_id 
_pdbx_struct_sheet_hbond.range_2_label_asym_id 
_pdbx_struct_sheet_hbond.range_2_label_seq_id 
_pdbx_struct_sheet_hbond.range_2_PDB_ins_code 
_pdbx_struct_sheet_hbond.range_2_auth_atom_id 
_pdbx_struct_sheet_hbond.range_2_auth_comp_id 
_pdbx_struct_sheet_hbond.range_2_auth_asym_id 
_pdbx_struct_sheet_hbond.range_2_auth_seq_id 
A 1 2 N PHE A 13 ? N PHE A 13 O LEU A 6  ? O LEU A 6  
A 2 3 O VAL A 5  ? O VAL A 5  N ILE A 86 ? N ILE A 86 
A 3 4 N GLU A 87 ? N GLU A 87 O LYS A 49 ? O LYS A 49 
B 1 2 N PHE B 13 ? N PHE B 13 O LEU B 6  ? O LEU B 6  
B 2 3 O VAL B 5  ? O VAL B 5  N ILE B 86 ? N ILE B 86 
B 3 4 N GLU B 87 ? N GLU B 87 O LYS B 49 ? O LYS B 49 
# 
loop_
_struct_site.id 
_struct_site.pdbx_evidence_code 
_struct_site.pdbx_auth_asym_id 
_struct_site.pdbx_auth_comp_id 
_struct_site.pdbx_auth_seq_id 
_struct_site.pdbx_auth_ins_code 
_struct_site.pdbx_num_residues 
_struct_site.details 
AC1 Software A FES 96 ? 8 'BINDING SITE FOR RESIDUE FES A 96' 
AC2 Software B FES 96 ? 8 'BINDING SITE FOR RESIDUE FES B 96' 
# 
loop_
_struct_site_gen.id 
_struct_site_gen.site_id 
_struct_site_gen.pdbx_num_res 
_struct_site_gen.label_comp_id 
_struct_site_gen.label_asym_id 
_struct_site_gen.label_seq_id 
_struct_site_gen.pdbx_auth_ins_code 
_struct_site_gen.auth_comp_id 
_struct_site_gen.auth_asym_id 
_struct_site_gen.auth_seq_id 
_struct_site_gen.label_atom_id 
_struct_site_gen.label_alt_id 
_struct_site_gen.symmetry 
_struct_site_gen.details 
1  AC1 8 SER A 37 ? SER A 37 . ? 1_555 ? 
2  AC1 8 CYS A 38 ? CYS A 38 . ? 1_555 ? 
3  AC1 8 ARG A 39 ? ARG A 39 . ? 1_555 ? 
4  AC1 8 GLY A 41 ? GLY A 41 . ? 1_555 ? 
5  AC1 8 ALA A 42 ? ALA A 42 . ? 1_555 ? 
6  AC1 8 CYS A 43 ? CYS A 43 . ? 1_555 ? 
7  AC1 8 CYS A 46 ? CYS A 46 . ? 1_555 ? 
8  AC1 8 CYS A 76 ? CYS A 76 . ? 1_555 ? 
9  AC2 8 SER B 37 ? SER B 37 . ? 1_555 ? 
10 AC2 8 CYS B 38 ? CYS B 38 . ? 1_555 ? 
11 AC2 8 ARG B 39 ? ARG B 39 . ? 1_555 ? 
12 AC2 8 GLY B 41 ? GLY B 41 . ? 1_555 ? 
13 AC2 8 ALA B 42 ? ALA B 42 . ? 1_555 ? 
14 AC2 8 CYS B 43 ? CYS B 43 . ? 1_555 ? 
15 AC2 8 CYS B 46 ? CYS B 46 . ? 1_555 ? 
16 AC2 8 CYS B 76 ? CYS B 76 . ? 1_555 ? 
# 
_pdbx_validate_close_contact.id               1 
_pdbx_validate_close_contact.PDB_model_num    1 
_pdbx_validate_close_contact.auth_atom_id_1   O 
_pdbx_validate_close_contact.auth_asym_id_1   A 
_pdbx_validate_close_contact.auth_comp_id_1   ALA 
_pdbx_validate_close_contact.auth_seq_id_1    1 
_pdbx_validate_close_contact.PDB_ins_code_1   ? 
_pdbx_validate_close_contact.label_alt_id_1   ? 
_pdbx_validate_close_contact.auth_atom_id_2   OD1 
_pdbx_validate_close_contact.auth_asym_id_2   A 
_pdbx_validate_close_contact.auth_comp_id_2   ASP 
_pdbx_validate_close_contact.auth_seq_id_2    16 
_pdbx_validate_close_contact.PDB_ins_code_2   ? 
_pdbx_validate_close_contact.label_alt_id_2   ? 
_pdbx_validate_close_contact.dist             1.97 
# 
_pdbx_validate_symm_contact.id                1 
_pdbx_validate_symm_contact.PDB_model_num     1 
_pdbx_validate_symm_contact.auth_atom_id_1    O 
_pdbx_validate_symm_contact.auth_asym_id_1    A 
_pdbx_validate_symm_contact.auth_comp_id_1    HOH 
_pdbx_validate_symm_contact.auth_seq_id_1     157 
_pdbx_validate_symm_contact.PDB_ins_code_1    ? 
_pdbx_validate_symm_contact.label_alt_id_1    ? 
_pdbx_validate_symm_contact.site_symmetry_1   1_555 
_pdbx_validate_symm_contact.auth_atom_id_2    O 
_pdbx_validate_symm_contact.auth_asym_id_2    B 
_pdbx_validate_symm_contact.auth_comp_id_2    HOH 
_pdbx_validate_symm_contact.auth_seq_id_2     137 
_pdbx_validate_symm_contact.PDB_ins_code_2    ? 
_pdbx_validate_symm_contact.label_alt_id_2    ? 
_pdbx_validate_symm_contact.site_symmetry_2   1_645 
_pdbx_validate_symm_contact.dist              1.62 
# 
_pdbx_validate_rmsd_bond.id                        1 
_pdbx_validate_rmsd_bond.PDB_model_num             1 
_pdbx_validate_rmsd_bond.auth_atom_id_1            CD 
_pdbx_validate_rmsd_bond.auth_asym_id_1            A 
_pdbx_validate_rmsd_bond.auth_comp_id_1            GLU 
_pdbx_validate_rmsd_bond.auth_seq_id_1             81 
_pdbx_validate_rmsd_bond.PDB_ins_code_1            ? 
_pdbx_validate_rmsd_bond.label_alt_id_1            ? 
_pdbx_validate_rmsd_bond.auth_atom_id_2            OE2 
_pdbx_validate_rmsd_bond.auth_asym_id_2            A 
_pdbx_validate_rmsd_bond.auth_comp_id_2            GLU 
_pdbx_validate_rmsd_bond.auth_seq_id_2             81 
_pdbx_validate_rmsd_bond.PDB_ins_code_2            ? 
_pdbx_validate_rmsd_bond.label_alt_id_2            ? 
_pdbx_validate_rmsd_bond.bond_value                1.182 
_pdbx_validate_rmsd_bond.bond_target_value         1.252 
_pdbx_validate_rmsd_bond.bond_deviation            -0.070 
_pdbx_validate_rmsd_bond.bond_standard_deviation   0.011 
_pdbx_validate_rmsd_bond.linker_flag               N 
# 
loop_
_pdbx_validate_rmsd_angle.id 
_pdbx_validate_rmsd_angle.PDB_model_num 
_pdbx_validate_rmsd_angle.auth_atom_id_1 
_pdbx_validate_rmsd_angle.auth_asym_id_1 
_pdbx_validate_rmsd_angle.auth_comp_id_1 
_pdbx_validate_rmsd_angle.auth_seq_id_1 
_pdbx_validate_rmsd_angle.PDB_ins_code_1 
_pdbx_validate_rmsd_angle.label_alt_id_1 
_pdbx_validate_rmsd_angle.auth_atom_id_2 
_pdbx_validate_rmsd_angle.auth_asym_id_2 
_pdbx_validate_rmsd_angle.auth_comp_id_2 
_pdbx_validate_rmsd_angle.auth_seq_id_2 
_pdbx_validate_rmsd_angle.PDB_ins_code_2 
_pdbx_validate_rmsd_angle.label_alt_id_2 
_pdbx_validate_rmsd_angle.auth_atom_id_3 
_pdbx_validate_rmsd_angle.auth_asym_id_3 
_pdbx_validate_rmsd_angle.auth_comp_id_3 
_pdbx_validate_rmsd_angle.auth_seq_id_3 
_pdbx_validate_rmsd_angle.PDB_ins_code_3 
_pdbx_validate_rmsd_angle.label_alt_id_3 
_pdbx_validate_rmsd_angle.angle_value 
_pdbx_validate_rmsd_angle.angle_target_value 
_pdbx_validate_rmsd_angle.angle_deviation 
_pdbx_validate_rmsd_angle.angle_standard_deviation 
_pdbx_validate_rmsd_angle.linker_flag 
1 1 CB A ASP 16 ? ? CA A ASP 16 ? ? C   A ASP 16 ? ? 125.34 110.40 14.94  2.00 N 
2 1 CB A ASP 56 ? ? CG A ASP 56 ? ? OD2 A ASP 56 ? ? 109.91 118.30 -8.39  0.90 N 
3 1 CB A ASP 65 ? ? CG A ASP 65 ? ? OD2 A ASP 65 ? ? 111.15 118.30 -7.15  0.90 N 
4 1 CB A ASP 83 ? ? CG A ASP 83 ? ? OD1 A ASP 83 ? ? 123.70 118.30 5.40   0.90 N 
5 1 CB A LEU 84 ? ? CA A LEU 84 ? ? C   A LEU 84 ? ? 98.23  110.20 -11.97 1.90 N 
6 1 CB B TYR 2  ? ? CG B TYR 2  ? ? CD2 B TYR 2  ? ? 116.61 121.00 -4.39  0.60 N 
7 1 CB B ASP 56 ? ? CG B ASP 56 ? ? OD1 B ASP 56 ? ? 125.87 118.30 7.57   0.90 N 
8 1 CB B ASP 56 ? ? CG B ASP 56 ? ? OD2 B ASP 56 ? ? 109.29 118.30 -9.01  0.90 N 
9 1 CA B GLU 92 ? ? CB B GLU 92 ? ? CG  B GLU 92 ? ? 127.65 113.40 14.25  2.20 N 
# 
loop_
_pdbx_validate_torsion.id 
_pdbx_validate_torsion.PDB_model_num 
_pdbx_validate_torsion.auth_comp_id 
_pdbx_validate_torsion.auth_asym_id 
_pdbx_validate_torsion.auth_seq_id 
_pdbx_validate_torsion.PDB_ins_code 
_pdbx_validate_torsion.label_alt_id 
_pdbx_validate_torsion.phi 
_pdbx_validate_torsion.psi 
1 1 SER A 37 ? ? -145.03 -73.79 
2 1 GLU A 92 ? ? -62.74  12.44  
3 1 GLU A 93 ? ? -160.87 93.78  
4 1 LEU A 94 ? ? 100.59  19.82  
5 1 SER B 37 ? ? -144.57 -83.90 
6 1 GLU B 92 ? ? -69.10  40.17  
7 1 GLU B 93 ? ? -168.03 -79.75 
# 
loop_
_chem_comp_atom.comp_id 
_chem_comp_atom.atom_id 
_chem_comp_atom.type_symbol 
_chem_comp_atom.pdbx_aromatic_flag 
_chem_comp_atom.pdbx_stereo_config 
_chem_comp_atom.pdbx_ordinal 
ALA N    N  N N 1   
ALA CA   C  N S 2   
ALA C    C  N N 3   
ALA O    O  N N 4   
ALA CB   C  N N 5   
ALA OXT  O  N N 6   
ALA H    H  N N 7   
ALA H2   H  N N 8   
ALA HA   H  N N 9   
ALA HB1  H  N N 10  
ALA HB2  H  N N 11  
ALA HB3  H  N N 12  
ALA HXT  H  N N 13  
ARG N    N  N N 14  
ARG CA   C  N S 15  
ARG C    C  N N 16  
ARG O    O  N N 17  
ARG CB   C  N N 18  
ARG CG   C  N N 19  
ARG CD   C  N N 20  
ARG NE   N  N N 21  
ARG CZ   C  N N 22  
ARG NH1  N  N N 23  
ARG NH2  N  N N 24  
ARG OXT  O  N N 25  
ARG H    H  N N 26  
ARG H2   H  N N 27  
ARG HA   H  N N 28  
ARG HB2  H  N N 29  
ARG HB3  H  N N 30  
ARG HG2  H  N N 31  
ARG HG3  H  N N 32  
ARG HD2  H  N N 33  
ARG HD3  H  N N 34  
ARG HE   H  N N 35  
ARG HH11 H  N N 36  
ARG HH12 H  N N 37  
ARG HH21 H  N N 38  
ARG HH22 H  N N 39  
ARG HXT  H  N N 40  
ASP N    N  N N 41  
ASP CA   C  N S 42  
ASP C    C  N N 43  
ASP O    O  N N 44  
ASP CB   C  N N 45  
ASP CG   C  N N 46  
ASP OD1  O  N N 47  
ASP OD2  O  N N 48  
ASP OXT  O  N N 49  
ASP H    H  N N 50  
ASP H2   H  N N 51  
ASP HA   H  N N 52  
ASP HB2  H  N N 53  
ASP HB3  H  N N 54  
ASP HD2  H  N N 55  
ASP HXT  H  N N 56  
CYS N    N  N N 57  
CYS CA   C  N R 58  
CYS C    C  N N 59  
CYS O    O  N N 60  
CYS CB   C  N N 61  
CYS SG   S  N N 62  
CYS OXT  O  N N 63  
CYS H    H  N N 64  
CYS H2   H  N N 65  
CYS HA   H  N N 66  
CYS HB2  H  N N 67  
CYS HB3  H  N N 68  
CYS HG   H  N N 69  
CYS HXT  H  N N 70  
FES FE1  FE N N 71  
FES FE2  FE N N 72  
FES S1   S  N N 73  
FES S2   S  N N 74  
GLN N    N  N N 75  
GLN CA   C  N S 76  
GLN C    C  N N 77  
GLN O    O  N N 78  
GLN CB   C  N N 79  
GLN CG   C  N N 80  
GLN CD   C  N N 81  
GLN OE1  O  N N 82  
GLN NE2  N  N N 83  
GLN OXT  O  N N 84  
GLN H    H  N N 85  
GLN H2   H  N N 86  
GLN HA   H  N N 87  
GLN HB2  H  N N 88  
GLN HB3  H  N N 89  
GLN HG2  H  N N 90  
GLN HG3  H  N N 91  
GLN HE21 H  N N 92  
GLN HE22 H  N N 93  
GLN HXT  H  N N 94  
GLU N    N  N N 95  
GLU CA   C  N S 96  
GLU C    C  N N 97  
GLU O    O  N N 98  
GLU CB   C  N N 99  
GLU CG   C  N N 100 
GLU CD   C  N N 101 
GLU OE1  O  N N 102 
GLU OE2  O  N N 103 
GLU OXT  O  N N 104 
GLU H    H  N N 105 
GLU H2   H  N N 106 
GLU HA   H  N N 107 
GLU HB2  H  N N 108 
GLU HB3  H  N N 109 
GLU HG2  H  N N 110 
GLU HG3  H  N N 111 
GLU HE2  H  N N 112 
GLU HXT  H  N N 113 
GLY N    N  N N 114 
GLY CA   C  N N 115 
GLY C    C  N N 116 
GLY O    O  N N 117 
GLY OXT  O  N N 118 
GLY H    H  N N 119 
GLY H2   H  N N 120 
GLY HA2  H  N N 121 
GLY HA3  H  N N 122 
GLY HXT  H  N N 123 
HIS N    N  N N 124 
HIS CA   C  N S 125 
HIS C    C  N N 126 
HIS O    O  N N 127 
HIS CB   C  N N 128 
HIS CG   C  Y N 129 
HIS ND1  N  Y N 130 
HIS CD2  C  Y N 131 
HIS CE1  C  Y N 132 
HIS NE2  N  Y N 133 
HIS OXT  O  N N 134 
HIS H    H  N N 135 
HIS H2   H  N N 136 
HIS HA   H  N N 137 
HIS HB2  H  N N 138 
HIS HB3  H  N N 139 
HIS HD1  H  N N 140 
HIS HD2  H  N N 141 
HIS HE1  H  N N 142 
HIS HE2  H  N N 143 
HIS HXT  H  N N 144 
HOH O    O  N N 145 
HOH H1   H  N N 146 
HOH H2   H  N N 147 
ILE N    N  N N 148 
ILE CA   C  N S 149 
ILE C    C  N N 150 
ILE O    O  N N 151 
ILE CB   C  N S 152 
ILE CG1  C  N N 153 
ILE CG2  C  N N 154 
ILE CD1  C  N N 155 
ILE OXT  O  N N 156 
ILE H    H  N N 157 
ILE H2   H  N N 158 
ILE HA   H  N N 159 
ILE HB   H  N N 160 
ILE HG12 H  N N 161 
ILE HG13 H  N N 162 
ILE HG21 H  N N 163 
ILE HG22 H  N N 164 
ILE HG23 H  N N 165 
ILE HD11 H  N N 166 
ILE HD12 H  N N 167 
ILE HD13 H  N N 168 
ILE HXT  H  N N 169 
LEU N    N  N N 170 
LEU CA   C  N S 171 
LEU C    C  N N 172 
LEU O    O  N N 173 
LEU CB   C  N N 174 
LEU CG   C  N N 175 
LEU CD1  C  N N 176 
LEU CD2  C  N N 177 
LEU OXT  O  N N 178 
LEU H    H  N N 179 
LEU H2   H  N N 180 
LEU HA   H  N N 181 
LEU HB2  H  N N 182 
LEU HB3  H  N N 183 
LEU HG   H  N N 184 
LEU HD11 H  N N 185 
LEU HD12 H  N N 186 
LEU HD13 H  N N 187 
LEU HD21 H  N N 188 
LEU HD22 H  N N 189 
LEU HD23 H  N N 190 
LEU HXT  H  N N 191 
LYS N    N  N N 192 
LYS CA   C  N S 193 
LYS C    C  N N 194 
LYS O    O  N N 195 
LYS CB   C  N N 196 
LYS CG   C  N N 197 
LYS CD   C  N N 198 
LYS CE   C  N N 199 
LYS NZ   N  N N 200 
LYS OXT  O  N N 201 
LYS H    H  N N 202 
LYS H2   H  N N 203 
LYS HA   H  N N 204 
LYS HB2  H  N N 205 
LYS HB3  H  N N 206 
LYS HG2  H  N N 207 
LYS HG3  H  N N 208 
LYS HD2  H  N N 209 
LYS HD3  H  N N 210 
LYS HE2  H  N N 211 
LYS HE3  H  N N 212 
LYS HZ1  H  N N 213 
LYS HZ2  H  N N 214 
LYS HZ3  H  N N 215 
LYS HXT  H  N N 216 
MET N    N  N N 217 
MET CA   C  N S 218 
MET C    C  N N 219 
MET O    O  N N 220 
MET CB   C  N N 221 
MET CG   C  N N 222 
MET SD   S  N N 223 
MET CE   C  N N 224 
MET OXT  O  N N 225 
MET H    H  N N 226 
MET H2   H  N N 227 
MET HA   H  N N 228 
MET HB2  H  N N 229 
MET HB3  H  N N 230 
MET HG2  H  N N 231 
MET HG3  H  N N 232 
MET HE1  H  N N 233 
MET HE2  H  N N 234 
MET HE3  H  N N 235 
MET HXT  H  N N 236 
PHE N    N  N N 237 
PHE CA   C  N S 238 
PHE C    C  N N 239 
PHE O    O  N N 240 
PHE CB   C  N N 241 
PHE CG   C  Y N 242 
PHE CD1  C  Y N 243 
PHE CD2  C  Y N 244 
PHE CE1  C  Y N 245 
PHE CE2  C  Y N 246 
PHE CZ   C  Y N 247 
PHE OXT  O  N N 248 
PHE H    H  N N 249 
PHE H2   H  N N 250 
PHE HA   H  N N 251 
PHE HB2  H  N N 252 
PHE HB3  H  N N 253 
PHE HD1  H  N N 254 
PHE HD2  H  N N 255 
PHE HE1  H  N N 256 
PHE HE2  H  N N 257 
PHE HZ   H  N N 258 
PHE HXT  H  N N 259 
PRO N    N  N N 260 
PRO CA   C  N S 261 
PRO C    C  N N 262 
PRO O    O  N N 263 
PRO CB   C  N N 264 
PRO CG   C  N N 265 
PRO CD   C  N N 266 
PRO OXT  O  N N 267 
PRO H    H  N N 268 
PRO HA   H  N N 269 
PRO HB2  H  N N 270 
PRO HB3  H  N N 271 
PRO HG2  H  N N 272 
PRO HG3  H  N N 273 
PRO HD2  H  N N 274 
PRO HD3  H  N N 275 
PRO HXT  H  N N 276 
SER N    N  N N 277 
SER CA   C  N S 278 
SER C    C  N N 279 
SER O    O  N N 280 
SER CB   C  N N 281 
SER OG   O  N N 282 
SER OXT  O  N N 283 
SER H    H  N N 284 
SER H2   H  N N 285 
SER HA   H  N N 286 
SER HB2  H  N N 287 
SER HB3  H  N N 288 
SER HG   H  N N 289 
SER HXT  H  N N 290 
THR N    N  N N 291 
THR CA   C  N S 292 
THR C    C  N N 293 
THR O    O  N N 294 
THR CB   C  N R 295 
THR OG1  O  N N 296 
THR CG2  C  N N 297 
THR OXT  O  N N 298 
THR H    H  N N 299 
THR H2   H  N N 300 
THR HA   H  N N 301 
THR HB   H  N N 302 
THR HG1  H  N N 303 
THR HG21 H  N N 304 
THR HG22 H  N N 305 
THR HG23 H  N N 306 
THR HXT  H  N N 307 
TYR N    N  N N 308 
TYR CA   C  N S 309 
TYR C    C  N N 310 
TYR O    O  N N 311 
TYR CB   C  N N 312 
TYR CG   C  Y N 313 
TYR CD1  C  Y N 314 
TYR CD2  C  Y N 315 
TYR CE1  C  Y N 316 
TYR CE2  C  Y N 317 
TYR CZ   C  Y N 318 
TYR OH   O  N N 319 
TYR OXT  O  N N 320 
TYR H    H  N N 321 
TYR H2   H  N N 322 
TYR HA   H  N N 323 
TYR HB2  H  N N 324 
TYR HB3  H  N N 325 
TYR HD1  H  N N 326 
TYR HD2  H  N N 327 
TYR HE1  H  N N 328 
TYR HE2  H  N N 329 
TYR HH   H  N N 330 
TYR HXT  H  N N 331 
VAL N    N  N N 332 
VAL CA   C  N S 333 
VAL C    C  N N 334 
VAL O    O  N N 335 
VAL CB   C  N N 336 
VAL CG1  C  N N 337 
VAL CG2  C  N N 338 
VAL OXT  O  N N 339 
VAL H    H  N N 340 
VAL H2   H  N N 341 
VAL HA   H  N N 342 
VAL HB   H  N N 343 
VAL HG11 H  N N 344 
VAL HG12 H  N N 345 
VAL HG13 H  N N 346 
VAL HG21 H  N N 347 
VAL HG22 H  N N 348 
VAL HG23 H  N N 349 
VAL HXT  H  N N 350 
# 
loop_
_chem_comp_bond.comp_id 
_chem_comp_bond.atom_id_1 
_chem_comp_bond.atom_id_2 
_chem_comp_bond.value_order 
_chem_comp_bond.pdbx_aromatic_flag 
_chem_comp_bond.pdbx_stereo_config 
_chem_comp_bond.pdbx_ordinal 
ALA N   CA   sing N N 1   
ALA N   H    sing N N 2   
ALA N   H2   sing N N 3   
ALA CA  C    sing N N 4   
ALA CA  CB   sing N N 5   
ALA CA  HA   sing N N 6   
ALA C   O    doub N N 7   
ALA C   OXT  sing N N 8   
ALA CB  HB1  sing N N 9   
ALA CB  HB2  sing N N 10  
ALA CB  HB3  sing N N 11  
ALA OXT HXT  sing N N 12  
ARG N   CA   sing N N 13  
ARG N   H    sing N N 14  
ARG N   H2   sing N N 15  
ARG CA  C    sing N N 16  
ARG CA  CB   sing N N 17  
ARG CA  HA   sing N N 18  
ARG C   O    doub N N 19  
ARG C   OXT  sing N N 20  
ARG CB  CG   sing N N 21  
ARG CB  HB2  sing N N 22  
ARG CB  HB3  sing N N 23  
ARG CG  CD   sing N N 24  
ARG CG  HG2  sing N N 25  
ARG CG  HG3  sing N N 26  
ARG CD  NE   sing N N 27  
ARG CD  HD2  sing N N 28  
ARG CD  HD3  sing N N 29  
ARG NE  CZ   sing N N 30  
ARG NE  HE   sing N N 31  
ARG CZ  NH1  sing N N 32  
ARG CZ  NH2  doub N N 33  
ARG NH1 HH11 sing N N 34  
ARG NH1 HH12 sing N N 35  
ARG NH2 HH21 sing N N 36  
ARG NH2 HH22 sing N N 37  
ARG OXT HXT  sing N N 38  
ASP N   CA   sing N N 39  
ASP N   H    sing N N 40  
ASP N   H2   sing N N 41  
ASP CA  C    sing N N 42  
ASP CA  CB   sing N N 43  
ASP CA  HA   sing N N 44  
ASP C   O    doub N N 45  
ASP C   OXT  sing N N 46  
ASP CB  CG   sing N N 47  
ASP CB  HB2  sing N N 48  
ASP CB  HB3  sing N N 49  
ASP CG  OD1  doub N N 50  
ASP CG  OD2  sing N N 51  
ASP OD2 HD2  sing N N 52  
ASP OXT HXT  sing N N 53  
CYS N   CA   sing N N 54  
CYS N   H    sing N N 55  
CYS N   H2   sing N N 56  
CYS CA  C    sing N N 57  
CYS CA  CB   sing N N 58  
CYS CA  HA   sing N N 59  
CYS C   O    doub N N 60  
CYS C   OXT  sing N N 61  
CYS CB  SG   sing N N 62  
CYS CB  HB2  sing N N 63  
CYS CB  HB3  sing N N 64  
CYS SG  HG   sing N N 65  
CYS OXT HXT  sing N N 66  
FES FE1 S1   sing N N 67  
FES FE1 S2   sing N N 68  
FES FE2 S1   sing N N 69  
FES FE2 S2   sing N N 70  
GLN N   CA   sing N N 71  
GLN N   H    sing N N 72  
GLN N   H2   sing N N 73  
GLN CA  C    sing N N 74  
GLN CA  CB   sing N N 75  
GLN CA  HA   sing N N 76  
GLN C   O    doub N N 77  
GLN C   OXT  sing N N 78  
GLN CB  CG   sing N N 79  
GLN CB  HB2  sing N N 80  
GLN CB  HB3  sing N N 81  
GLN CG  CD   sing N N 82  
GLN CG  HG2  sing N N 83  
GLN CG  HG3  sing N N 84  
GLN CD  OE1  doub N N 85  
GLN CD  NE2  sing N N 86  
GLN NE2 HE21 sing N N 87  
GLN NE2 HE22 sing N N 88  
GLN OXT HXT  sing N N 89  
GLU N   CA   sing N N 90  
GLU N   H    sing N N 91  
GLU N   H2   sing N N 92  
GLU CA  C    sing N N 93  
GLU CA  CB   sing N N 94  
GLU CA  HA   sing N N 95  
GLU C   O    doub N N 96  
GLU C   OXT  sing N N 97  
GLU CB  CG   sing N N 98  
GLU CB  HB2  sing N N 99  
GLU CB  HB3  sing N N 100 
GLU CG  CD   sing N N 101 
GLU CG  HG2  sing N N 102 
GLU CG  HG3  sing N N 103 
GLU CD  OE1  doub N N 104 
GLU CD  OE2  sing N N 105 
GLU OE2 HE2  sing N N 106 
GLU OXT HXT  sing N N 107 
GLY N   CA   sing N N 108 
GLY N   H    sing N N 109 
GLY N   H2   sing N N 110 
GLY CA  C    sing N N 111 
GLY CA  HA2  sing N N 112 
GLY CA  HA3  sing N N 113 
GLY C   O    doub N N 114 
GLY C   OXT  sing N N 115 
GLY OXT HXT  sing N N 116 
HIS N   CA   sing N N 117 
HIS N   H    sing N N 118 
HIS N   H2   sing N N 119 
HIS CA  C    sing N N 120 
HIS CA  CB   sing N N 121 
HIS CA  HA   sing N N 122 
HIS C   O    doub N N 123 
HIS C   OXT  sing N N 124 
HIS CB  CG   sing N N 125 
HIS CB  HB2  sing N N 126 
HIS CB  HB3  sing N N 127 
HIS CG  ND1  sing Y N 128 
HIS CG  CD2  doub Y N 129 
HIS ND1 CE1  doub Y N 130 
HIS ND1 HD1  sing N N 131 
HIS CD2 NE2  sing Y N 132 
HIS CD2 HD2  sing N N 133 
HIS CE1 NE2  sing Y N 134 
HIS CE1 HE1  sing N N 135 
HIS NE2 HE2  sing N N 136 
HIS OXT HXT  sing N N 137 
HOH O   H1   sing N N 138 
HOH O   H2   sing N N 139 
ILE N   CA   sing N N 140 
ILE N   H    sing N N 141 
ILE N   H2   sing N N 142 
ILE CA  C    sing N N 143 
ILE CA  CB   sing N N 144 
ILE CA  HA   sing N N 145 
ILE C   O    doub N N 146 
ILE C   OXT  sing N N 147 
ILE CB  CG1  sing N N 148 
ILE CB  CG2  sing N N 149 
ILE CB  HB   sing N N 150 
ILE CG1 CD1  sing N N 151 
ILE CG1 HG12 sing N N 152 
ILE CG1 HG13 sing N N 153 
ILE CG2 HG21 sing N N 154 
ILE CG2 HG22 sing N N 155 
ILE CG2 HG23 sing N N 156 
ILE CD1 HD11 sing N N 157 
ILE CD1 HD12 sing N N 158 
ILE CD1 HD13 sing N N 159 
ILE OXT HXT  sing N N 160 
LEU N   CA   sing N N 161 
LEU N   H    sing N N 162 
LEU N   H2   sing N N 163 
LEU CA  C    sing N N 164 
LEU CA  CB   sing N N 165 
LEU CA  HA   sing N N 166 
LEU C   O    doub N N 167 
LEU C   OXT  sing N N 168 
LEU CB  CG   sing N N 169 
LEU CB  HB2  sing N N 170 
LEU CB  HB3  sing N N 171 
LEU CG  CD1  sing N N 172 
LEU CG  CD2  sing N N 173 
LEU CG  HG   sing N N 174 
LEU CD1 HD11 sing N N 175 
LEU CD1 HD12 sing N N 176 
LEU CD1 HD13 sing N N 177 
LEU CD2 HD21 sing N N 178 
LEU CD2 HD22 sing N N 179 
LEU CD2 HD23 sing N N 180 
LEU OXT HXT  sing N N 181 
LYS N   CA   sing N N 182 
LYS N   H    sing N N 183 
LYS N   H2   sing N N 184 
LYS CA  C    sing N N 185 
LYS CA  CB   sing N N 186 
LYS CA  HA   sing N N 187 
LYS C   O    doub N N 188 
LYS C   OXT  sing N N 189 
LYS CB  CG   sing N N 190 
LYS CB  HB2  sing N N 191 
LYS CB  HB3  sing N N 192 
LYS CG  CD   sing N N 193 
LYS CG  HG2  sing N N 194 
LYS CG  HG3  sing N N 195 
LYS CD  CE   sing N N 196 
LYS CD  HD2  sing N N 197 
LYS CD  HD3  sing N N 198 
LYS CE  NZ   sing N N 199 
LYS CE  HE2  sing N N 200 
LYS CE  HE3  sing N N 201 
LYS NZ  HZ1  sing N N 202 
LYS NZ  HZ2  sing N N 203 
LYS NZ  HZ3  sing N N 204 
LYS OXT HXT  sing N N 205 
MET N   CA   sing N N 206 
MET N   H    sing N N 207 
MET N   H2   sing N N 208 
MET CA  C    sing N N 209 
MET CA  CB   sing N N 210 
MET CA  HA   sing N N 211 
MET C   O    doub N N 212 
MET C   OXT  sing N N 213 
MET CB  CG   sing N N 214 
MET CB  HB2  sing N N 215 
MET CB  HB3  sing N N 216 
MET CG  SD   sing N N 217 
MET CG  HG2  sing N N 218 
MET CG  HG3  sing N N 219 
MET SD  CE   sing N N 220 
MET CE  HE1  sing N N 221 
MET CE  HE2  sing N N 222 
MET CE  HE3  sing N N 223 
MET OXT HXT  sing N N 224 
PHE N   CA   sing N N 225 
PHE N   H    sing N N 226 
PHE N   H2   sing N N 227 
PHE CA  C    sing N N 228 
PHE CA  CB   sing N N 229 
PHE CA  HA   sing N N 230 
PHE C   O    doub N N 231 
PHE C   OXT  sing N N 232 
PHE CB  CG   sing N N 233 
PHE CB  HB2  sing N N 234 
PHE CB  HB3  sing N N 235 
PHE CG  CD1  doub Y N 236 
PHE CG  CD2  sing Y N 237 
PHE CD1 CE1  sing Y N 238 
PHE CD1 HD1  sing N N 239 
PHE CD2 CE2  doub Y N 240 
PHE CD2 HD2  sing N N 241 
PHE CE1 CZ   doub Y N 242 
PHE CE1 HE1  sing N N 243 
PHE CE2 CZ   sing Y N 244 
PHE CE2 HE2  sing N N 245 
PHE CZ  HZ   sing N N 246 
PHE OXT HXT  sing N N 247 
PRO N   CA   sing N N 248 
PRO N   CD   sing N N 249 
PRO N   H    sing N N 250 
PRO CA  C    sing N N 251 
PRO CA  CB   sing N N 252 
PRO CA  HA   sing N N 253 
PRO C   O    doub N N 254 
PRO C   OXT  sing N N 255 
PRO CB  CG   sing N N 256 
PRO CB  HB2  sing N N 257 
PRO CB  HB3  sing N N 258 
PRO CG  CD   sing N N 259 
PRO CG  HG2  sing N N 260 
PRO CG  HG3  sing N N 261 
PRO CD  HD2  sing N N 262 
PRO CD  HD3  sing N N 263 
PRO OXT HXT  sing N N 264 
SER N   CA   sing N N 265 
SER N   H    sing N N 266 
SER N   H2   sing N N 267 
SER CA  C    sing N N 268 
SER CA  CB   sing N N 269 
SER CA  HA   sing N N 270 
SER C   O    doub N N 271 
SER C   OXT  sing N N 272 
SER CB  OG   sing N N 273 
SER CB  HB2  sing N N 274 
SER CB  HB3  sing N N 275 
SER OG  HG   sing N N 276 
SER OXT HXT  sing N N 277 
THR N   CA   sing N N 278 
THR N   H    sing N N 279 
THR N   H2   sing N N 280 
THR CA  C    sing N N 281 
THR CA  CB   sing N N 282 
THR CA  HA   sing N N 283 
THR C   O    doub N N 284 
THR C   OXT  sing N N 285 
THR CB  OG1  sing N N 286 
THR CB  CG2  sing N N 287 
THR CB  HB   sing N N 288 
THR OG1 HG1  sing N N 289 
THR CG2 HG21 sing N N 290 
THR CG2 HG22 sing N N 291 
THR CG2 HG23 sing N N 292 
THR OXT HXT  sing N N 293 
TYR N   CA   sing N N 294 
TYR N   H    sing N N 295 
TYR N   H2   sing N N 296 
TYR CA  C    sing N N 297 
TYR CA  CB   sing N N 298 
TYR CA  HA   sing N N 299 
TYR C   O    doub N N 300 
TYR C   OXT  sing N N 301 
TYR CB  CG   sing N N 302 
TYR CB  HB2  sing N N 303 
TYR CB  HB3  sing N N 304 
TYR CG  CD1  doub Y N 305 
TYR CG  CD2  sing Y N 306 
TYR CD1 CE1  sing Y N 307 
TYR CD1 HD1  sing N N 308 
TYR CD2 CE2  doub Y N 309 
TYR CD2 HD2  sing N N 310 
TYR CE1 CZ   doub Y N 311 
TYR CE1 HE1  sing N N 312 
TYR CE2 CZ   sing Y N 313 
TYR CE2 HE2  sing N N 314 
TYR CZ  OH   sing N N 315 
TYR OH  HH   sing N N 316 
TYR OXT HXT  sing N N 317 
VAL N   CA   sing N N 318 
VAL N   H    sing N N 319 
VAL N   H2   sing N N 320 
VAL CA  C    sing N N 321 
VAL CA  CB   sing N N 322 
VAL CA  HA   sing N N 323 
VAL C   O    doub N N 324 
VAL C   OXT  sing N N 325 
VAL CB  CG1  sing N N 326 
VAL CB  CG2  sing N N 327 
VAL CB  HB   sing N N 328 
VAL CG1 HG11 sing N N 329 
VAL CG1 HG12 sing N N 330 
VAL CG1 HG13 sing N N 331 
VAL CG2 HG21 sing N N 332 
VAL CG2 HG22 sing N N 333 
VAL CG2 HG23 sing N N 334 
VAL OXT HXT  sing N N 335 
# 
_atom_sites.entry_id                    1FRR 
_atom_sites.fract_transf_matrix[1][1]   -0.02693978 
_atom_sites.fract_transf_matrix[1][2]   0.01923012 
_atom_sites.fract_transf_matrix[1][3]   0.00545308 
_atom_sites.fract_transf_matrix[2][1]   0.01022411 
_atom_sites.fract_transf_matrix[2][2]   0.01408055 
_atom_sites.fract_transf_matrix[2][3]   0.00085539 
_atom_sites.fract_transf_matrix[3][1]   0.00120498 
_atom_sites.fract_transf_matrix[3][2]   0.00042697 
_atom_sites.fract_transf_matrix[3][3]   -0.02143090 
_atom_sites.fract_transf_vector[1]      0.250759 
_atom_sites.fract_transf_vector[2]      0.350465 
_atom_sites.fract_transf_vector[3]      0.243096 
# 
loop_
_atom_type.symbol 
C  
FE 
N  
O  
S  
# 
loop_
_atom_site.group_PDB 
_atom_site.id 
_atom_site.type_symbol 
_atom_site.label_atom_id 
_atom_site.label_alt_id 
_atom_site.label_comp_id 
_atom_site.label_asym_id 
_atom_site.label_entity_id 
_atom_site.label_seq_id 
_atom_site.pdbx_PDB_ins_code 
_atom_site.Cartn_x 
_atom_site.Cartn_y 
_atom_site.Cartn_z 
_atom_site.occupancy 
_atom_site.B_iso_or_equiv 
_atom_site.pdbx_formal_charge 
_atom_site.auth_seq_id 
_atom_site.auth_comp_id 
_atom_site.auth_asym_id 
_atom_site.auth_atom_id 
_atom_site.pdbx_PDB_model_num 
ATOM   1    N  N   . ALA A 1 1  ? -1.716  -1.532  -1.568  1.00 47.72  ? 1   ALA A N   1 
ATOM   2    C  CA  . ALA A 1 1  ? -0.826  -1.824  -2.737  1.00 50.58  ? 1   ALA A CA  1 
ATOM   3    C  C   . ALA A 1 1  ? -1.592  -1.684  -4.084  1.00 44.88  ? 1   ALA A C   1 
ATOM   4    O  O   . ALA A 1 1  ? -1.303  -0.713  -4.796  1.00 49.35  ? 1   ALA A O   1 
ATOM   5    C  CB  . ALA A 1 1  ? -0.076  -3.159  -2.583  1.00 51.51  ? 1   ALA A CB  1 
ATOM   6    N  N   . TYR A 1 2  ? -2.519  -2.622  -4.435  1.00 32.94  ? 2   TYR A N   1 
ATOM   7    C  CA  . TYR A 1 2  ? -3.250  -2.512  -5.687  1.00 23.53  ? 2   TYR A CA  1 
ATOM   8    C  C   . TYR A 1 2  ? -4.377  -1.492  -5.497  1.00 22.01  ? 2   TYR A C   1 
ATOM   9    O  O   . TYR A 1 2  ? -5.103  -1.593  -4.513  1.00 18.33  ? 2   TYR A O   1 
ATOM   10   C  CB  . TYR A 1 2  ? -3.979  -3.811  -5.988  1.00 16.52  ? 2   TYR A CB  1 
ATOM   11   C  CG  . TYR A 1 2  ? -3.031  -4.988  -6.144  1.00 16.30  ? 2   TYR A CG  1 
ATOM   12   C  CD1 . TYR A 1 2  ? -2.438  -5.198  -7.421  1.00 14.34  ? 2   TYR A CD1 1 
ATOM   13   C  CD2 . TYR A 1 2  ? -2.784  -5.868  -5.121  1.00 22.30  ? 2   TYR A CD2 1 
ATOM   14   C  CE1 . TYR A 1 2  ? -1.554  -6.256  -7.580  1.00 14.63  ? 2   TYR A CE1 1 
ATOM   15   C  CE2 . TYR A 1 2  ? -1.910  -6.990  -5.281  1.00 25.82  ? 2   TYR A CE2 1 
ATOM   16   C  CZ  . TYR A 1 2  ? -1.307  -7.137  -6.557  1.00 23.12  ? 2   TYR A CZ  1 
ATOM   17   O  OH  . TYR A 1 2  ? -0.420  -8.124  -6.760  1.00 33.09  ? 2   TYR A OH  1 
ATOM   18   N  N   . LYS A 1 3  ? -4.487  -0.644  -6.466  1.00 16.93  ? 3   LYS A N   1 
ATOM   19   C  CA  . LYS A 1 3  ? -5.472  0.429   -6.500  1.00 18.01  ? 3   LYS A CA  1 
ATOM   20   C  C   . LYS A 1 3  ? -6.826  -0.222  -6.496  1.00 18.88  ? 3   LYS A C   1 
ATOM   21   O  O   . LYS A 1 3  ? -7.081  -1.123  -7.322  1.00 14.28  ? 3   LYS A O   1 
ATOM   22   C  CB  . LYS A 1 3  ? -5.328  1.254   -7.783  1.00 23.17  ? 3   LYS A CB  1 
ATOM   23   C  CG  . LYS A 1 3  ? -6.676  1.959   -7.938  1.00 30.64  ? 3   LYS A CG  1 
ATOM   24   C  CD  . LYS A 1 3  ? -6.445  3.392   -8.549  1.00 34.26  ? 3   LYS A CD  1 
ATOM   25   C  CE  . LYS A 1 3  ? -7.614  3.726   -9.448  1.00 33.55  ? 3   LYS A CE  1 
ATOM   26   N  NZ  . LYS A 1 3  ? -7.136  4.853   -10.332 1.00 47.97  ? 3   LYS A NZ  1 
ATOM   27   N  N   . THR A 1 4  ? -7.680  0.125   -5.510  1.00 15.18  ? 4   THR A N   1 
ATOM   28   C  CA  . THR A 1 4  ? -8.986  -0.498  -5.363  1.00 10.89  ? 4   THR A CA  1 
ATOM   29   C  C   . THR A 1 4  ? -10.050 0.620   -5.214  1.00 10.03  ? 4   THR A C   1 
ATOM   30   O  O   . THR A 1 4  ? -9.800  1.451   -4.344  1.00 15.15  ? 4   THR A O   1 
ATOM   31   C  CB  . THR A 1 4  ? -9.045  -1.453  -4.126  1.00 15.59  ? 4   THR A CB  1 
ATOM   32   O  OG1 . THR A 1 4  ? -7.987  -2.425  -4.272  1.00 19.73  ? 4   THR A OG1 1 
ATOM   33   C  CG2 . THR A 1 4  ? -10.460 -2.006  -3.843  1.00 11.35  ? 4   THR A CG2 1 
ATOM   34   N  N   . VAL A 1 5  ? -11.058 0.618   -5.971  1.00 9.98   ? 5   VAL A N   1 
ATOM   35   C  CA  . VAL A 1 5  ? -12.199 1.517   -5.970  1.00 5.33   ? 5   VAL A CA  1 
ATOM   36   C  C   . VAL A 1 5  ? -13.338 0.810   -5.255  1.00 11.82  ? 5   VAL A C   1 
ATOM   37   O  O   . VAL A 1 5  ? -13.791 -0.251  -5.768  1.00 11.62  ? 5   VAL A O   1 
ATOM   38   C  CB  . VAL A 1 5  ? -12.698 1.895   -7.391  1.00 11.03  ? 5   VAL A CB  1 
ATOM   39   C  CG1 . VAL A 1 5  ? -13.874 2.888   -7.343  1.00 12.82  ? 5   VAL A CG1 1 
ATOM   40   C  CG2 . VAL A 1 5  ? -11.543 2.457   -8.247  1.00 11.57  ? 5   VAL A CG2 1 
ATOM   41   N  N   . LEU A 1 6  ? -13.822 1.377   -4.152  1.00 9.47   ? 6   LEU A N   1 
ATOM   42   C  CA  . LEU A 1 6  ? -14.957 0.742   -3.481  1.00 6.86   ? 6   LEU A CA  1 
ATOM   43   C  C   . LEU A 1 6  ? -16.189 1.453   -4.003  1.00 8.91   ? 6   LEU A C   1 
ATOM   44   O  O   . LEU A 1 6  ? -16.113 2.732   -3.740  1.00 9.62   ? 6   LEU A O   1 
ATOM   45   C  CB  . LEU A 1 6  ? -14.873 0.940   -1.932  1.00 7.14   ? 6   LEU A CB  1 
ATOM   46   C  CG  . LEU A 1 6  ? -13.644 0.432   -1.220  1.00 14.80  ? 6   LEU A CG  1 
ATOM   47   C  CD1 . LEU A 1 6  ? -13.495 1.018   0.199   1.00 16.33  ? 6   LEU A CD1 1 
ATOM   48   C  CD2 . LEU A 1 6  ? -13.718 -1.079  -1.207  1.00 19.82  ? 6   LEU A CD2 1 
ATOM   49   N  N   . LYS A 1 7  ? -17.143 0.981   -4.673  1.00 6.76   ? 7   LYS A N   1 
ATOM   50   C  CA  . LYS A 1 7  ? -18.356 1.745   -5.098  1.00 11.05  ? 7   LYS A CA  1 
ATOM   51   C  C   . LYS A 1 7  ? -19.338 1.393   -3.948  1.00 13.98  ? 7   LYS A C   1 
ATOM   52   O  O   . LYS A 1 7  ? -19.878 0.286   -3.814  1.00 7.33   ? 7   LYS A O   1 
ATOM   53   C  CB  . LYS A 1 7  ? -18.926 1.315   -6.399  1.00 14.94  ? 7   LYS A CB  1 
ATOM   54   C  CG  . LYS A 1 7  ? -17.877 1.329   -7.506  1.00 20.99  ? 7   LYS A CG  1 
ATOM   55   C  CD  . LYS A 1 7  ? -18.424 0.594   -8.719  1.00 30.41  ? 7   LYS A CD  1 
ATOM   56   C  CE  . LYS A 1 7  ? -19.333 1.313   -9.688  1.00 28.98  ? 7   LYS A CE  1 
ATOM   57   N  NZ  . LYS A 1 7  ? -18.587 1.907   -10.847 1.00 33.64  ? 7   LYS A NZ  1 
ATOM   58   N  N   . THR A 1 8  ? -19.465 2.352   -3.003  1.00 12.09  ? 8   THR A N   1 
ATOM   59   C  CA  . THR A 1 8  ? -20.346 2.140   -1.844  1.00 13.28  ? 8   THR A CA  1 
ATOM   60   C  C   . THR A 1 8  ? -21.652 2.955   -1.994  1.00 14.48  ? 8   THR A C   1 
ATOM   61   O  O   . THR A 1 8  ? -21.635 3.848   -2.862  1.00 11.66  ? 8   THR A O   1 
ATOM   62   C  CB  . THR A 1 8  ? -19.546 2.474   -0.532  1.00 10.74  ? 8   THR A CB  1 
ATOM   63   O  OG1 . THR A 1 8  ? -19.644 3.955   -0.367  1.00 15.37  ? 8   THR A OG1 1 
ATOM   64   C  CG2 . THR A 1 8  ? -18.080 2.114   -0.456  1.00 13.27  ? 8   THR A CG2 1 
ATOM   65   N  N   . PRO A 1 9  ? -22.684 2.731   -1.170  1.00 16.20  ? 9   PRO A N   1 
ATOM   66   C  CA  . PRO A 1 9  ? -23.910 3.485   -1.270  1.00 13.28  ? 9   PRO A CA  1 
ATOM   67   C  C   . PRO A 1 9  ? -23.672 5.003   -1.040  1.00 13.62  ? 9   PRO A C   1 
ATOM   68   O  O   . PRO A 1 9  ? -24.527 5.790   -1.446  1.00 16.94  ? 9   PRO A O   1 
ATOM   69   C  CB  . PRO A 1 9  ? -24.804 2.999   -0.117  1.00 16.69  ? 9   PRO A CB  1 
ATOM   70   C  CG  . PRO A 1 9  ? -24.268 1.602   0.119   1.00 20.32  ? 9   PRO A CG  1 
ATOM   71   C  CD  . PRO A 1 9  ? -22.762 1.662   -0.169  1.00 14.66  ? 9   PRO A CD  1 
ATOM   72   N  N   . SER A 1 10 ? -22.559 5.369   -0.503  1.00 13.55  ? 10  SER A N   1 
ATOM   73   C  CA  . SER A 1 10 ? -22.255 6.769   -0.272  1.00 19.12  ? 10  SER A CA  1 
ATOM   74   C  C   . SER A 1 10 ? -21.266 7.387   -1.231  1.00 21.43  ? 10  SER A C   1 
ATOM   75   O  O   . SER A 1 10 ? -20.854 8.561   -0.951  1.00 21.85  ? 10  SER A O   1 
ATOM   76   C  CB  . SER A 1 10 ? -21.609 6.851   1.167   1.00 15.66  ? 10  SER A CB  1 
ATOM   77   O  OG  . SER A 1 10 ? -22.679 6.510   2.032   1.00 34.84  ? 10  SER A OG  1 
ATOM   78   N  N   . GLY A 1 11 ? -20.878 6.672   -2.296  1.00 17.82  ? 11  GLY A N   1 
ATOM   79   C  CA  . GLY A 1 11 ? -19.897 7.226   -3.257  1.00 12.43  ? 11  GLY A CA  1 
ATOM   80   C  C   . GLY A 1 11 ? -18.824 6.186   -3.637  1.00 12.34  ? 11  GLY A C   1 
ATOM   81   O  O   . GLY A 1 11 ? -18.799 5.066   -3.051  1.00 12.15  ? 11  GLY A O   1 
ATOM   82   N  N   . GLU A 1 12 ? -17.902 6.634   -4.509  1.00 10.10  ? 12  GLU A N   1 
ATOM   83   C  CA  . GLU A 1 12 ? -16.805 5.793   -4.931  1.00 13.96  ? 12  GLU A CA  1 
ATOM   84   C  C   . GLU A 1 12 ? -15.601 6.220   -4.155  1.00 12.45  ? 12  GLU A C   1 
ATOM   85   O  O   . GLU A 1 12 ? -15.368 7.471   -4.117  1.00 16.46  ? 12  GLU A O   1 
ATOM   86   C  CB  . GLU A 1 12 ? -16.546 5.910   -6.453  1.00 17.35  ? 12  GLU A CB  1 
ATOM   87   C  CG  . GLU A 1 12 ? -17.598 5.306   -7.318  1.00 17.85  ? 12  GLU A CG  1 
ATOM   88   C  CD  . GLU A 1 12 ? -17.293 5.101   -8.752  1.00 29.59  ? 12  GLU A CD  1 
ATOM   89   O  OE1 . GLU A 1 12 ? -16.166 5.091   -9.201  1.00 32.54  ? 12  GLU A OE1 1 
ATOM   90   O  OE2 . GLU A 1 12 ? -18.349 4.917   -9.468  1.00 22.28  ? 12  GLU A OE2 1 
ATOM   91   N  N   . PHE A 1 13 ? -14.821 5.338   -3.615  1.00 11.98  ? 13  PHE A N   1 
ATOM   92   C  CA  . PHE A 1 13 ? -13.626 5.701   -2.840  1.00 13.19  ? 13  PHE A CA  1 
ATOM   93   C  C   . PHE A 1 13 ? -12.424 4.930   -3.348  1.00 13.57  ? 13  PHE A C   1 
ATOM   94   O  O   . PHE A 1 13 ? -12.554 3.742   -3.286  1.00 12.97  ? 13  PHE A O   1 
ATOM   95   C  CB  . PHE A 1 13 ? -13.894 5.519   -1.319  1.00 13.17  ? 13  PHE A CB  1 
ATOM   96   C  CG  . PHE A 1 13 ? -14.937 6.458   -0.799  1.00 10.34  ? 13  PHE A CG  1 
ATOM   97   C  CD1 . PHE A 1 13 ? -14.569 7.726   -0.334  1.00 16.52  ? 13  PHE A CD1 1 
ATOM   98   C  CD2 . PHE A 1 13 ? -16.308 6.031   -0.746  1.00 19.58  ? 13  PHE A CD2 1 
ATOM   99   C  CE1 . PHE A 1 13 ? -15.544 8.617   0.142   1.00 13.52  ? 13  PHE A CE1 1 
ATOM   100  C  CE2 . PHE A 1 13 ? -17.283 6.922   -0.269  1.00 17.36  ? 13  PHE A CE2 1 
ATOM   101  C  CZ  . PHE A 1 13 ? -16.890 8.171   0.198   1.00 17.92  ? 13  PHE A CZ  1 
ATOM   102  N  N   . THR A 1 14 ? -11.352 5.594   -3.695  1.00 12.53  ? 14  THR A N   1 
ATOM   103  C  CA  . THR A 1 14 ? -10.178 4.770   -4.159  1.00 14.96  ? 14  THR A CA  1 
ATOM   104  C  C   . THR A 1 14 ? -9.201  4.557   -2.988  1.00 15.75  ? 14  THR A C   1 
ATOM   105  O  O   . THR A 1 14 ? -8.890  5.564   -2.250  1.00 19.04  ? 14  THR A O   1 
ATOM   106  C  CB  . THR A 1 14 ? -9.404  5.556   -5.313  1.00 12.58  ? 14  THR A CB  1 
ATOM   107  O  OG1 . THR A 1 14 ? -10.290 5.415   -6.438  1.00 18.67  ? 14  THR A OG1 1 
ATOM   108  C  CG2 . THR A 1 14 ? -8.038  4.932   -5.529  1.00 14.88  ? 14  THR A CG2 1 
ATOM   109  N  N   . LEU A 1 15 ? -8.654  3.372   -2.888  1.00 14.39  ? 15  LEU A N   1 
ATOM   110  C  CA  . LEU A 1 15 ? -7.639  3.137   -1.808  1.00 16.63  ? 15  LEU A CA  1 
ATOM   111  C  C   . LEU A 1 15 ? -6.643  2.171   -2.472  1.00 19.06  ? 15  LEU A C   1 
ATOM   112  O  O   . LEU A 1 15 ? -6.901  1.640   -3.524  1.00 18.88  ? 15  LEU A O   1 
ATOM   113  C  CB  . LEU A 1 15 ? -8.293  2.681   -0.501  1.00 28.40  ? 15  LEU A CB  1 
ATOM   114  C  CG  . LEU A 1 15 ? -9.105  1.483   -0.291  1.00 23.46  ? 15  LEU A CG  1 
ATOM   115  C  CD1 . LEU A 1 15 ? -9.765  1.524   1.072   1.00 27.84  ? 15  LEU A CD1 1 
ATOM   116  C  CD2 . LEU A 1 15 ? -10.180 1.261   -1.336  1.00 25.03  ? 15  LEU A CD2 1 
ATOM   117  N  N   . ASP A 1 16 ? -5.541  2.108   -1.758  1.00 23.34  ? 16  ASP A N   1 
ATOM   118  C  CA  . ASP A 1 16 ? -4.454  1.203   -2.182  1.00 26.33  ? 16  ASP A CA  1 
ATOM   119  C  C   . ASP A 1 16 ? -4.503  0.109   -1.132  1.00 27.49  ? 16  ASP A C   1 
ATOM   120  O  O   . ASP A 1 16 ? -4.359  0.289   0.045   1.00 27.93  ? 16  ASP A O   1 
ATOM   121  C  CB  . ASP A 1 16 ? -3.278  2.139   -2.424  1.00 35.19  ? 16  ASP A CB  1 
ATOM   122  C  CG  . ASP A 1 16 ? -2.690  2.012   -3.840  1.00 44.29  ? 16  ASP A CG  1 
ATOM   123  O  OD1 . ASP A 1 16 ? -2.148  0.924   -4.110  1.00 43.15  ? 16  ASP A OD1 1 
ATOM   124  O  OD2 . ASP A 1 16 ? -2.846  2.953   -4.622  1.00 46.92  ? 16  ASP A OD2 1 
ATOM   125  N  N   . VAL A 1 17 ? -4.779  -1.083  -1.591  1.00 25.28  ? 17  VAL A N   1 
ATOM   126  C  CA  . VAL A 1 17 ? -4.879  -2.338  -0.783  1.00 21.04  ? 17  VAL A CA  1 
ATOM   127  C  C   . VAL A 1 17 ? -3.536  -3.083  -1.048  1.00 29.23  ? 17  VAL A C   1 
ATOM   128  O  O   . VAL A 1 17 ? -3.273  -3.491  -2.162  1.00 21.55  ? 17  VAL A O   1 
ATOM   129  C  CB  . VAL A 1 17 ? -6.115  -3.119  -1.194  1.00 24.78  ? 17  VAL A CB  1 
ATOM   130  C  CG1 . VAL A 1 17 ? -6.117  -4.509  -0.522  1.00 21.27  ? 17  VAL A CG1 1 
ATOM   131  C  CG2 . VAL A 1 17 ? -7.405  -2.415  -0.879  1.00 27.78  ? 17  VAL A CG2 1 
ATOM   132  N  N   . PRO A 1 18 ? -2.725  -3.240  0.021   1.00 25.65  ? 18  PRO A N   1 
ATOM   133  C  CA  . PRO A 1 18 ? -1.465  -3.933  -0.110  1.00 28.74  ? 18  PRO A CA  1 
ATOM   134  C  C   . PRO A 1 18 ? -1.627  -5.434  -0.382  1.00 24.58  ? 18  PRO A C   1 
ATOM   135  O  O   . PRO A 1 18 ? -2.512  -6.102  0.162   1.00 22.95  ? 18  PRO A O   1 
ATOM   136  C  CB  . PRO A 1 18 ? -0.757  -3.676  1.196   1.00 29.98  ? 18  PRO A CB  1 
ATOM   137  C  CG  . PRO A 1 18 ? -1.877  -3.350  2.212   1.00 30.06  ? 18  PRO A CG  1 
ATOM   138  C  CD  . PRO A 1 18 ? -3.004  -2.765  1.367   1.00 30.70  ? 18  PRO A CD  1 
ATOM   139  N  N   . GLU A 1 19 ? -0.631  -5.896  -1.175  1.00 24.75  ? 19  GLU A N   1 
ATOM   140  C  CA  . GLU A 1 19 ? -0.704  -7.391  -1.395  1.00 21.28  ? 19  GLU A CA  1 
ATOM   141  C  C   . GLU A 1 19 ? -0.756  -8.142  -0.106  1.00 16.35  ? 19  GLU A C   1 
ATOM   142  O  O   . GLU A 1 19 ? -0.005  -7.821  0.829   1.00 17.14  ? 19  GLU A O   1 
ATOM   143  C  CB  . GLU A 1 19 ? 0.602   -7.799  -2.123  1.00 20.89  ? 19  GLU A CB  1 
ATOM   144  C  CG  . GLU A 1 19 ? 0.327   -8.963  -3.048  1.00 32.81  ? 19  GLU A CG  1 
ATOM   145  C  CD  . GLU A 1 19 ? 1.393   -9.324  -4.022  1.00 35.93  ? 19  GLU A CD  1 
ATOM   146  O  OE1 . GLU A 1 19 ? 1.945   -8.277  -4.437  1.00 38.80  ? 19  GLU A OE1 1 
ATOM   147  O  OE2 . GLU A 1 19 ? 1.649   -10.482 -4.358  1.00 44.01  ? 19  GLU A OE2 1 
ATOM   148  N  N   . GLY A 1 20 ? -1.580  -9.187  0.060   1.00 15.81  ? 20  GLY A N   1 
ATOM   149  C  CA  . GLY A 1 20 ? -1.627  -10.007 1.254   1.00 12.88  ? 20  GLY A CA  1 
ATOM   150  C  C   . GLY A 1 20 ? -2.595  -9.367  2.285   1.00 21.79  ? 20  GLY A C   1 
ATOM   151  O  O   . GLY A 1 20 ? -2.783  -10.072 3.287   1.00 22.88  ? 20  GLY A O   1 
ATOM   152  N  N   . THR A 1 21 ? -3.151  -8.233  1.950   1.00 13.11  ? 21  THR A N   1 
ATOM   153  C  CA  . THR A 1 21 ? -4.109  -7.514  2.751   1.00 20.42  ? 21  THR A CA  1 
ATOM   154  C  C   . THR A 1 21 ? -5.552  -7.649  2.341   1.00 17.06  ? 21  THR A C   1 
ATOM   155  O  O   . THR A 1 21 ? -5.837  -7.300  1.164   1.00 16.39  ? 21  THR A O   1 
ATOM   156  C  CB  . THR A 1 21 ? -3.725  -5.950  2.804   1.00 25.71  ? 21  THR A CB  1 
ATOM   157  O  OG1 . THR A 1 21 ? -2.375  -5.967  3.299   1.00 30.65  ? 21  THR A OG1 1 
ATOM   158  C  CG2 . THR A 1 21 ? -4.690  -5.162  3.698   1.00 24.96  ? 21  THR A CG2 1 
ATOM   159  N  N   . THR A 1 22 ? -6.436  -8.058  3.262   1.00 12.81  ? 22  THR A N   1 
ATOM   160  C  CA  . THR A 1 22 ? -7.829  -8.229  2.854   1.00 13.77  ? 22  THR A CA  1 
ATOM   161  C  C   . THR A 1 22 ? -8.427  -6.854  2.567   1.00 10.58  ? 22  THR A C   1 
ATOM   162  O  O   . THR A 1 22 ? -8.023  -5.757  3.079   1.00 12.45  ? 22  THR A O   1 
ATOM   163  C  CB  . THR A 1 22 ? -8.724  -8.989  3.862   1.00 21.70  ? 22  THR A CB  1 
ATOM   164  O  OG1 . THR A 1 22 ? -8.779  -8.022  4.951   1.00 14.95  ? 22  THR A OG1 1 
ATOM   165  C  CG2 . THR A 1 22 ? -8.243  -10.421 4.140   1.00 14.49  ? 22  THR A CG2 1 
ATOM   166  N  N   . ILE A 1 23 ? -9.402  -6.873  1.673   1.00 7.27   ? 23  ILE A N   1 
ATOM   167  C  CA  . ILE A 1 23 ? -10.111 -5.624  1.284   1.00 7.39   ? 23  ILE A CA  1 
ATOM   168  C  C   . ILE A 1 23 ? -10.670 -4.939  2.527   1.00 9.76   ? 23  ILE A C   1 
ATOM   169  O  O   . ILE A 1 23 ? -10.486 -3.730  2.654   1.00 8.46   ? 23  ILE A O   1 
ATOM   170  C  CB  . ILE A 1 23 ? -11.190 -5.840  0.192   1.00 13.94  ? 23  ILE A CB  1 
ATOM   171  C  CG1 . ILE A 1 23 ? -10.628 -6.455  -1.095  1.00 17.25  ? 23  ILE A CG1 1 
ATOM   172  C  CG2 . ILE A 1 23 ? -12.075 -4.614  -0.066  1.00 14.19  ? 23  ILE A CG2 1 
ATOM   173  C  CD1 . ILE A 1 23 ? -11.725 -7.317  -1.827  1.00 16.93  ? 23  ILE A CD1 1 
ATOM   174  N  N   . LEU A 1 24 ? -11.341 -5.713  3.406   1.00 9.94   ? 24  LEU A N   1 
ATOM   175  C  CA  . LEU A 1 24 ? -11.942 -5.138  4.644   1.00 15.52  ? 24  LEU A CA  1 
ATOM   176  C  C   . LEU A 1 24 ? -10.886 -4.463  5.463   1.00 14.15  ? 24  LEU A C   1 
ATOM   177  O  O   . LEU A 1 24 ? -11.131 -3.317  5.892   1.00 10.55  ? 24  LEU A O   1 
ATOM   178  C  CB  . LEU A 1 24 ? -12.668 -6.220  5.421   1.00 8.92   ? 24  LEU A CB  1 
ATOM   179  C  CG  . LEU A 1 24 ? -13.279 -5.787  6.749   1.00 13.23  ? 24  LEU A CG  1 
ATOM   180  C  CD1 . LEU A 1 24 ? -14.380 -4.757  6.474   1.00 14.68  ? 24  LEU A CD1 1 
ATOM   181  C  CD2 . LEU A 1 24 ? -13.921 -6.998  7.482   1.00 13.02  ? 24  LEU A CD2 1 
ATOM   182  N  N   . ASP A 1 25 ? -9.768  -5.147  5.700   1.00 10.44  ? 25  ASP A N   1 
ATOM   183  C  CA  . ASP A 1 25 ? -8.745  -4.519  6.516   1.00 11.48  ? 25  ASP A CA  1 
ATOM   184  C  C   . ASP A 1 25 ? -8.192  -3.186  6.014   1.00 13.01  ? 25  ASP A C   1 
ATOM   185  O  O   . ASP A 1 25 ? -8.046  -2.277  6.833   1.00 15.88  ? 25  ASP A O   1 
ATOM   186  C  CB  . ASP A 1 25 ? -7.571  -5.463  6.843   1.00 24.05  ? 25  ASP A CB  1 
ATOM   187  C  CG  . ASP A 1 25 ? -7.927  -6.539  7.781   1.00 23.89  ? 25  ASP A CG  1 
ATOM   188  O  OD1 . ASP A 1 25 ? -8.905  -6.300  8.524   1.00 31.44  ? 25  ASP A OD1 1 
ATOM   189  O  OD2 . ASP A 1 25 ? -7.258  -7.597  7.845   1.00 37.81  ? 25  ASP A OD2 1 
ATOM   190  N  N   . ALA A 1 26 ? -7.880  -3.124  4.772   1.00 15.74  ? 26  ALA A N   1 
ATOM   191  C  CA  . ALA A 1 26 ? -7.360  -1.900  4.127   1.00 11.12  ? 26  ALA A CA  1 
ATOM   192  C  C   . ALA A 1 26 ? -8.361  -0.822  4.185   1.00 12.93  ? 26  ALA A C   1 
ATOM   193  O  O   . ALA A 1 26 ? -8.040  0.355   4.366   1.00 15.78  ? 26  ALA A O   1 
ATOM   194  C  CB  . ALA A 1 26 ? -6.994  -2.217  2.647   1.00 15.60  ? 26  ALA A CB  1 
ATOM   195  N  N   . ALA A 1 27 ? -9.639  -1.084  3.921   1.00 15.02  ? 27  ALA A N   1 
ATOM   196  C  CA  . ALA A 1 27 ? -10.699 -0.035  3.976   1.00 9.63   ? 27  ALA A CA  1 
ATOM   197  C  C   . ALA A 1 27 ? -10.847 0.556   5.379   1.00 11.68  ? 27  ALA A C   1 
ATOM   198  O  O   . ALA A 1 27 ? -11.063 1.769   5.531   1.00 12.70  ? 27  ALA A O   1 
ATOM   199  C  CB  . ALA A 1 27 ? -11.971 -0.646  3.519   1.00 8.85   ? 27  ALA A CB  1 
ATOM   200  N  N   . GLU A 1 28 ? -10.790 -0.328  6.391   1.00 11.64  ? 28  GLU A N   1 
ATOM   201  C  CA  . GLU A 1 28 ? -10.957 0.134   7.791   1.00 15.67  ? 28  GLU A CA  1 
ATOM   202  C  C   . GLU A 1 28 ? -9.781  1.105   8.156   1.00 20.95  ? 28  GLU A C   1 
ATOM   203  O  O   . GLU A 1 28 ? -9.933  2.172   8.775   1.00 19.95  ? 28  GLU A O   1 
ATOM   204  C  CB  . GLU A 1 28 ? -11.044 -0.999  8.790   1.00 11.29  ? 28  GLU A CB  1 
ATOM   205  C  CG  . GLU A 1 28 ? -12.348 -1.749  8.655   1.00 6.34   ? 28  GLU A CG  1 
ATOM   206  C  CD  . GLU A 1 28 ? -12.450 -2.940  9.605   1.00 10.94  ? 28  GLU A CD  1 
ATOM   207  O  OE1 . GLU A 1 28 ? -11.490 -3.393  10.257  1.00 17.82  ? 28  GLU A OE1 1 
ATOM   208  O  OE2 . GLU A 1 28 ? -13.606 -3.383  9.671   1.00 13.38  ? 28  GLU A OE2 1 
ATOM   209  N  N   . GLU A 1 29 ? -8.611  0.638   7.699   1.00 22.45  ? 29  GLU A N   1 
ATOM   210  C  CA  . GLU A 1 29 ? -7.389  1.377   7.830   1.00 21.26  ? 29  GLU A CA  1 
ATOM   211  C  C   . GLU A 1 29 ? -7.490  2.766   7.199   1.00 21.28  ? 29  GLU A C   1 
ATOM   212  O  O   . GLU A 1 29 ? -6.934  3.749   7.762   1.00 22.03  ? 29  GLU A O   1 
ATOM   213  C  CB  . GLU A 1 29 ? -6.197  0.695   7.136   1.00 27.94  ? 29  GLU A CB  1 
ATOM   214  C  CG  . GLU A 1 29 ? -5.292  -0.157  8.010   1.00 51.07  ? 29  GLU A CG  1 
ATOM   215  C  CD  . GLU A 1 29 ? -3.878  0.382   7.960   1.00 59.90  ? 29  GLU A CD  1 
ATOM   216  O  OE1 . GLU A 1 29 ? -3.840  1.452   8.591   1.00 64.93  ? 29  GLU A OE1 1 
ATOM   217  O  OE2 . GLU A 1 29 ? -2.917  -0.140  7.398   1.00 64.55  ? 29  GLU A OE2 1 
ATOM   218  N  N   . ALA A 1 30 ? -8.099  2.850   6.092   1.00 16.84  ? 30  ALA A N   1 
ATOM   219  C  CA  . ALA A 1 30 ? -8.350  4.074   5.309   1.00 16.43  ? 30  ALA A CA  1 
ATOM   220  C  C   . ALA A 1 30 ? -9.441  4.895   6.011   1.00 19.58  ? 30  ALA A C   1 
ATOM   221  O  O   . ALA A 1 30 ? -9.690  6.027   5.553   1.00 22.47  ? 30  ALA A O   1 
ATOM   222  C  CB  . ALA A 1 30 ? -8.834  3.802   3.877   1.00 18.42  ? 30  ALA A CB  1 
ATOM   223  N  N   . GLY A 1 31 ? -10.108 4.255   6.987   1.00 23.93  ? 31  GLY A N   1 
ATOM   224  C  CA  . GLY A 1 31 ? -11.188 4.999   7.641   1.00 22.19  ? 31  GLY A CA  1 
ATOM   225  C  C   . GLY A 1 31 ? -12.543 4.882   7.050   1.00 22.88  ? 31  GLY A C   1 
ATOM   226  O  O   . GLY A 1 31 ? -13.439 5.728   7.343   1.00 22.05  ? 31  GLY A O   1 
ATOM   227  N  N   . TYR A 1 32 ? -12.786 3.828   6.268   1.00 15.51  ? 32  TYR A N   1 
ATOM   228  C  CA  . TYR A 1 32 ? -14.056 3.581   5.632   1.00 16.64  ? 32  TYR A CA  1 
ATOM   229  C  C   . TYR A 1 32 ? -14.826 2.528   6.455   1.00 11.50  ? 32  TYR A C   1 
ATOM   230  O  O   . TYR A 1 32 ? -14.200 1.745   7.174   1.00 13.81  ? 32  TYR A O   1 
ATOM   231  C  CB  . TYR A 1 32 ? -13.928 3.079   4.183   1.00 21.26  ? 32  TYR A CB  1 
ATOM   232  C  CG  . TYR A 1 32 ? -13.269 4.145   3.308   1.00 23.63  ? 32  TYR A CG  1 
ATOM   233  C  CD1 . TYR A 1 32 ? -13.876 5.379   3.112   1.00 30.27  ? 32  TYR A CD1 1 
ATOM   234  C  CD2 . TYR A 1 32 ? -12.028 3.919   2.720   1.00 25.75  ? 32  TYR A CD2 1 
ATOM   235  C  CE1 . TYR A 1 32 ? -13.242 6.386   2.327   1.00 30.68  ? 32  TYR A CE1 1 
ATOM   236  C  CE2 . TYR A 1 32 ? -11.452 4.898   1.931   1.00 27.47  ? 32  TYR A CE2 1 
ATOM   237  C  CZ  . TYR A 1 32 ? -12.034 6.113   1.736   1.00 28.65  ? 32  TYR A CZ  1 
ATOM   238  O  OH  . TYR A 1 32 ? -11.408 7.057   0.951   1.00 30.93  ? 32  TYR A OH  1 
ATOM   239  N  N   . ASP A 1 33 ? -16.139 2.634   6.383   1.00 13.93  ? 33  ASP A N   1 
ATOM   240  C  CA  . ASP A 1 33 ? -16.950 1.680   7.205   1.00 12.53  ? 33  ASP A CA  1 
ATOM   241  C  C   . ASP A 1 33 ? -17.631 0.668   6.306   1.00 9.12   ? 33  ASP A C   1 
ATOM   242  O  O   . ASP A 1 33 ? -18.557 1.026   5.608   1.00 17.54  ? 33  ASP A O   1 
ATOM   243  C  CB  . ASP A 1 33 ? -17.943 2.493   8.052   1.00 15.75  ? 33  ASP A CB  1 
ATOM   244  C  CG  . ASP A 1 33 ? -17.191 3.304   9.090   1.00 11.67  ? 33  ASP A CG  1 
ATOM   245  O  OD1 . ASP A 1 33 ? -16.436 2.776   9.915   1.00 13.07  ? 33  ASP A OD1 1 
ATOM   246  O  OD2 . ASP A 1 33 ? -17.448 4.555   9.101   1.00 20.50  ? 33  ASP A OD2 1 
ATOM   247  N  N   . LEU A 1 34 ? -17.206 -0.568  6.352   1.00 12.69  ? 34  LEU A N   1 
ATOM   248  C  CA  . LEU A 1 34 ? -17.829 -1.629  5.549   1.00 8.42   ? 34  LEU A CA  1 
ATOM   249  C  C   . LEU A 1 34 ? -18.399 -2.692  6.476   1.00 9.97   ? 34  LEU A C   1 
ATOM   250  O  O   . LEU A 1 34 ? -17.789 -2.915  7.532   1.00 9.17   ? 34  LEU A O   1 
ATOM   251  C  CB  . LEU A 1 34 ? -16.818 -2.235  4.614   1.00 12.29  ? 34  LEU A CB  1 
ATOM   252  C  CG  . LEU A 1 34 ? -16.182 -1.354  3.547   1.00 16.23  ? 34  LEU A CG  1 
ATOM   253  C  CD1 . LEU A 1 34 ? -15.162 -2.261  2.794   1.00 22.35  ? 34  LEU A CD1 1 
ATOM   254  C  CD2 . LEU A 1 34 ? -17.176 -0.857  2.569   1.00 17.72  ? 34  LEU A CD2 1 
ATOM   255  N  N   . PRO A 1 35 ? -19.476 -3.305  6.077   1.00 10.76  ? 35  PRO A N   1 
ATOM   256  C  CA  . PRO A 1 35 ? -20.193 -4.324  6.856   1.00 10.98  ? 35  PRO A CA  1 
ATOM   257  C  C   . PRO A 1 35 ? -19.411 -5.548  7.155   1.00 15.21  ? 35  PRO A C   1 
ATOM   258  O  O   . PRO A 1 35 ? -18.602 -5.943  6.306   1.00 12.81  ? 35  PRO A O   1 
ATOM   259  C  CB  . PRO A 1 35 ? -21.437 -4.651  6.079   1.00 9.96   ? 35  PRO A CB  1 
ATOM   260  C  CG  . PRO A 1 35 ? -21.124 -4.225  4.659   1.00 12.85  ? 35  PRO A CG  1 
ATOM   261  C  CD  . PRO A 1 35 ? -20.214 -3.049  4.827   1.00 10.96  ? 35  PRO A CD  1 
ATOM   262  N  N   . PHE A 1 36 ? -19.669 -6.144  8.342   1.00 11.77  ? 36  PHE A N   1 
ATOM   263  C  CA  . PHE A 1 36 ? -18.989 -7.368  8.683   1.00 11.37  ? 36  PHE A CA  1 
ATOM   264  C  C   . PHE A 1 36 ? -19.546 -7.896  9.994   1.00 15.46  ? 36  PHE A C   1 
ATOM   265  O  O   . PHE A 1 36 ? -20.120 -7.100  10.770  1.00 13.45  ? 36  PHE A O   1 
ATOM   266  C  CB  . PHE A 1 36 ? -17.481 -7.126  8.866   1.00 12.51  ? 36  PHE A CB  1 
ATOM   267  C  CG  . PHE A 1 36 ? -17.151 -6.446  10.111  1.00 12.40  ? 36  PHE A CG  1 
ATOM   268  C  CD1 . PHE A 1 36 ? -16.862 -7.153  11.278  1.00 12.04  ? 36  PHE A CD1 1 
ATOM   269  C  CD2 . PHE A 1 36 ? -16.981 -5.008  10.102  1.00 10.95  ? 36  PHE A CD2 1 
ATOM   270  C  CE1 . PHE A 1 36 ? -16.469 -6.514  12.433  1.00 13.35  ? 36  PHE A CE1 1 
ATOM   271  C  CE2 . PHE A 1 36 ? -16.529 -4.340  11.260  1.00 11.06  ? 36  PHE A CE2 1 
ATOM   272  C  CZ  . PHE A 1 36 ? -16.332 -5.122  12.423  1.00 11.45  ? 36  PHE A CZ  1 
ATOM   273  N  N   . SER A 1 37 ? -19.334 -9.194  10.119  1.00 11.94  ? 37  SER A N   1 
ATOM   274  C  CA  . SER A 1 37 ? -19.801 -9.858  11.433  1.00 14.73  ? 37  SER A CA  1 
ATOM   275  C  C   . SER A 1 37 ? -18.831 -10.940 11.793  1.00 11.58  ? 37  SER A C   1 
ATOM   276  O  O   . SER A 1 37 ? -17.928 -10.579 12.597  1.00 18.82  ? 37  SER A O   1 
ATOM   277  C  CB  . SER A 1 37 ? -21.275 -10.207 11.436  1.00 16.23  ? 37  SER A CB  1 
ATOM   278  O  OG  . SER A 1 37 ? -21.605 -11.343 10.695  1.00 28.81  ? 37  SER A OG  1 
ATOM   279  N  N   . CYS A 1 38 ? -18.769 -12.081 11.166  1.00 16.10  ? 38  CYS A N   1 
ATOM   280  C  CA  . CYS A 1 38 ? -17.823 -13.145 11.525  1.00 17.14  ? 38  CYS A CA  1 
ATOM   281  C  C   . CYS A 1 38 ? -16.398 -12.809 11.146  1.00 16.62  ? 38  CYS A C   1 
ATOM   282  O  O   . CYS A 1 38 ? -15.609 -13.290 11.974  1.00 15.54  ? 38  CYS A O   1 
ATOM   283  C  CB  . CYS A 1 38 ? -18.195 -14.546 10.963  1.00 17.78  ? 38  CYS A CB  1 
ATOM   284  S  SG  . CYS A 1 38 ? -17.870 -14.672 9.161   1.00 15.95  ? 38  CYS A SG  1 
ATOM   285  N  N   . ARG A 1 39 ? -16.136 -12.080 10.056  1.00 17.39  ? 39  ARG A N   1 
ATOM   286  C  CA  . ARG A 1 39 ? -14.720 -11.808 9.674   1.00 14.93  ? 39  ARG A CA  1 
ATOM   287  C  C   . ARG A 1 39 ? -13.849 -12.986 9.326   1.00 22.20  ? 39  ARG A C   1 
ATOM   288  O  O   . ARG A 1 39 ? -12.591 -12.973 9.258   1.00 21.84  ? 39  ARG A O   1 
ATOM   289  C  CB  . ARG A 1 39 ? -13.962 -11.003 10.759  1.00 16.23  ? 39  ARG A CB  1 
ATOM   290  C  CG  . ARG A 1 39 ? -14.152 -9.505  10.591  1.00 19.91  ? 39  ARG A CG  1 
ATOM   291  C  CD  . ARG A 1 39 ? -13.283 -8.700  11.496  1.00 21.06  ? 39  ARG A CD  1 
ATOM   292  N  NE  . ARG A 1 39 ? -12.240 -8.061  10.727  1.00 24.36  ? 39  ARG A NE  1 
ATOM   293  C  CZ  . ARG A 1 39 ? -12.271 -6.810  10.378  1.00 26.74  ? 39  ARG A CZ  1 
ATOM   294  N  NH1 . ARG A 1 39 ? -13.240 -5.987  10.759  1.00 20.50  ? 39  ARG A NH1 1 
ATOM   295  N  NH2 . ARG A 1 39 ? -11.261 -6.294  9.699   1.00 20.11  ? 39  ARG A NH2 1 
ATOM   296  N  N   . ALA A 1 40 ? -14.467 -14.159 9.129   1.00 22.72  ? 40  ALA A N   1 
ATOM   297  C  CA  . ALA A 1 40 ? -13.849 -15.440 8.811   1.00 26.01  ? 40  ALA A CA  1 
ATOM   298  C  C   . ALA A 1 40 ? -14.274 -16.188 7.512   1.00 24.02  ? 40  ALA A C   1 
ATOM   299  O  O   . ALA A 1 40 ? -13.781 -17.317 7.331   1.00 22.74  ? 40  ALA A O   1 
ATOM   300  C  CB  . ALA A 1 40 ? -14.153 -16.356 9.989   1.00 30.22  ? 40  ALA A CB  1 
ATOM   301  N  N   . GLY A 1 41 ? -15.090 -15.549 6.733   1.00 17.69  ? 41  GLY A N   1 
ATOM   302  C  CA  . GLY A 1 41 ? -15.517 -16.157 5.484   1.00 18.14  ? 41  GLY A CA  1 
ATOM   303  C  C   . GLY A 1 41 ? -16.634 -17.128 5.588   1.00 16.45  ? 41  GLY A C   1 
ATOM   304  O  O   . GLY A 1 41 ? -16.699 -17.949 4.681   1.00 16.92  ? 41  GLY A O   1 
ATOM   305  N  N   . ALA A 1 42 ? -17.494 -17.063 6.614   1.00 14.19  ? 42  ALA A N   1 
ATOM   306  C  CA  . ALA A 1 42 ? -18.597 -17.975 6.767   1.00 15.48  ? 42  ALA A CA  1 
ATOM   307  C  C   . ALA A 1 42 ? -19.973 -17.339 6.889   1.00 17.52  ? 42  ALA A C   1 
ATOM   308  O  O   . ALA A 1 42 ? -20.792 -17.991 7.530   1.00 20.24  ? 42  ALA A O   1 
ATOM   309  C  CB  . ALA A 1 42 ? -18.352 -18.730 8.072   1.00 17.19  ? 42  ALA A CB  1 
ATOM   310  N  N   . CYS A 1 43 ? -20.141 -16.118 6.343   1.00 11.11  ? 43  CYS A N   1 
ATOM   311  C  CA  . CYS A 1 43 ? -21.479 -15.504 6.375   1.00 15.01  ? 43  CYS A CA  1 
ATOM   312  C  C   . CYS A 1 43 ? -21.510 -14.625 5.130   1.00 12.70  ? 43  CYS A C   1 
ATOM   313  O  O   . CYS A 1 43 ? -20.623 -14.651 4.293   1.00 14.66  ? 43  CYS A O   1 
ATOM   314  C  CB  . CYS A 1 43 ? -21.672 -14.808 7.730   1.00 11.87  ? 43  CYS A CB  1 
ATOM   315  S  SG  . CYS A 1 43 ? -20.975 -13.190 7.848   1.00 12.67  ? 43  CYS A SG  1 
ATOM   316  N  N   . SER A 1 44 ? -22.538 -13.803 5.042   1.00 13.29  ? 44  SER A N   1 
ATOM   317  C  CA  . SER A 1 44 ? -22.584 -12.917 3.891   1.00 16.22  ? 44  SER A CA  1 
ATOM   318  C  C   . SER A 1 44 ? -22.628 -11.492 4.336   1.00 10.09  ? 44  SER A C   1 
ATOM   319  O  O   . SER A 1 44 ? -23.025 -10.652 3.444   1.00 11.08  ? 44  SER A O   1 
ATOM   320  C  CB  . SER A 1 44 ? -23.819 -13.320 3.067   1.00 21.98  ? 44  SER A CB  1 
ATOM   321  O  OG  . SER A 1 44 ? -25.045 -13.113 3.795   1.00 26.88  ? 44  SER A OG  1 
ATOM   322  N  N   . SER A 1 45 ? -22.276 -11.182 5.529   1.00 10.65  ? 45  SER A N   1 
ATOM   323  C  CA  . SER A 1 45 ? -22.334 -9.752  6.067   1.00 12.98  ? 45  SER A CA  1 
ATOM   324  C  C   . SER A 1 45 ? -21.475 -8.835  5.247   1.00 12.84  ? 45  SER A C   1 
ATOM   325  O  O   . SER A 1 45 ? -21.919 -7.714  4.965   1.00 10.51  ? 45  SER A O   1 
ATOM   326  C  CB  . SER A 1 45 ? -22.069 -9.536  7.533   1.00 10.91  ? 45  SER A CB  1 
ATOM   327  O  OG  . SER A 1 45 ? -22.809 -10.263 8.457   1.00 18.95  ? 45  SER A OG  1 
ATOM   328  N  N   . CYS A 1 46 ? -20.294 -9.315  4.885   1.00 11.66  ? 46  CYS A N   1 
ATOM   329  C  CA  . CYS A 1 46 ? -19.327 -8.483  4.162   1.00 10.11  ? 46  CYS A CA  1 
ATOM   330  C  C   . CYS A 1 46 ? -19.328 -8.671  2.619   1.00 11.58  ? 46  CYS A C   1 
ATOM   331  O  O   . CYS A 1 46 ? -18.317 -8.373  1.981   1.00 10.03  ? 46  CYS A O   1 
ATOM   332  C  CB  . CYS A 1 46 ? -17.948 -8.874  4.652   1.00 5.51   ? 46  CYS A CB  1 
ATOM   333  S  SG  . CYS A 1 46 ? -17.585 -10.595 4.078   1.00 10.72  ? 46  CYS A SG  1 
ATOM   334  N  N   . LEU A 1 47 ? -20.401 -9.138  2.082   1.00 11.36  ? 47  LEU A N   1 
ATOM   335  C  CA  . LEU A 1 47 ? -20.612 -9.395  0.666   1.00 8.95   ? 47  LEU A CA  1 
ATOM   336  C  C   . LEU A 1 47 ? -20.443 -8.189  -0.187  1.00 5.11   ? 47  LEU A C   1 
ATOM   337  O  O   . LEU A 1 47 ? -20.955 -7.126  0.131   1.00 10.47  ? 47  LEU A O   1 
ATOM   338  C  CB  . LEU A 1 47 ? -22.030 -9.914  0.435   1.00 11.63  ? 47  LEU A CB  1 
ATOM   339  C  CG  . LEU A 1 47 ? -22.287 -10.569 -0.899  1.00 12.06  ? 47  LEU A CG  1 
ATOM   340  C  CD1 . LEU A 1 47 ? -21.538 -11.891 -0.976  1.00 9.74   ? 47  LEU A CD1 1 
ATOM   341  C  CD2 . LEU A 1 47 ? -23.801 -10.806 -1.129  1.00 11.76  ? 47  LEU A CD2 1 
ATOM   342  N  N   . GLY A 1 48 ? -19.660 -8.410  -1.222  1.00 10.44  ? 48  GLY A N   1 
ATOM   343  C  CA  . GLY A 1 48 ? -19.392 -7.338  -2.211  1.00 9.26   ? 48  GLY A CA  1 
ATOM   344  C  C   . GLY A 1 48 ? -19.471 -8.048  -3.583  1.00 9.01   ? 48  GLY A C   1 
ATOM   345  O  O   . GLY A 1 48 ? -19.712 -9.286  -3.715  1.00 10.35  ? 48  GLY A O   1 
ATOM   346  N  N   . LYS A 1 49 ? -19.279 -7.273  -4.631  1.00 8.47   ? 49  LYS A N   1 
ATOM   347  C  CA  . LYS A 1 49 ? -19.257 -7.845  -5.993  1.00 11.35  ? 49  LYS A CA  1 
ATOM   348  C  C   . LYS A 1 49 ? -18.082 -7.231  -6.756  1.00 7.58   ? 49  LYS A C   1 
ATOM   349  O  O   . LYS A 1 49 ? -17.894 -6.015  -6.814  1.00 6.87   ? 49  LYS A O   1 
ATOM   350  C  CB  . LYS A 1 49 ? -20.551 -7.646  -6.669  1.00 10.39  ? 49  LYS A CB  1 
ATOM   351  C  CG  . LYS A 1 49 ? -20.689 -8.385  -8.045  1.00 18.63  ? 49  LYS A CG  1 
ATOM   352  C  CD  . LYS A 1 49 ? -22.174 -8.567  -8.319  1.00 26.52  ? 49  LYS A CD  1 
ATOM   353  C  CE  . LYS A 1 49 ? -22.423 -8.865  -9.785  1.00 32.86  ? 49  LYS A CE  1 
ATOM   354  N  NZ  . LYS A 1 49 ? -23.828 -9.326  -9.966  1.00 37.78  ? 49  LYS A NZ  1 
ATOM   355  N  N   . VAL A 1 50 ? -17.278 -8.137  -7.288  1.00 10.14  ? 50  VAL A N   1 
ATOM   356  C  CA  . VAL A 1 50 ? -16.102 -7.664  -8.099  1.00 8.63   ? 50  VAL A CA  1 
ATOM   357  C  C   . VAL A 1 50 ? -16.607 -7.356  -9.474  1.00 12.02  ? 50  VAL A C   1 
ATOM   358  O  O   . VAL A 1 50 ? -17.208 -8.155  -10.178 1.00 13.44  ? 50  VAL A O   1 
ATOM   359  C  CB  . VAL A 1 50 ? -14.994 -8.750  -8.152  1.00 13.24  ? 50  VAL A CB  1 
ATOM   360  C  CG1 . VAL A 1 50 ? -13.734 -8.342  -8.866  1.00 7.91   ? 50  VAL A CG1 1 
ATOM   361  C  CG2 . VAL A 1 50 ? -14.678 -9.278  -6.744  1.00 9.54   ? 50  VAL A CG2 1 
ATOM   362  N  N   . VAL A 1 51 ? -16.320 -6.121  -9.854  1.00 12.59  ? 51  VAL A N   1 
ATOM   363  C  CA  . VAL A 1 51 ? -16.676 -5.570  -11.169 1.00 12.26  ? 51  VAL A CA  1 
ATOM   364  C  C   . VAL A 1 51 ? -15.508 -5.792  -12.135 1.00 11.47  ? 51  VAL A C   1 
ATOM   365  O  O   . VAL A 1 51 ? -15.781 -6.162  -13.278 1.00 9.49   ? 51  VAL A O   1 
ATOM   366  C  CB  . VAL A 1 51 ? -17.041 -4.109  -10.975 1.00 9.69   ? 51  VAL A CB  1 
ATOM   367  C  CG1 . VAL A 1 51 ? -17.101 -3.344  -12.315 1.00 16.10  ? 51  VAL A CG1 1 
ATOM   368  C  CG2 . VAL A 1 51 ? -18.313 -3.872  -10.201 1.00 9.59   ? 51  VAL A CG2 1 
ATOM   369  N  N   . SER A 1 52 ? -14.281 -5.641  -11.736 1.00 13.05  ? 52  SER A N   1 
ATOM   370  C  CA  . SER A 1 52 ? -13.068 -5.829  -12.605 1.00 9.60   ? 52  SER A CA  1 
ATOM   371  C  C   . SER A 1 52 ? -11.901 -6.164  -11.706 1.00 12.96  ? 52  SER A C   1 
ATOM   372  O  O   . SER A 1 52 ? -11.910 -5.731  -10.531 1.00 10.00  ? 52  SER A O   1 
ATOM   373  C  CB  . SER A 1 52 ? -12.904 -4.616  -13.505 1.00 11.44  ? 52  SER A CB  1 
ATOM   374  O  OG  . SER A 1 52 ? -12.594 -3.468  -12.718 1.00 18.46  ? 52  SER A OG  1 
ATOM   375  N  N   . GLY A 1 53 ? -10.927 -6.915  -12.133 1.00 3.89   ? 53  GLY A N   1 
ATOM   376  C  CA  . GLY A 1 53 ? -9.734  -7.330  -11.374 1.00 7.71   ? 53  GLY A CA  1 
ATOM   377  C  C   . GLY A 1 53 ? -10.082 -8.743  -10.862 1.00 7.58   ? 53  GLY A C   1 
ATOM   378  O  O   . GLY A 1 53 ? -11.135 -9.235  -11.210 1.00 9.75   ? 53  GLY A O   1 
ATOM   379  N  N   . SER A 1 54 ? -9.180  -9.301  -10.122 1.00 9.73   ? 54  SER A N   1 
ATOM   380  C  CA  . SER A 1 54 ? -9.367  -10.623 -9.506  1.00 7.81   ? 54  SER A CA  1 
ATOM   381  C  C   . SER A 1 54 ? -8.886  -10.562 -8.078  1.00 8.36   ? 54  SER A C   1 
ATOM   382  O  O   . SER A 1 54 ? -8.079  -9.750  -7.690  1.00 7.90   ? 54  SER A O   1 
ATOM   383  C  CB  . SER A 1 54 ? -8.717  -11.752 -10.378 1.00 7.59   ? 54  SER A CB  1 
ATOM   384  O  OG  . SER A 1 54 ? -7.281  -11.519 -10.340 1.00 13.66  ? 54  SER A OG  1 
ATOM   385  N  N   . VAL A 1 55 ? -9.428  -11.494 -7.287  1.00 11.73  ? 55  VAL A N   1 
ATOM   386  C  CA  . VAL A 1 55 ? -9.106  -11.601 -5.871  1.00 14.05  ? 55  VAL A CA  1 
ATOM   387  C  C   . VAL A 1 55 ? -8.926  -13.099 -5.564  1.00 14.63  ? 55  VAL A C   1 
ATOM   388  O  O   . VAL A 1 55 ? -9.357  -13.946 -6.352  1.00 16.00  ? 55  VAL A O   1 
ATOM   389  C  CB  . VAL A 1 55 ? -10.321 -11.055 -4.995  1.00 5.23   ? 55  VAL A CB  1 
ATOM   390  C  CG1 . VAL A 1 55 ? -10.555 -9.591  -5.259  1.00 7.56   ? 55  VAL A CG1 1 
ATOM   391  C  CG2 . VAL A 1 55 ? -11.542 -11.934 -5.175  1.00 11.66  ? 55  VAL A CG2 1 
ATOM   392  N  N   . ASP A 1 56 ? -8.331  -13.318 -4.415  1.00 15.00  ? 56  ASP A N   1 
ATOM   393  C  CA  . ASP A 1 56 ? -8.137  -14.696 -3.919  1.00 15.11  ? 56  ASP A CA  1 
ATOM   394  C  C   . ASP A 1 56 ? -9.044  -14.750 -2.711  1.00 14.16  ? 56  ASP A C   1 
ATOM   395  O  O   . ASP A 1 56 ? -8.745  -14.032 -1.746  1.00 13.24  ? 56  ASP A O   1 
ATOM   396  C  CB  . ASP A 1 56 ? -6.662  -14.928 -3.700  1.00 18.94  ? 56  ASP A CB  1 
ATOM   397  C  CG  . ASP A 1 56 ? -6.406  -16.158 -2.870  1.00 28.22  ? 56  ASP A CG  1 
ATOM   398  O  OD1 . ASP A 1 56 ? -7.325  -16.998 -2.612  1.00 25.18  ? 56  ASP A OD1 1 
ATOM   399  O  OD2 . ASP A 1 56 ? -5.212  -16.195 -2.524  1.00 33.24  ? 56  ASP A OD2 1 
ATOM   400  N  N   . GLU A 1 57 ? -10.100 -15.544 -2.739  1.00 11.41  ? 57  GLU A N   1 
ATOM   401  C  CA  . GLU A 1 57 ? -11.061 -15.556 -1.580  1.00 13.11  ? 57  GLU A CA  1 
ATOM   402  C  C   . GLU A 1 57 ? -11.183 -16.980 -1.195  1.00 19.33  ? 57  GLU A C   1 
ATOM   403  O  O   . GLU A 1 57 ? -12.281 -17.486 -0.800  1.00 16.06  ? 57  GLU A O   1 
ATOM   404  C  CB  . GLU A 1 57 ? -12.330 -14.897 -1.919  1.00 15.07  ? 57  GLU A CB  1 
ATOM   405  C  CG  . GLU A 1 57 ? -13.135 -15.300 -3.185  1.00 14.70  ? 57  GLU A CG  1 
ATOM   406  C  CD  . GLU A 1 57 ? -14.514 -14.783 -3.393  1.00 21.10  ? 57  GLU A CD  1 
ATOM   407  O  OE1 . GLU A 1 57 ? -15.152 -14.529 -2.303  1.00 18.12  ? 57  GLU A OE1 1 
ATOM   408  O  OE2 . GLU A 1 57 ? -15.052 -14.614 -4.445  1.00 17.60  ? 57  GLU A OE2 1 
ATOM   409  N  N   . SER A 1 58 ? -10.022 -17.603 -1.329  1.00 20.19  ? 58  SER A N   1 
ATOM   410  C  CA  . SER A 1 58 ? -9.832  -19.037 -1.020  1.00 31.49  ? 58  SER A CA  1 
ATOM   411  C  C   . SER A 1 58 ? -10.229 -19.475 0.395   1.00 28.78  ? 58  SER A C   1 
ATOM   412  O  O   . SER A 1 58 ? -10.715 -20.624 0.578   1.00 28.79  ? 58  SER A O   1 
ATOM   413  C  CB  . SER A 1 58 ? -8.442  -19.525 -1.419  1.00 27.75  ? 58  SER A CB  1 
ATOM   414  O  OG  . SER A 1 58 ? -7.381  -18.920 -0.694  1.00 33.27  ? 58  SER A OG  1 
ATOM   415  N  N   . GLU A 1 59 ? -10.126 -18.613 1.351   1.00 30.58  ? 59  GLU A N   1 
ATOM   416  C  CA  . GLU A 1 59 ? -10.491 -18.786 2.728   1.00 32.64  ? 59  GLU A CA  1 
ATOM   417  C  C   . GLU A 1 59 ? -12.021 -18.969 2.964   1.00 29.47  ? 59  GLU A C   1 
ATOM   418  O  O   . GLU A 1 59 ? -12.414 -19.735 3.907   1.00 30.38  ? 59  GLU A O   1 
ATOM   419  C  CB  . GLU A 1 59 ? -10.060 -17.589 3.568   1.00 40.80  ? 59  GLU A CB  1 
ATOM   420  C  CG  . GLU A 1 59 ? -8.561  -17.257 3.566   1.00 61.27  ? 59  GLU A CG  1 
ATOM   421  C  CD  . GLU A 1 59 ? -8.077  -15.842 3.714   1.00 69.06  ? 59  GLU A CD  1 
ATOM   422  O  OE1 . GLU A 1 59 ? -8.672  -14.866 4.121   1.00 78.95  ? 59  GLU A OE1 1 
ATOM   423  O  OE2 . GLU A 1 59 ? -6.898  -15.754 3.363   1.00 79.85  ? 59  GLU A OE2 1 
ATOM   424  N  N   . GLY A 1 60 ? -12.836 -18.329 2.184   1.00 28.24  ? 60  GLY A N   1 
ATOM   425  C  CA  . GLY A 1 60 ? -14.313 -18.400 2.287   1.00 23.50  ? 60  GLY A CA  1 
ATOM   426  C  C   . GLY A 1 60 ? -14.890 -19.750 2.181   1.00 24.42  ? 60  GLY A C   1 
ATOM   427  O  O   . GLY A 1 60 ? -14.404 -20.550 1.352   1.00 25.34  ? 60  GLY A O   1 
ATOM   428  N  N   . SER A 1 61 ? -16.005 -20.047 2.858   1.00 21.86  ? 61  SER A N   1 
ATOM   429  C  CA  . SER A 1 61 ? -16.694 -21.321 2.841   1.00 18.91  ? 61  SER A CA  1 
ATOM   430  C  C   . SER A 1 61 ? -18.208 -21.065 2.714   1.00 26.15  ? 61  SER A C   1 
ATOM   431  O  O   . SER A 1 61 ? -19.042 -22.035 2.928   1.00 28.74  ? 61  SER A O   1 
ATOM   432  C  CB  . SER A 1 61 ? -16.463 -22.133 4.098   1.00 24.90  ? 61  SER A CB  1 
ATOM   433  O  OG  . SER A 1 61 ? -17.053 -21.634 5.288   1.00 28.13  ? 61  SER A OG  1 
ATOM   434  N  N   . PHE A 1 62 ? -18.532 -19.817 2.394   1.00 14.58  ? 62  PHE A N   1 
ATOM   435  C  CA  . PHE A 1 62 ? -19.955 -19.487 2.275   1.00 15.81  ? 62  PHE A CA  1 
ATOM   436  C  C   . PHE A 1 62 ? -20.544 -19.400 0.890   1.00 12.87  ? 62  PHE A C   1 
ATOM   437  O  O   . PHE A 1 62 ? -21.705 -19.823 0.676   1.00 13.05  ? 62  PHE A O   1 
ATOM   438  C  CB  . PHE A 1 62 ? -20.129 -18.128 3.038   1.00 21.12  ? 62  PHE A CB  1 
ATOM   439  C  CG  . PHE A 1 62 ? -21.591 -17.776 3.010   1.00 16.77  ? 62  PHE A CG  1 
ATOM   440  C  CD1 . PHE A 1 62 ? -22.435 -18.284 3.932   1.00 18.27  ? 62  PHE A CD1 1 
ATOM   441  C  CD2 . PHE A 1 62 ? -22.023 -16.905 2.022   1.00 23.57  ? 62  PHE A CD2 1 
ATOM   442  C  CE1 . PHE A 1 62 ? -23.798 -18.003 3.907   1.00 21.73  ? 62  PHE A CE1 1 
ATOM   443  C  CE2 . PHE A 1 62 ? -23.390 -16.617 1.951   1.00 29.75  ? 62  PHE A CE2 1 
ATOM   444  C  CZ  . PHE A 1 62 ? -24.255 -17.114 2.920   1.00 16.32  ? 62  PHE A CZ  1 
ATOM   445  N  N   . LEU A 1 63 ? -19.812 -18.879 -0.085  1.00 9.66   ? 63  LEU A N   1 
ATOM   446  C  CA  . LEU A 1 63 ? -20.388 -18.735 -1.421  1.00 11.39  ? 63  LEU A CA  1 
ATOM   447  C  C   . LEU A 1 63 ? -20.322 -20.009 -2.283  1.00 7.94   ? 63  LEU A C   1 
ATOM   448  O  O   . LEU A 1 63 ? -19.247 -20.650 -2.236  1.00 9.48   ? 63  LEU A O   1 
ATOM   449  C  CB  . LEU A 1 63 ? -19.658 -17.519 -2.102  1.00 7.91   ? 63  LEU A CB  1 
ATOM   450  C  CG  . LEU A 1 63 ? -19.823 -16.159 -1.478  1.00 11.35  ? 63  LEU A CG  1 
ATOM   451  C  CD1 . LEU A 1 63 ? -18.856 -15.186 -2.151  1.00 15.56  ? 63  LEU A CD1 1 
ATOM   452  C  CD2 . LEU A 1 63 ? -21.285 -15.728 -1.598  1.00 14.24  ? 63  LEU A CD2 1 
ATOM   453  N  N   . ASP A 1 64 ? -21.411 -20.240 -3.002  1.00 9.48   ? 64  ASP A N   1 
ATOM   454  C  CA  . ASP A 1 64 ? -21.369 -21.496 -3.865  1.00 9.65   ? 64  ASP A CA  1 
ATOM   455  C  C   . ASP A 1 64 ? -20.602 -21.053 -5.119  1.00 12.60  ? 64  ASP A C   1 
ATOM   456  O  O   . ASP A 1 64 ? -20.297 -19.843 -5.311  1.00 10.97  ? 64  ASP A O   1 
ATOM   457  C  CB  . ASP A 1 64 ? -22.733 -22.134 -3.954  1.00 7.79   ? 64  ASP A CB  1 
ATOM   458  C  CG  . ASP A 1 64 ? -23.448 -21.678 -5.245  1.00 21.42  ? 64  ASP A CG  1 
ATOM   459  O  OD1 . ASP A 1 64 ? -23.660 -20.520 -5.421  1.00 26.46  ? 64  ASP A OD1 1 
ATOM   460  O  OD2 . ASP A 1 64 ? -23.884 -22.518 -6.080  1.00 22.78  ? 64  ASP A OD2 1 
ATOM   461  N  N   . ASP A 1 65 ? -20.246 -21.968 -6.004  1.00 6.95   ? 65  ASP A N   1 
ATOM   462  C  CA  . ASP A 1 65 ? -19.517 -21.643 -7.217  1.00 8.40   ? 65  ASP A CA  1 
ATOM   463  C  C   . ASP A 1 65 ? -20.257 -20.693 -8.172  1.00 7.26   ? 65  ASP A C   1 
ATOM   464  O  O   . ASP A 1 65 ? -19.601 -19.851 -8.818  1.00 13.20  ? 65  ASP A O   1 
ATOM   465  C  CB  . ASP A 1 65 ? -19.149 -22.850 -8.106  1.00 12.77  ? 65  ASP A CB  1 
ATOM   466  C  CG  . ASP A 1 65 ? -18.306 -23.865 -7.333  1.00 14.37  ? 65  ASP A CG  1 
ATOM   467  O  OD1 . ASP A 1 65 ? -17.612 -23.573 -6.402  1.00 9.53   ? 65  ASP A OD1 1 
ATOM   468  O  OD2 . ASP A 1 65 ? -18.420 -25.029 -7.828  1.00 15.56  ? 65  ASP A OD2 1 
ATOM   469  N  N   . GLY A 1 66 ? -21.553 -20.886 -8.202  1.00 8.96   ? 66  GLY A N   1 
ATOM   470  C  CA  . GLY A 1 66 ? -22.288 -19.942 -9.112  1.00 13.27  ? 66  GLY A CA  1 
ATOM   471  C  C   . GLY A 1 66 ? -22.213 -18.537 -8.566  1.00 7.78   ? 66  GLY A C   1 
ATOM   472  O  O   . GLY A 1 66 ? -22.194 -17.511 -9.337  1.00 10.58  ? 66  GLY A O   1 
ATOM   473  N  N   . GLN A 1 67 ? -22.230 -18.464 -7.259  1.00 8.85   ? 67  GLN A N   1 
ATOM   474  C  CA  . GLN A 1 67 ? -22.127 -17.082 -6.665  1.00 13.83  ? 67  GLN A CA  1 
ATOM   475  C  C   . GLN A 1 67 ? -20.791 -16.469 -6.999  1.00 8.43   ? 67  GLN A C   1 
ATOM   476  O  O   . GLN A 1 67 ? -20.729 -15.284 -7.391  1.00 16.15  ? 67  GLN A O   1 
ATOM   477  C  CB  . GLN A 1 67 ? -22.400 -17.119 -5.142  1.00 13.11  ? 67  GLN A CB  1 
ATOM   478  C  CG  . GLN A 1 67 ? -23.876 -17.406 -4.997  1.00 14.76  ? 67  GLN A CG  1 
ATOM   479  C  CD  . GLN A 1 67 ? -24.253 -17.714 -3.578  1.00 15.49  ? 67  GLN A CD  1 
ATOM   480  O  OE1 . GLN A 1 67 ? -23.454 -18.271 -2.798  1.00 18.62  ? 67  GLN A OE1 1 
ATOM   481  N  NE2 . GLN A 1 67 ? -25.468 -17.281 -3.218  1.00 16.49  ? 67  GLN A NE2 1 
ATOM   482  N  N   . MET A 1 68 ? -19.749 -17.234 -6.861  1.00 8.45   ? 68  MET A N   1 
ATOM   483  C  CA  . MET A 1 68 ? -18.399 -16.703 -7.195  1.00 8.86   ? 68  MET A CA  1 
ATOM   484  C  C   . MET A 1 68 ? -18.240 -16.374 -8.673  1.00 14.61  ? 68  MET A C   1 
ATOM   485  O  O   . MET A 1 68 ? -17.572 -15.348 -8.988  1.00 10.89  ? 68  MET A O   1 
ATOM   486  C  CB  . MET A 1 68 ? -17.356 -17.636 -6.642  1.00 13.22  ? 68  MET A CB  1 
ATOM   487  C  CG  . MET A 1 68 ? -17.432 -17.604 -5.105  1.00 21.19  ? 68  MET A CG  1 
ATOM   488  S  SD  . MET A 1 68 ? -15.865 -18.217 -4.376  1.00 24.33  ? 68  MET A SD  1 
ATOM   489  C  CE  . MET A 1 68 ? -16.082 -19.963 -4.610  1.00 28.89  ? 68  MET A CE  1 
ATOM   490  N  N   . GLU A 1 69 ? -18.881 -17.135 -9.517  1.00 15.25  ? 69  GLU A N   1 
ATOM   491  C  CA  . GLU A 1 69 ? -18.814 -16.881 -11.002 1.00 22.60  ? 69  GLU A CA  1 
ATOM   492  C  C   . GLU A 1 69 ? -19.475 -15.527 -11.339 1.00 21.56  ? 69  GLU A C   1 
ATOM   493  O  O   . GLU A 1 69 ? -18.995 -14.757 -12.229 1.00 19.47  ? 69  GLU A O   1 
ATOM   494  C  CB  . GLU A 1 69 ? -19.417 -17.954 -11.850 1.00 31.22  ? 69  GLU A CB  1 
ATOM   495  C  CG  . GLU A 1 69 ? -18.634 -19.304 -11.833 1.00 46.52  ? 69  GLU A CG  1 
ATOM   496  C  CD  . GLU A 1 69 ? -19.130 -20.385 -12.675 1.00 57.46  ? 69  GLU A CD  1 
ATOM   497  O  OE1 . GLU A 1 69 ? -20.335 -20.272 -12.974 1.00 60.02  ? 69  GLU A OE1 1 
ATOM   498  O  OE2 . GLU A 1 69 ? -18.442 -21.362 -12.983 1.00 63.67  ? 69  GLU A OE2 1 
ATOM   499  N  N   . GLU A 1 70 ? -20.528 -15.235 -10.599 1.00 16.47  ? 70  GLU A N   1 
ATOM   500  C  CA  . GLU A 1 70 ? -21.251 -13.996 -10.661 1.00 14.57  ? 70  GLU A CA  1 
ATOM   501  C  C   . GLU A 1 70 ? -20.444 -12.833 -10.220 1.00 18.82  ? 70  GLU A C   1 
ATOM   502  O  O   . GLU A 1 70 ? -20.815 -11.689 -10.590 1.00 25.93  ? 70  GLU A O   1 
ATOM   503  C  CB  . GLU A 1 70 ? -22.563 -14.086 -9.850  1.00 25.89  ? 70  GLU A CB  1 
ATOM   504  C  CG  . GLU A 1 70 ? -23.760 -14.815 -10.446 1.00 35.42  ? 70  GLU A CG  1 
ATOM   505  C  CD  . GLU A 1 70 ? -24.940 -14.868 -9.486  1.00 45.51  ? 70  GLU A CD  1 
ATOM   506  O  OE1 . GLU A 1 70 ? -25.007 -15.523 -8.430  1.00 47.93  ? 70  GLU A OE1 1 
ATOM   507  O  OE2 . GLU A 1 70 ? -25.841 -14.051 -9.847  1.00 50.39  ? 70  GLU A OE2 1 
ATOM   508  N  N   . GLY A 1 71 ? -19.335 -13.042 -9.508  1.00 13.33  ? 71  GLY A N   1 
ATOM   509  C  CA  . GLY A 1 71 ? -18.449 -11.940 -9.016  1.00 12.32  ? 71  GLY A CA  1 
ATOM   510  C  C   . GLY A 1 71 ? -18.691 -11.712 -7.532  1.00 13.84  ? 71  GLY A C   1 
ATOM   511  O  O   . GLY A 1 71 ? -17.969 -10.849 -7.008  1.00 13.02  ? 71  GLY A O   1 
ATOM   512  N  N   . PHE A 1 72 ? -19.563 -12.400 -6.849  1.00 13.51  ? 72  PHE A N   1 
ATOM   513  C  CA  . PHE A 1 72 ? -19.722 -12.161 -5.359  1.00 10.97  ? 72  PHE A CA  1 
ATOM   514  C  C   . PHE A 1 72 ? -18.418 -12.513 -4.640  1.00 12.84  ? 72  PHE A C   1 
ATOM   515  O  O   . PHE A 1 72 ? -17.677 -13.379 -5.082  1.00 14.99  ? 72  PHE A O   1 
ATOM   516  C  CB  . PHE A 1 72 ? -20.890 -12.907 -4.834  1.00 16.00  ? 72  PHE A CB  1 
ATOM   517  C  CG  . PHE A 1 72 ? -22.175 -12.230 -5.312  1.00 20.31  ? 72  PHE A CG  1 
ATOM   518  C  CD1 . PHE A 1 72 ? -22.475 -10.978 -4.790  1.00 15.89  ? 72  PHE A CD1 1 
ATOM   519  C  CD2 . PHE A 1 72 ? -22.963 -12.807 -6.255  1.00 21.25  ? 72  PHE A CD2 1 
ATOM   520  C  CE1 . PHE A 1 72 ? -23.627 -10.326 -5.263  1.00 25.45  ? 72  PHE A CE1 1 
ATOM   521  C  CE2 . PHE A 1 72 ? -24.115 -12.155 -6.726  1.00 28.39  ? 72  PHE A CE2 1 
ATOM   522  C  CZ  . PHE A 1 72 ? -24.440 -10.886 -6.206  1.00 23.65  ? 72  PHE A CZ  1 
ATOM   523  N  N   . VAL A 1 73 ? -18.094 -11.673 -3.625  1.00 10.22  ? 73  VAL A N   1 
ATOM   524  C  CA  . VAL A 1 73 ? -16.841 -11.849 -2.858  1.00 11.99  ? 73  VAL A CA  1 
ATOM   525  C  C   . VAL A 1 73 ? -17.074 -11.558 -1.372  1.00 12.05  ? 73  VAL A C   1 
ATOM   526  O  O   . VAL A 1 73 ? -17.882 -10.708 -1.027  1.00 10.32  ? 73  VAL A O   1 
ATOM   527  C  CB  . VAL A 1 73 ? -15.757 -10.897 -3.431  1.00 7.52   ? 73  VAL A CB  1 
ATOM   528  C  CG1 . VAL A 1 73 ? -16.225 -9.421  -3.428  1.00 8.53   ? 73  VAL A CG1 1 
ATOM   529  C  CG2 . VAL A 1 73 ? -14.446 -10.827 -2.703  1.00 10.57  ? 73  VAL A CG2 1 
ATOM   530  N  N   . LEU A 1 74 ? -16.307 -12.238 -0.502  1.00 10.39  ? 74  LEU A N   1 
ATOM   531  C  CA  . LEU A 1 74 ? -16.398 -12.047 0.943   1.00 10.50  ? 74  LEU A CA  1 
ATOM   532  C  C   . LEU A 1 74 ? -15.183 -11.099 1.216   1.00 9.10   ? 74  LEU A C   1 
ATOM   533  O  O   . LEU A 1 74 ? -14.092 -11.534 1.176   1.00 11.31  ? 74  LEU A O   1 
ATOM   534  C  CB  . LEU A 1 74 ? -16.375 -13.390 1.757   1.00 4.81   ? 74  LEU A CB  1 
ATOM   535  C  CG  . LEU A 1 74 ? -17.468 -14.350 1.397   1.00 14.17  ? 74  LEU A CG  1 
ATOM   536  C  CD1 . LEU A 1 74 ? -17.176 -15.737 2.039   1.00 14.41  ? 74  LEU A CD1 1 
ATOM   537  C  CD2 . LEU A 1 74 ? -18.849 -13.798 1.797   1.00 13.47  ? 74  LEU A CD2 1 
ATOM   538  N  N   . THR A 1 75 ? -15.502 -9.807  1.317   1.00 11.35  ? 75  THR A N   1 
ATOM   539  C  CA  . THR A 1 75 ? -14.449 -8.810  1.537   1.00 8.60   ? 75  THR A CA  1 
ATOM   540  C  C   . THR A 1 75 ? -13.620 -8.992  2.793   1.00 9.38   ? 75  THR A C   1 
ATOM   541  O  O   . THR A 1 75 ? -12.503 -8.526  2.819   1.00 10.92  ? 75  THR A O   1 
ATOM   542  C  CB  . THR A 1 75 ? -15.054 -7.365  1.345   1.00 8.44   ? 75  THR A CB  1 
ATOM   543  O  OG1 . THR A 1 75 ? -15.968 -7.195  2.463   1.00 13.60  ? 75  THR A OG1 1 
ATOM   544  C  CG2 . THR A 1 75 ? -15.675 -7.115  -0.038  1.00 14.16  ? 75  THR A CG2 1 
ATOM   545  N  N   . CYS A 1 76 ? -14.160 -9.728  3.821   1.00 8.73   ? 76  CYS A N   1 
ATOM   546  C  CA  . CYS A 1 76 ? -13.276 -9.874  5.035   1.00 8.46   ? 76  CYS A CA  1 
ATOM   547  C  C   . CYS A 1 76 ? -12.107 -10.783 4.849   1.00 16.80  ? 76  CYS A C   1 
ATOM   548  O  O   . CYS A 1 76 ? -11.127 -10.833 5.649   1.00 13.56  ? 76  CYS A O   1 
ATOM   549  C  CB  . CYS A 1 76 ? -14.195 -10.344 6.187   1.00 10.23  ? 76  CYS A CB  1 
ATOM   550  S  SG  . CYS A 1 76 ? -14.802 -12.020 5.979   1.00 12.68  ? 76  CYS A SG  1 
ATOM   551  N  N   . ILE A 1 77 ? -12.216 -11.561 3.754   1.00 17.24  ? 77  ILE A N   1 
ATOM   552  C  CA  . ILE A 1 77 ? -11.181 -12.579 3.466   1.00 17.35  ? 77  ILE A CA  1 
ATOM   553  C  C   . ILE A 1 77 ? -10.499 -12.498 2.152   1.00 18.04  ? 77  ILE A C   1 
ATOM   554  O  O   . ILE A 1 77 ? -9.449  -13.106 1.966   1.00 16.42  ? 77  ILE A O   1 
ATOM   555  C  CB  . ILE A 1 77 ? -12.036 -13.951 3.529   1.00 18.08  ? 77  ILE A CB  1 
ATOM   556  C  CG1 . ILE A 1 77 ? -11.224 -14.815 4.539   1.00 20.20  ? 77  ILE A CG1 1 
ATOM   557  C  CG2 . ILE A 1 77 ? -12.424 -14.581 2.189   1.00 20.67  ? 77  ILE A CG2 1 
ATOM   558  C  CD1 . ILE A 1 77 ? -11.464 -14.299 5.935   1.00 15.78  ? 77  ILE A CD1 1 
ATOM   559  N  N   . ALA A 1 78 ? -11.070 -11.743 1.248   1.00 15.93  ? 78  ALA A N   1 
ATOM   560  C  CA  . ALA A 1 78 ? -10.491 -11.583 -0.116  1.00 14.42  ? 78  ALA A CA  1 
ATOM   561  C  C   . ALA A 1 78 ? -9.271  -10.692 -0.169  1.00 14.88  ? 78  ALA A C   1 
ATOM   562  O  O   . ALA A 1 78 ? -9.325  -9.618  0.362   1.00 10.63  ? 78  ALA A O   1 
ATOM   563  C  CB  . ALA A 1 78 ? -11.612 -11.069 -1.056  1.00 8.12   ? 78  ALA A CB  1 
ATOM   564  N  N   . ILE A 1 79 ? -8.276  -11.230 -0.871  1.00 17.51  ? 79  ILE A N   1 
ATOM   565  C  CA  . ILE A 1 79 ? -6.980  -10.454 -1.062  1.00 15.57  ? 79  ILE A CA  1 
ATOM   566  C  C   . ILE A 1 79 ? -6.894  -10.211 -2.592  1.00 15.67  ? 79  ILE A C   1 
ATOM   567  O  O   . ILE A 1 79 ? -7.250  -11.112 -3.377  1.00 16.22  ? 79  ILE A O   1 
ATOM   568  C  CB  . ILE A 1 79 ? -5.837  -11.184 -0.360  1.00 28.36  ? 79  ILE A CB  1 
ATOM   569  C  CG1 . ILE A 1 79 ? -6.193  -11.370 1.110   1.00 17.15  ? 79  ILE A CG1 1 
ATOM   570  C  CG2 . ILE A 1 79 ? -4.529  -10.350 -0.503  1.00 32.03  ? 79  ILE A CG2 1 
ATOM   571  C  CD1 . ILE A 1 79 ? -5.417  -12.478 1.878   1.00 37.29  ? 79  ILE A CD1 1 
ATOM   572  N  N   . PRO A 1 80 ? -6.559  -9.011  -2.969  1.00 17.73  ? 80  PRO A N   1 
ATOM   573  C  CA  . PRO A 1 80 ? -6.513  -8.604  -4.359  1.00 16.61  ? 80  PRO A CA  1 
ATOM   574  C  C   . PRO A 1 80 ? -5.278  -9.175  -5.048  1.00 17.03  ? 80  PRO A C   1 
ATOM   575  O  O   . PRO A 1 80 ? -4.199  -9.282  -4.476  1.00 16.60  ? 80  PRO A O   1 
ATOM   576  C  CB  . PRO A 1 80 ? -6.382  -7.066  -4.367  1.00 17.72  ? 80  PRO A CB  1 
ATOM   577  C  CG  . PRO A 1 80 ? -5.791  -6.724  -3.021  1.00 21.59  ? 80  PRO A CG  1 
ATOM   578  C  CD  . PRO A 1 80 ? -6.215  -7.894  -2.088  1.00 19.76  ? 80  PRO A CD  1 
ATOM   579  N  N   . GLU A 1 81 ? -5.507  -9.498  -6.327  1.00 14.41  ? 81  GLU A N   1 
ATOM   580  C  CA  . GLU A 1 81 ? -4.454  -10.071 -7.166  1.00 16.42  ? 81  GLU A CA  1 
ATOM   581  C  C   . GLU A 1 81 ? -4.097  -9.057  -8.246  1.00 15.32  ? 81  GLU A C   1 
ATOM   582  O  O   . GLU A 1 81 ? -3.134  -9.214  -8.987  1.00 14.18  ? 81  GLU A O   1 
ATOM   583  C  CB  . GLU A 1 81 ? -4.899  -11.341 -7.822  1.00 13.88  ? 81  GLU A CB  1 
ATOM   584  C  CG  . GLU A 1 81 ? -5.045  -12.504 -6.827  1.00 18.30  ? 81  GLU A CG  1 
ATOM   585  C  CD  . GLU A 1 81 ? -5.432  -13.744 -7.480  1.00 22.19  ? 81  GLU A CD  1 
ATOM   586  O  OE1 . GLU A 1 81 ? -6.190  -13.491 -8.452  1.00 23.42  ? 81  GLU A OE1 1 
ATOM   587  O  OE2 . GLU A 1 81 ? -5.076  -14.807 -7.108  1.00 31.32  ? 81  GLU A OE2 1 
ATOM   588  N  N   . SER A 1 82 ? -4.951  -8.010  -8.273  1.00 11.40  ? 82  SER A N   1 
ATOM   589  C  CA  . SER A 1 82 ? -4.726  -6.908  -9.218  1.00 7.26   ? 82  SER A CA  1 
ATOM   590  C  C   . SER A 1 82 ? -5.490  -5.673  -8.722  1.00 9.90   ? 82  SER A C   1 
ATOM   591  O  O   . SER A 1 82 ? -6.153  -5.752  -7.688  1.00 10.96  ? 82  SER A O   1 
ATOM   592  C  CB  . SER A 1 82 ? -5.384  -7.341  -10.570 1.00 9.92   ? 82  SER A CB  1 
ATOM   593  O  OG  . SER A 1 82 ? -6.793  -7.382  -10.603 1.00 16.82  ? 82  SER A OG  1 
ATOM   594  N  N   . ASP A 1 83 ? -5.464  -4.715  -9.588  1.00 10.51  ? 83  ASP A N   1 
ATOM   595  C  CA  . ASP A 1 83 ? -6.227  -3.468  -9.327  1.00 8.74   ? 83  ASP A CA  1 
ATOM   596  C  C   . ASP A 1 83 ? -7.690  -4.033  -9.420  1.00 12.34  ? 83  ASP A C   1 
ATOM   597  O  O   . ASP A 1 83 ? -7.997  -4.969  -10.203 1.00 10.34  ? 83  ASP A O   1 
ATOM   598  C  CB  . ASP A 1 83 ? -6.066  -2.387  -10.323 1.00 15.19  ? 83  ASP A CB  1 
ATOM   599  C  CG  . ASP A 1 83 ? -4.821  -1.589  -10.283 1.00 22.11  ? 83  ASP A CG  1 
ATOM   600  O  OD1 . ASP A 1 83 ? -3.972  -1.691  -9.398  1.00 32.66  ? 83  ASP A OD1 1 
ATOM   601  O  OD2 . ASP A 1 83 ? -4.692  -0.773  -11.240 1.00 30.28  ? 83  ASP A OD2 1 
ATOM   602  N  N   . LEU A 1 84 ? -8.560  -3.451  -8.617  1.00 7.85   ? 84  LEU A N   1 
ATOM   603  C  CA  . LEU A 1 84 ? -9.950  -3.868  -8.517  1.00 7.21   ? 84  LEU A CA  1 
ATOM   604  C  C   . LEU A 1 84 ? -10.960 -2.714  -8.411  1.00 9.11   ? 84  LEU A C   1 
ATOM   605  O  O   . LEU A 1 84 ? -10.532 -1.635  -7.900  1.00 7.20   ? 84  LEU A O   1 
ATOM   606  C  CB  . LEU A 1 84 ? -10.087 -4.426  -7.044  1.00 16.28  ? 84  LEU A CB  1 
ATOM   607  C  CG  . LEU A 1 84 ? -9.460  -5.748  -6.801  1.00 18.68  ? 84  LEU A CG  1 
ATOM   608  C  CD1 . LEU A 1 84 ? -9.453  -6.056  -5.313  1.00 28.43  ? 84  LEU A CD1 1 
ATOM   609  C  CD2 . LEU A 1 84 ? -10.215 -6.784  -7.611  1.00 20.88  ? 84  LEU A CD2 1 
ATOM   610  N  N   . VAL A 1 85 ? -12.157 -3.028  -8.811  1.00 8.65   ? 85  VAL A N   1 
ATOM   611  C  CA  . VAL A 1 85 ? -13.365 -2.159  -8.675  1.00 3.15   ? 85  VAL A CA  1 
ATOM   612  C  C   . VAL A 1 85 ? -14.365 -3.179  -8.006  1.00 7.92   ? 85  VAL A C   1 
ATOM   613  O  O   . VAL A 1 85 ? -14.711 -4.246  -8.513  1.00 6.51   ? 85  VAL A O   1 
ATOM   614  C  CB  . VAL A 1 85 ? -13.945 -1.657  -10.004 1.00 8.88   ? 85  VAL A CB  1 
ATOM   615  C  CG1 . VAL A 1 85 ? -15.287 -0.989  -9.647  1.00 7.26   ? 85  VAL A CG1 1 
ATOM   616  C  CG2 . VAL A 1 85 ? -12.978 -0.685  -10.678 1.00 6.82   ? 85  VAL A CG2 1 
ATOM   617  N  N   . ILE A 1 86 ? -14.784 -2.805  -6.809  1.00 8.84   ? 86  ILE A N   1 
ATOM   618  C  CA  . ILE A 1 86 ? -15.698 -3.679  -6.037  1.00 8.98   ? 86  ILE A CA  1 
ATOM   619  C  C   . ILE A 1 86 ? -16.934 -2.954  -5.532  1.00 11.68  ? 86  ILE A C   1 
ATOM   620  O  O   . ILE A 1 86 ? -16.706 -1.881  -4.892  1.00 10.48  ? 86  ILE A O   1 
ATOM   621  C  CB  . ILE A 1 86 ? -14.978 -4.141  -4.699  1.00 14.64  ? 86  ILE A CB  1 
ATOM   622  C  CG1 . ILE A 1 86 ? -13.591 -4.777  -4.960  1.00 19.41  ? 86  ILE A CG1 1 
ATOM   623  C  CG2 . ILE A 1 86 ? -15.828 -5.072  -3.786  1.00 12.97  ? 86  ILE A CG2 1 
ATOM   624  C  CD1 . ILE A 1 86 ? -13.659 -6.265  -5.368  1.00 26.14  ? 86  ILE A CD1 1 
ATOM   625  N  N   . GLU A 1 87 ? -18.080 -3.536  -5.655  1.00 9.41   ? 87  GLU A N   1 
ATOM   626  C  CA  . GLU A 1 87 ? -19.305 -2.964  -5.105  1.00 9.32   ? 87  GLU A CA  1 
ATOM   627  C  C   . GLU A 1 87 ? -19.428 -3.527  -3.724  1.00 9.44   ? 87  GLU A C   1 
ATOM   628  O  O   . GLU A 1 87 ? -19.323 -4.754  -3.463  1.00 8.81   ? 87  GLU A O   1 
ATOM   629  C  CB  . GLU A 1 87 ? -20.500 -3.389  -6.022  1.00 7.17   ? 87  GLU A CB  1 
ATOM   630  C  CG  . GLU A 1 87 ? -20.604 -2.596  -7.318  1.00 17.42  ? 87  GLU A CG  1 
ATOM   631  C  CD  . GLU A 1 87 ? -21.652 -3.052  -8.320  1.00 27.29  ? 87  GLU A CD  1 
ATOM   632  O  OE1 . GLU A 1 87 ? -22.444 -3.926  -7.868  1.00 31.31  ? 87  GLU A OE1 1 
ATOM   633  O  OE2 . GLU A 1 87 ? -21.714 -2.653  -9.481  1.00 27.26  ? 87  GLU A OE2 1 
ATOM   634  N  N   . THR A 1 88 ? -19.636 -2.656  -2.692  1.00 10.17  ? 88  THR A N   1 
ATOM   635  C  CA  . THR A 1 88 ? -19.765 -3.073  -1.308  1.00 8.36   ? 88  THR A CA  1 
ATOM   636  C  C   . THR A 1 88 ? -21.239 -3.024  -0.877  1.00 11.60  ? 88  THR A C   1 
ATOM   637  O  O   . THR A 1 88 ? -22.135 -2.612  -1.618  1.00 10.76  ? 88  THR A O   1 
ATOM   638  C  CB  . THR A 1 88 ? -18.809 -2.187  -0.443  1.00 8.44   ? 88  THR A CB  1 
ATOM   639  O  OG1 . THR A 1 88 ? -19.451 -0.873  -0.360  1.00 10.99  ? 88  THR A OG1 1 
ATOM   640  C  CG2 . THR A 1 88 ? -17.352 -2.000  -1.057  1.00 8.63   ? 88  THR A CG2 1 
ATOM   641  N  N   . HIS A 1 89 ? -21.488 -3.554  0.312   1.00 12.86  ? 89  HIS A N   1 
ATOM   642  C  CA  . HIS A 1 89 ? -22.834 -3.538  0.937   1.00 12.63  ? 89  HIS A CA  1 
ATOM   643  C  C   . HIS A 1 89 ? -23.822 -4.260  0.074   1.00 14.40  ? 89  HIS A C   1 
ATOM   644  O  O   . HIS A 1 89 ? -24.972 -3.839  -0.122  1.00 16.96  ? 89  HIS A O   1 
ATOM   645  C  CB  . HIS A 1 89 ? -23.312 -2.063  1.080   1.00 11.67  ? 89  HIS A CB  1 
ATOM   646  C  CG  . HIS A 1 89 ? -22.487 -1.229  2.029   1.00 10.23  ? 89  HIS A CG  1 
ATOM   647  N  ND1 . HIS A 1 89 ? -21.175 -0.751  1.879   1.00 7.74   ? 89  HIS A ND1 1 
ATOM   648  C  CD2 . HIS A 1 89 ? -22.829 -0.698  3.234   1.00 11.21  ? 89  HIS A CD2 1 
ATOM   649  C  CE1 . HIS A 1 89 ? -20.821 -0.076  2.892   1.00 17.73  ? 89  HIS A CE1 1 
ATOM   650  N  NE2 . HIS A 1 89 ? -21.803 0.016   3.772   1.00 10.45  ? 89  HIS A NE2 1 
ATOM   651  N  N   . LYS A 1 90 ? -23.400 -5.383  -0.485  1.00 13.94  ? 90  LYS A N   1 
ATOM   652  C  CA  . LYS A 1 90 ? -24.221 -6.225  -1.388  1.00 14.86  ? 90  LYS A CA  1 
ATOM   653  C  C   . LYS A 1 90 ? -25.290 -7.119  -0.765  1.00 13.26  ? 90  LYS A C   1 
ATOM   654  O  O   . LYS A 1 90 ? -26.191 -7.556  -1.479  1.00 14.98  ? 90  LYS A O   1 
ATOM   655  C  CB  . LYS A 1 90 ? -23.348 -7.087  -2.289  1.00 12.62  ? 90  LYS A CB  1 
ATOM   656  C  CG  . LYS A 1 90 ? -22.985 -6.283  -3.512  1.00 20.16  ? 90  LYS A CG  1 
ATOM   657  C  CD  . LYS A 1 90 ? -24.018 -6.744  -4.606  1.00 24.09  ? 90  LYS A CD  1 
ATOM   658  C  CE  . LYS A 1 90 ? -24.240 -5.468  -5.433  1.00 24.02  ? 90  LYS A CE  1 
ATOM   659  N  NZ  . LYS A 1 90 ? -24.099 -4.427  -4.378  1.00 30.69  ? 90  LYS A NZ  1 
ATOM   660  N  N   . GLU A 1 91 ? -25.137 -7.381  0.544   1.00 14.60  ? 91  GLU A N   1 
ATOM   661  C  CA  . GLU A 1 91 ? -26.144 -8.252  1.217   1.00 26.80  ? 91  GLU A CA  1 
ATOM   662  C  C   . GLU A 1 91 ? -27.496 -7.557  1.248   1.00 32.38  ? 91  GLU A C   1 
ATOM   663  O  O   . GLU A 1 91 ? -28.588 -8.180  1.174   1.00 35.34  ? 91  GLU A O   1 
ATOM   664  C  CB  . GLU A 1 91 ? -25.590 -8.597  2.594   1.00 23.15  ? 91  GLU A CB  1 
ATOM   665  C  CG  . GLU A 1 91 ? -26.341 -9.660  3.371   1.00 23.71  ? 91  GLU A CG  1 
ATOM   666  C  CD  . GLU A 1 91 ? -25.937 -9.757  4.792   1.00 25.35  ? 91  GLU A CD  1 
ATOM   667  O  OE1 . GLU A 1 91 ? -25.894 -8.692  5.469   1.00 17.07  ? 91  GLU A OE1 1 
ATOM   668  O  OE2 . GLU A 1 91 ? -25.667 -10.901 5.204   1.00 29.49  ? 91  GLU A OE2 1 
ATOM   669  N  N   . GLU A 1 92 ? -27.440 -6.252  1.324   1.00 42.50  ? 92  GLU A N   1 
ATOM   670  C  CA  . GLU A 1 92 ? -28.572 -5.289  1.326   1.00 52.08  ? 92  GLU A CA  1 
ATOM   671  C  C   . GLU A 1 92 ? -29.385 -5.329  0.020   1.00 53.79  ? 92  GLU A C   1 
ATOM   672  O  O   . GLU A 1 92 ? -30.135 -4.409  -0.330  1.00 53.38  ? 92  GLU A O   1 
ATOM   673  C  CB  . GLU A 1 92 ? -28.127 -3.851  1.567   1.00 55.25  ? 92  GLU A CB  1 
ATOM   674  C  CG  . GLU A 1 92 ? -27.753 -3.356  2.951   1.00 65.94  ? 92  GLU A CG  1 
ATOM   675  C  CD  . GLU A 1 92 ? -27.299 -1.916  3.051   1.00 73.49  ? 92  GLU A CD  1 
ATOM   676  O  OE1 . GLU A 1 92 ? -27.127 -1.402  1.905   1.00 75.32  ? 92  GLU A OE1 1 
ATOM   677  O  OE2 . GLU A 1 92 ? -27.107 -1.267  4.102   1.00 75.44  ? 92  GLU A OE2 1 
ATOM   678  N  N   . GLU A 1 93 ? -29.130 -6.321  -0.732  1.00 60.81  ? 93  GLU A N   1 
ATOM   679  C  CA  . GLU A 1 93 ? -29.741 -6.650  -2.033  1.00 69.18  ? 93  GLU A CA  1 
ATOM   680  C  C   . GLU A 1 93 ? -29.434 -8.140  -2.232  1.00 73.92  ? 93  GLU A C   1 
ATOM   681  O  O   . GLU A 1 93 ? -28.251 -8.332  -2.683  1.00 76.46  ? 93  GLU A O   1 
ATOM   682  C  CB  . GLU A 1 93 ? -29.056 -5.805  -3.098  1.00 73.53  ? 93  GLU A CB  1 
ATOM   683  C  CG  . GLU A 1 93 ? -28.489 -4.470  -2.619  1.00 80.80  ? 93  GLU A CG  1 
ATOM   684  C  CD  . GLU A 1 93 ? -27.413 -3.786  -3.385  1.00 84.12  ? 93  GLU A CD  1 
ATOM   685  O  OE1 . GLU A 1 93 ? -27.151 -3.976  -4.541  1.00 85.95  ? 93  GLU A OE1 1 
ATOM   686  O  OE2 . GLU A 1 93 ? -26.782 -2.934  -2.726  1.00 86.36  ? 93  GLU A OE2 1 
ATOM   687  N  N   . LEU A 1 94 ? -30.269 -9.047  -1.877  1.00 76.75  ? 94  LEU A N   1 
ATOM   688  C  CA  . LEU A 1 94 ? -29.952 -10.471 -2.075  1.00 80.90  ? 94  LEU A CA  1 
ATOM   689  C  C   . LEU A 1 94 ? -29.464 -11.188 -0.801  1.00 81.04  ? 94  LEU A C   1 
ATOM   690  O  O   . LEU A 1 94 ? -28.907 -12.295 -0.932  1.00 80.85  ? 94  LEU A O   1 
ATOM   691  C  CB  . LEU A 1 94 ? -28.859 -10.562 -3.134  1.00 86.42  ? 94  LEU A CB  1 
ATOM   692  C  CG  . LEU A 1 94 ? -27.531 -11.192 -2.793  1.00 88.12  ? 94  LEU A CG  1 
ATOM   693  C  CD1 . LEU A 1 94 ? -27.366 -12.552 -3.418  1.00 91.30  ? 94  LEU A CD1 1 
ATOM   694  C  CD2 . LEU A 1 94 ? -26.394 -10.219 -3.176  1.00 91.42  ? 94  LEU A CD2 1 
ATOM   695  N  N   . PHE A 1 95 ? -29.753 -10.623 0.361   1.00 82.83  ? 95  PHE A N   1 
ATOM   696  C  CA  . PHE A 1 95 ? -29.364 -11.126 1.679   1.00 83.96  ? 95  PHE A CA  1 
ATOM   697  C  C   . PHE A 1 95 ? -28.445 -12.356 1.566   1.00 85.91  ? 95  PHE A C   1 
ATOM   698  O  O   . PHE A 1 95 ? -28.710 -13.281 2.419   1.00 88.36  ? 95  PHE A O   1 
ATOM   699  C  CB  . PHE A 1 95 ? -30.552 -11.385 2.587   1.00 73.86  ? 95  PHE A CB  1 
ATOM   700  C  CG  . PHE A 1 95 ? -31.763 -12.185 2.176   1.00 61.51  ? 95  PHE A CG  1 
ATOM   701  C  CD1 . PHE A 1 95 ? -31.813 -13.573 2.239   1.00 58.49  ? 95  PHE A CD1 1 
ATOM   702  C  CD2 . PHE A 1 95 ? -32.881 -11.487 1.707   1.00 62.86  ? 95  PHE A CD2 1 
ATOM   703  C  CE1 . PHE A 1 95 ? -32.962 -14.274 1.786   1.00 38.90  ? 95  PHE A CE1 1 
ATOM   704  C  CE2 . PHE A 1 95 ? -34.050 -12.176 1.301   1.00 55.64  ? 95  PHE A CE2 1 
ATOM   705  C  CZ  . PHE A 1 95 ? -34.041 -13.535 1.368   1.00 53.88  ? 95  PHE A CZ  1 
ATOM   706  O  OXT . PHE A 1 95 ? -27.561 -12.375 0.681   1.00 87.94  ? 95  PHE A OXT 1 
ATOM   707  N  N   . ALA B 1 1  ? 30.038  12.144  -1.844  1.00 32.28  ? 1   ALA B N   1 
ATOM   708  C  CA  . ALA B 1 1  ? 28.758  12.941  -1.993  1.00 35.64  ? 1   ALA B CA  1 
ATOM   709  C  C   . ALA B 1 1  ? 27.947  12.683  -3.257  1.00 32.50  ? 1   ALA B C   1 
ATOM   710  O  O   . ALA B 1 1  ? 28.642  12.457  -4.342  1.00 27.09  ? 1   ALA B O   1 
ATOM   711  C  CB  . ALA B 1 1  ? 29.071  14.405  -1.760  1.00 27.45  ? 1   ALA B CB  1 
ATOM   712  N  N   . TYR B 1 2  ? 26.604  12.799  -3.144  1.00 11.67  ? 2   TYR B N   1 
ATOM   713  C  CA  . TYR B 1 2  ? 25.589  12.606  -4.184  1.00 12.51  ? 2   TYR B CA  1 
ATOM   714  C  C   . TYR B 1 2  ? 24.418  13.593  -4.090  1.00 14.48  ? 2   TYR B C   1 
ATOM   715  O  O   . TYR B 1 2  ? 23.798  13.625  -3.052  1.00 9.70   ? 2   TYR B O   1 
ATOM   716  C  CB  . TYR B 1 2  ? 24.865  11.210  -4.113  1.00 10.06  ? 2   TYR B CB  1 
ATOM   717  C  CG  . TYR B 1 2  ? 25.862  10.075  -4.360  1.00 11.77  ? 2   TYR B CG  1 
ATOM   718  C  CD1 . TYR B 1 2  ? 26.192  9.697   -5.609  1.00 14.03  ? 2   TYR B CD1 1 
ATOM   719  C  CD2 . TYR B 1 2  ? 26.461  9.499   -3.217  1.00 15.94  ? 2   TYR B CD2 1 
ATOM   720  C  CE1 . TYR B 1 2  ? 27.121  8.610   -5.812  1.00 10.81  ? 2   TYR B CE1 1 
ATOM   721  C  CE2 . TYR B 1 2  ? 27.398  8.476   -3.419  1.00 20.97  ? 2   TYR B CE2 1 
ATOM   722  C  CZ  . TYR B 1 2  ? 27.691  8.058   -4.717  1.00 18.15  ? 2   TYR B CZ  1 
ATOM   723  O  OH  . TYR B 1 2  ? 28.603  7.054   -4.919  1.00 26.20  ? 2   TYR B OH  1 
ATOM   724  N  N   . LYS B 1 3  ? 24.090  14.322  -5.168  1.00 8.37   ? 3   LYS B N   1 
ATOM   725  C  CA  . LYS B 1 3  ? 22.960  15.285  -5.165  1.00 10.71  ? 3   LYS B CA  1 
ATOM   726  C  C   . LYS B 1 3  ? 21.655  14.599  -5.159  1.00 6.84   ? 3   LYS B C   1 
ATOM   727  O  O   . LYS B 1 3  ? 21.302  13.768  -5.989  1.00 10.62  ? 3   LYS B O   1 
ATOM   728  C  CB  . LYS B 1 3  ? 23.107  16.243  -6.351  1.00 17.52  ? 3   LYS B CB  1 
ATOM   729  C  CG  . LYS B 1 3  ? 21.966  17.297  -6.535  1.00 31.58  ? 3   LYS B CG  1 
ATOM   730  C  CD  . LYS B 1 3  ? 21.799  17.577  -7.985  1.00 39.10  ? 3   LYS B CD  1 
ATOM   731  C  CE  . LYS B 1 3  ? 21.181  18.901  -8.367  1.00 45.04  ? 3   LYS B CE  1 
ATOM   732  N  NZ  . LYS B 1 3  ? 21.147  19.017  -9.859  1.00 51.44  ? 3   LYS B NZ  1 
ATOM   733  N  N   . THR B 1 4  ? 20.881  14.885  -4.124  1.00 10.53  ? 4   THR B N   1 
ATOM   734  C  CA  . THR B 1 4  ? 19.560  14.267  -3.884  1.00 6.19   ? 4   THR B CA  1 
ATOM   735  C  C   . THR B 1 4  ? 18.428  15.293  -3.740  1.00 9.34   ? 4   THR B C   1 
ATOM   736  O  O   . THR B 1 4  ? 18.488  16.120  -2.881  1.00 11.72  ? 4   THR B O   1 
ATOM   737  C  CB  . THR B 1 4  ? 19.587  13.456  -2.545  1.00 9.29   ? 4   THR B CB  1 
ATOM   738  O  OG1 . THR B 1 4  ? 20.626  12.432  -2.787  1.00 11.35  ? 4   THR B OG1 1 
ATOM   739  C  CG2 . THR B 1 4  ? 18.341  12.630  -2.119  1.00 9.10   ? 4   THR B CG2 1 
ATOM   740  N  N   . VAL B 1 5  ? 17.412  15.085  -4.549  1.00 8.83   ? 5   VAL B N   1 
ATOM   741  C  CA  . VAL B 1 5  ? 16.252  15.996  -4.502  1.00 8.90   ? 5   VAL B CA  1 
ATOM   742  C  C   . VAL B 1 5  ? 15.157  15.182  -3.740  1.00 8.85   ? 5   VAL B C   1 
ATOM   743  O  O   . VAL B 1 5  ? 14.758  14.080  -4.204  1.00 7.82   ? 5   VAL B O   1 
ATOM   744  C  CB  . VAL B 1 5  ? 15.824  16.461  -5.870  1.00 9.48   ? 5   VAL B CB  1 
ATOM   745  C  CG1 . VAL B 1 5  ? 14.621  17.401  -5.779  1.00 14.17  ? 5   VAL B CG1 1 
ATOM   746  C  CG2 . VAL B 1 5  ? 16.985  17.017  -6.680  1.00 14.61  ? 5   VAL B CG2 1 
ATOM   747  N  N   . LEU B 1 6  ? 14.644  15.774  -2.684  1.00 9.28   ? 6   LEU B N   1 
ATOM   748  C  CA  . LEU B 1 6  ? 13.551  15.172  -1.917  1.00 5.04   ? 6   LEU B CA  1 
ATOM   749  C  C   . LEU B 1 6  ? 12.321  15.884  -2.439  1.00 8.85   ? 6   LEU B C   1 
ATOM   750  O  O   . LEU B 1 6  ? 12.280  17.120  -2.416  1.00 10.59  ? 6   LEU B O   1 
ATOM   751  C  CB  . LEU B 1 6  ? 13.822  15.382  -0.405  1.00 5.46   ? 6   LEU B CB  1 
ATOM   752  C  CG  . LEU B 1 6  ? 15.143  14.885  0.173   1.00 11.70  ? 6   LEU B CG  1 
ATOM   753  C  CD1 . LEU B 1 6  ? 15.327  15.300  1.639   1.00 13.93  ? 6   LEU B CD1 1 
ATOM   754  C  CD2 . LEU B 1 6  ? 15.177  13.366  0.191   1.00 13.58  ? 6   LEU B CD2 1 
ATOM   755  N  N   . LYS B 1 7  ? 11.382  15.175  -2.925  1.00 9.92   ? 7   LYS B N   1 
ATOM   756  C  CA  . LYS B 1 7  ? 10.114  15.770  -3.406  1.00 9.93   ? 7   LYS B CA  1 
ATOM   757  C  C   . LYS B 1 7  ? 9.194   15.441  -2.204  1.00 12.71  ? 7   LYS B C   1 
ATOM   758  O  O   . LYS B 1 7  ? 8.703   14.298  -2.068  1.00 7.93   ? 7   LYS B O   1 
ATOM   759  C  CB  . LYS B 1 7  ? 9.706   15.150  -4.700  1.00 12.57  ? 7   LYS B CB  1 
ATOM   760  C  CG  . LYS B 1 7  ? 10.497  15.715  -5.905  1.00 10.86  ? 7   LYS B CG  1 
ATOM   761  C  CD  . LYS B 1 7  ? 9.962   15.114  -7.160  1.00 28.95  ? 7   LYS B CD  1 
ATOM   762  C  CE  . LYS B 1 7  ? 9.471   16.034  -8.242  1.00 37.69  ? 7   LYS B CE  1 
ATOM   763  N  NZ  . LYS B 1 7  ? 10.477  16.429  -9.251  1.00 43.88  ? 7   LYS B NZ  1 
ATOM   764  N  N   . THR B 1 8  ? 8.954   16.413  -1.311  1.00 9.53   ? 8   THR B N   1 
ATOM   765  C  CA  . THR B 1 8  ? 8.107   16.248  -0.149  1.00 7.81   ? 8   THR B CA  1 
ATOM   766  C  C   . THR B 1 8  ? 6.793   16.998  -0.301  1.00 10.28  ? 8   THR B C   1 
ATOM   767  O  O   . THR B 1 8  ? 6.571   17.784  -1.232  1.00 7.77   ? 8   THR B O   1 
ATOM   768  C  CB  . THR B 1 8  ? 8.988   16.810  1.125   1.00 8.00   ? 8   THR B CB  1 
ATOM   769  O  OG1 . THR B 1 8  ? 8.657   18.253  1.182   1.00 12.19  ? 8   THR B OG1 1 
ATOM   770  C  CG2 . THR B 1 8  ? 10.484  16.503  1.157   1.00 10.30  ? 8   THR B CG2 1 
ATOM   771  N  N   . PRO B 1 9  ? 5.878   16.754  0.622   1.00 13.52  ? 9   PRO B N   1 
ATOM   772  C  CA  . PRO B 1 9  ? 4.565   17.428  0.562   1.00 14.81  ? 9   PRO B CA  1 
ATOM   773  C  C   . PRO B 1 9  ? 4.677   18.887  0.924   1.00 15.70  ? 9   PRO B C   1 
ATOM   774  O  O   . PRO B 1 9  ? 3.704   19.667  0.885   1.00 23.15  ? 9   PRO B O   1 
ATOM   775  C  CB  . PRO B 1 9  ? 3.655   16.610  1.521   1.00 17.64  ? 9   PRO B CB  1 
ATOM   776  C  CG  . PRO B 1 9  ? 4.413   15.402  1.819   1.00 15.96  ? 9   PRO B CG  1 
ATOM   777  C  CD  . PRO B 1 9  ? 5.911   15.812  1.725   1.00 12.26  ? 9   PRO B CD  1 
ATOM   778  N  N   . SER B 1 10 ? 5.867   19.347  1.327   1.00 13.82  ? 10  SER B N   1 
ATOM   779  C  CA  . SER B 1 10 ? 6.054   20.752  1.692   1.00 16.84  ? 10  SER B CA  1 
ATOM   780  C  C   . SER B 1 10 ? 6.949   21.514  0.684   1.00 15.59  ? 10  SER B C   1 
ATOM   781  O  O   . SER B 1 10 ? 7.333   22.635  1.008   1.00 17.80  ? 10  SER B O   1 
ATOM   782  C  CB  . SER B 1 10 ? 6.646   20.877  3.081   1.00 18.76  ? 10  SER B CB  1 
ATOM   783  O  OG  . SER B 1 10 ? 5.591   20.454  3.947   1.00 41.78  ? 10  SER B OG  1 
ATOM   784  N  N   . GLY B 1 11 ? 7.366   20.775  -0.334  1.00 14.86  ? 11  GLY B N   1 
ATOM   785  C  CA  . GLY B 1 11 ? 8.243   21.406  -1.345  1.00 10.18  ? 11  GLY B CA  1 
ATOM   786  C  C   . GLY B 1 11 ? 9.384   20.459  -1.719  1.00 12.07  ? 11  GLY B C   1 
ATOM   787  O  O   . GLY B 1 11 ? 9.506   19.407  -1.080  1.00 9.51   ? 11  GLY B O   1 
ATOM   788  N  N   . GLU B 1 12 ? 10.127  20.905  -2.743  1.00 8.54   ? 12  GLU B N   1 
ATOM   789  C  CA  . GLU B 1 12 ? 11.281  20.092  -3.160  1.00 10.69  ? 12  GLU B CA  1 
ATOM   790  C  C   . GLU B 1 12 ? 12.518  20.643  -2.473  1.00 8.83   ? 12  GLU B C   1 
ATOM   791  O  O   . GLU B 1 12 ? 12.789  21.870  -2.527  1.00 10.75  ? 12  GLU B O   1 
ATOM   792  C  CB  . GLU B 1 12 ? 11.554  20.267  -4.635  1.00 15.22  ? 12  GLU B CB  1 
ATOM   793  C  CG  . GLU B 1 12 ? 10.842  19.280  -5.581  1.00 24.98  ? 12  GLU B CG  1 
ATOM   794  C  CD  . GLU B 1 12 ? 10.896  19.399  -7.022  1.00 16.94  ? 12  GLU B CD  1 
ATOM   795  O  OE1 . GLU B 1 12 ? 11.900  19.493  -7.710  1.00 30.25  ? 12  GLU B OE1 1 
ATOM   796  O  OE2 . GLU B 1 12 ? 9.779   19.390  -7.552  1.00 26.13  ? 12  GLU B OE2 1 
ATOM   797  N  N   . PHE B 1 13 ? 13.316  19.812  -1.838  1.00 8.12   ? 13  PHE B N   1 
ATOM   798  C  CA  . PHE B 1 13 ? 14.536  20.235  -1.155  1.00 9.24   ? 13  PHE B CA  1 
ATOM   799  C  C   . PHE B 1 13 ? 15.733  19.470  -1.709  1.00 9.17   ? 13  PHE B C   1 
ATOM   800  O  O   . PHE B 1 13 ? 15.677  18.228  -1.643  1.00 9.39   ? 13  PHE B O   1 
ATOM   801  C  CB  . PHE B 1 13 ? 14.454  19.985  0.423   1.00 7.56   ? 13  PHE B CB  1 
ATOM   802  C  CG  . PHE B 1 13 ? 13.349  20.825  0.983   1.00 12.90  ? 13  PHE B CG  1 
ATOM   803  C  CD1 . PHE B 1 13 ? 13.584  22.195  1.350   1.00 13.45  ? 13  PHE B CD1 1 
ATOM   804  C  CD2 . PHE B 1 13 ? 12.080  20.319  1.089   1.00 16.97  ? 13  PHE B CD2 1 
ATOM   805  C  CE1 . PHE B 1 13 ? 12.513  22.941  1.865   1.00 12.18  ? 13  PHE B CE1 1 
ATOM   806  C  CE2 . PHE B 1 13 ? 10.985  21.083  1.603   1.00 18.90  ? 13  PHE B CE2 1 
ATOM   807  C  CZ  . PHE B 1 13 ? 11.245  22.435  1.971   1.00 15.19  ? 13  PHE B CZ  1 
ATOM   808  N  N   . THR B 1 14 ? 16.800  20.140  -2.102  1.00 9.89   ? 14  THR B N   1 
ATOM   809  C  CA  . THR B 1 14 ? 17.978  19.387  -2.611  1.00 12.67  ? 14  THR B CA  1 
ATOM   810  C  C   . THR B 1 14 ? 19.046  19.326  -1.525  1.00 13.93  ? 14  THR B C   1 
ATOM   811  O  O   . THR B 1 14 ? 19.323  20.364  -0.883  1.00 11.71  ? 14  THR B O   1 
ATOM   812  C  CB  . THR B 1 14 ? 18.616  20.065  -3.868  1.00 10.30  ? 14  THR B CB  1 
ATOM   813  O  OG1 . THR B 1 14 ? 17.622  20.071  -4.950  1.00 9.81   ? 14  THR B OG1 1 
ATOM   814  C  CG2 . THR B 1 14 ? 19.878  19.244  -4.280  1.00 13.23  ? 14  THR B CG2 1 
ATOM   815  N  N   . LEU B 1 15 ? 19.715  18.191  -1.371  1.00 10.66  ? 15  LEU B N   1 
ATOM   816  C  CA  . LEU B 1 15 ? 20.798  18.127  -0.378  1.00 10.70  ? 15  LEU B CA  1 
ATOM   817  C  C   . LEU B 1 15 ? 21.914  17.211  -0.986  1.00 9.90   ? 15  LEU B C   1 
ATOM   818  O  O   . LEU B 1 15 ? 21.547  16.463  -1.815  1.00 12.60  ? 15  LEU B O   1 
ATOM   819  C  CB  . LEU B 1 15 ? 20.329  17.602  0.985   1.00 24.15  ? 15  LEU B CB  1 
ATOM   820  C  CG  . LEU B 1 15 ? 19.756  16.232  1.159   1.00 16.49  ? 15  LEU B CG  1 
ATOM   821  C  CD1 . LEU B 1 15 ? 20.156  15.714  2.571   1.00 19.69  ? 15  LEU B CD1 1 
ATOM   822  C  CD2 . LEU B 1 15 ? 18.264  16.258  1.029   1.00 17.55  ? 15  LEU B CD2 1 
ATOM   823  N  N   . ASP B 1 16 ? 23.083  17.395  -0.450  1.00 8.55   ? 16  ASP B N   1 
ATOM   824  C  CA  . ASP B 1 16 ? 24.217  16.531  -0.964  1.00 14.47  ? 16  ASP B CA  1 
ATOM   825  C  C   . ASP B 1 16 ? 24.402  15.412  0.050   1.00 16.55  ? 16  ASP B C   1 
ATOM   826  O  O   . ASP B 1 16 ? 24.867  15.646  1.155   1.00 18.43  ? 16  ASP B O   1 
ATOM   827  C  CB  . ASP B 1 16 ? 25.418  17.387  -1.346  1.00 19.37  ? 16  ASP B CB  1 
ATOM   828  C  CG  . ASP B 1 16 ? 26.173  16.622  -2.439  1.00 36.90  ? 16  ASP B CG  1 
ATOM   829  O  OD1 . ASP B 1 16 ? 26.641  15.482  -2.154  1.00 26.39  ? 16  ASP B OD1 1 
ATOM   830  O  OD2 . ASP B 1 16 ? 26.203  17.096  -3.594  1.00 42.41  ? 16  ASP B OD2 1 
ATOM   831  N  N   . VAL B 1 17 ? 24.151  14.202  -0.408  1.00 18.27  ? 17  VAL B N   1 
ATOM   832  C  CA  . VAL B 1 17 ? 24.323  13.025  0.558   1.00 19.19  ? 17  VAL B CA  1 
ATOM   833  C  C   . VAL B 1 17 ? 25.670  12.348  0.248   1.00 18.82  ? 17  VAL B C   1 
ATOM   834  O  O   . VAL B 1 17 ? 25.862  11.777  -0.827  1.00 19.59  ? 17  VAL B O   1 
ATOM   835  C  CB  . VAL B 1 17 ? 23.142  12.045  0.379   1.00 18.13  ? 17  VAL B CB  1 
ATOM   836  C  CG1 . VAL B 1 17 ? 23.207  10.875  1.339   1.00 18.63  ? 17  VAL B CG1 1 
ATOM   837  C  CG2 . VAL B 1 17 ? 21.852  12.827  0.603   1.00 13.59  ? 17  VAL B CG2 1 
ATOM   838  N  N   . PRO B 1 18 ? 26.590  12.473  1.235   1.00 16.14  ? 18  PRO B N   1 
ATOM   839  C  CA  . PRO B 1 18 ? 27.888  11.896  1.063   1.00 16.54  ? 18  PRO B CA  1 
ATOM   840  C  C   . PRO B 1 18 ? 27.829  10.381  0.983   1.00 16.97  ? 18  PRO B C   1 
ATOM   841  O  O   . PRO B 1 18 ? 26.958  9.708   1.434   1.00 11.86  ? 18  PRO B O   1 
ATOM   842  C  CB  . PRO B 1 18 ? 28.726  12.424  2.240   1.00 17.67  ? 18  PRO B CB  1 
ATOM   843  C  CG  . PRO B 1 18 ? 27.617  12.597  3.302   1.00 22.85  ? 18  PRO B CG  1 
ATOM   844  C  CD  . PRO B 1 18 ? 26.412  13.165  2.499   1.00 18.17  ? 18  PRO B CD  1 
ATOM   845  N  N   . GLU B 1 19 ? 28.928  9.904   0.382   1.00 14.40  ? 19  GLU B N   1 
ATOM   846  C  CA  . GLU B 1 19 ? 29.025  8.423   0.218   1.00 15.41  ? 19  GLU B CA  1 
ATOM   847  C  C   . GLU B 1 19 ? 28.821  7.710   1.546   1.00 14.37  ? 19  GLU B C   1 
ATOM   848  O  O   . GLU B 1 19 ? 29.317  8.284   2.518   1.00 16.51  ? 19  GLU B O   1 
ATOM   849  C  CB  . GLU B 1 19 ? 30.543  8.267   -0.166  1.00 18.94  ? 19  GLU B CB  1 
ATOM   850  C  CG  . GLU B 1 19 ? 30.996  6.811   -0.309  1.00 20.06  ? 19  GLU B CG  1 
ATOM   851  C  CD  . GLU B 1 19 ? 30.008  6.166   -1.264  1.00 23.93  ? 19  GLU B CD  1 
ATOM   852  O  OE1 . GLU B 1 19 ? 28.958  5.764   -0.818  1.00 27.61  ? 19  GLU B OE1 1 
ATOM   853  O  OE2 . GLU B 1 19 ? 30.384  6.249   -2.456  1.00 29.30  ? 19  GLU B OE2 1 
ATOM   854  N  N   . GLY B 1 20 ? 28.130  6.576   1.578   1.00 11.51  ? 20  GLY B N   1 
ATOM   855  C  CA  . GLY B 1 20 ? 27.888  5.759   2.715   1.00 11.64  ? 20  GLY B CA  1 
ATOM   856  C  C   . GLY B 1 20 ? 26.902  6.270   3.742   1.00 17.48  ? 20  GLY B C   1 
ATOM   857  O  O   . GLY B 1 20 ? 26.713  5.566   4.745   1.00 16.37  ? 20  GLY B O   1 
ATOM   858  N  N   . THR B 1 21 ? 26.339  7.475   3.501   1.00 11.69  ? 21  THR B N   1 
ATOM   859  C  CA  . THR B 1 21 ? 25.319  8.017   4.435   1.00 10.00  ? 21  THR B CA  1 
ATOM   860  C  C   . THR B 1 21 ? 23.947  7.694   3.931   1.00 8.74   ? 21  THR B C   1 
ATOM   861  O  O   . THR B 1 21 ? 23.684  7.815   2.752   1.00 12.17  ? 21  THR B O   1 
ATOM   862  C  CB  . THR B 1 21 ? 25.548  9.624   4.479   1.00 10.24  ? 21  THR B CB  1 
ATOM   863  O  OG1 . THR B 1 21 ? 26.899  9.973   4.796   1.00 13.69  ? 21  THR B OG1 1 
ATOM   864  C  CG2 . THR B 1 21 ? 24.546  10.217  5.508   1.00 13.58  ? 21  THR B CG2 1 
ATOM   865  N  N   . THR B 1 22 ? 23.000  7.264   4.802   1.00 10.02  ? 22  THR B N   1 
ATOM   866  C  CA  . THR B 1 22 ? 21.642  6.999   4.348   1.00 10.29  ? 22  THR B CA  1 
ATOM   867  C  C   . THR B 1 22 ? 20.850  8.300   4.096   1.00 13.78  ? 22  THR B C   1 
ATOM   868  O  O   . THR B 1 22 ? 21.272  9.385   4.561   1.00 10.43  ? 22  THR B O   1 
ATOM   869  C  CB  . THR B 1 22 ? 20.806  6.190   5.451   1.00 11.89  ? 22  THR B CB  1 
ATOM   870  O  OG1 . THR B 1 22 ? 20.635  7.100   6.533   1.00 14.30  ? 22  THR B OG1 1 
ATOM   871  C  CG2 . THR B 1 22 ? 21.544  4.917   5.888   1.00 8.82   ? 22  THR B CG2 1 
ATOM   872  N  N   . ILE B 1 23 ? 19.813  8.182   3.242   1.00 10.35  ? 23  ILE B N   1 
ATOM   873  C  CA  . ILE B 1 23 ? 18.925  9.274   2.887   1.00 6.82   ? 23  ILE B CA  1 
ATOM   874  C  C   . ILE B 1 23 ? 18.333  9.912   4.127   1.00 9.20   ? 23  ILE B C   1 
ATOM   875  O  O   . ILE B 1 23 ? 18.399  11.141  4.155   1.00 7.62   ? 23  ILE B O   1 
ATOM   876  C  CB  . ILE B 1 23 ? 17.851  8.912   1.792   1.00 10.88  ? 23  ILE B CB  1 
ATOM   877  C  CG1 . ILE B 1 23 ? 18.560  8.331   0.562   1.00 13.72  ? 23  ILE B CG1 1 
ATOM   878  C  CG2 . ILE B 1 23 ? 17.069  10.215  1.402   1.00 10.56  ? 23  ILE B CG2 1 
ATOM   879  C  CD1 . ILE B 1 23 ? 17.634  7.420   -0.256  1.00 21.01  ? 23  ILE B CD1 1 
ATOM   880  N  N   . LEU B 1 24 ? 17.833  9.154   5.063   1.00 9.52   ? 24  LEU B N   1 
ATOM   881  C  CA  . LEU B 1 24 ? 17.231  9.728   6.300   1.00 5.78   ? 24  LEU B CA  1 
ATOM   882  C  C   . LEU B 1 24 ? 18.218  10.450  7.163   1.00 7.69   ? 24  LEU B C   1 
ATOM   883  O  O   . LEU B 1 24 ? 17.915  11.569  7.589   1.00 6.76   ? 24  LEU B O   1 
ATOM   884  C  CB  . LEU B 1 24 ? 16.602  8.574   7.082   1.00 9.50   ? 24  LEU B CB  1 
ATOM   885  C  CG  . LEU B 1 24 ? 15.905  9.003   8.358   1.00 10.83  ? 24  LEU B CG  1 
ATOM   886  C  CD1 . LEU B 1 24 ? 14.712  9.895   7.935   1.00 11.19  ? 24  LEU B CD1 1 
ATOM   887  C  CD2 . LEU B 1 24 ? 15.419  7.749   9.099   1.00 10.93  ? 24  LEU B CD2 1 
ATOM   888  N  N   . ASP B 1 25 ? 19.412  9.924   7.407   1.00 10.58  ? 25  ASP B N   1 
ATOM   889  C  CA  . ASP B 1 25 ? 20.488  10.587  8.180   1.00 9.56   ? 25  ASP B CA  1 
ATOM   890  C  C   . ASP B 1 25 ? 20.866  11.912  7.575   1.00 9.83   ? 25  ASP B C   1 
ATOM   891  O  O   . ASP B 1 25 ? 20.954  12.870  8.299   1.00 11.35  ? 25  ASP B O   1 
ATOM   892  C  CB  . ASP B 1 25 ? 21.701  9.698   8.324   1.00 14.10  ? 25  ASP B CB  1 
ATOM   893  C  CG  . ASP B 1 25 ? 21.360  8.538   9.262   1.00 17.31  ? 25  ASP B CG  1 
ATOM   894  O  OD1 . ASP B 1 25 ? 20.321  8.538   9.996   1.00 24.44  ? 25  ASP B OD1 1 
ATOM   895  O  OD2 . ASP B 1 25 ? 22.116  7.563   9.285   1.00 26.40  ? 25  ASP B OD2 1 
ATOM   896  N  N   . ALA B 1 26 ? 21.115  11.952  6.283   1.00 8.45   ? 26  ALA B N   1 
ATOM   897  C  CA  . ALA B 1 26 ? 21.441  13.179  5.580   1.00 9.17   ? 26  ALA B CA  1 
ATOM   898  C  C   . ALA B 1 26 ? 20.271  14.164  5.673   1.00 9.26   ? 26  ALA B C   1 
ATOM   899  O  O   . ALA B 1 26 ? 20.576  15.346  5.947   1.00 10.57  ? 26  ALA B O   1 
ATOM   900  C  CB  . ALA B 1 26 ? 21.673  12.887  4.093   1.00 7.70   ? 26  ALA B CB  1 
ATOM   901  N  N   . ALA B 1 27 ? 19.060  13.778  5.458   1.00 10.88  ? 27  ALA B N   1 
ATOM   902  C  CA  . ALA B 1 27 ? 17.906  14.682  5.550   1.00 11.09  ? 27  ALA B CA  1 
ATOM   903  C  C   . ALA B 1 27 ? 17.853  15.418  6.915   1.00 12.48  ? 27  ALA B C   1 
ATOM   904  O  O   . ALA B 1 27 ? 17.709  16.655  6.979   1.00 11.91  ? 27  ALA B O   1 
ATOM   905  C  CB  . ALA B 1 27 ? 16.631  13.845  5.322   1.00 8.86   ? 27  ALA B CB  1 
ATOM   906  N  N   . GLU B 1 28 ? 17.968  14.563  7.931   1.00 12.57  ? 28  GLU B N   1 
ATOM   907  C  CA  . GLU B 1 28 ? 17.968  15.046  9.340   1.00 14.94  ? 28  GLU B CA  1 
ATOM   908  C  C   . GLU B 1 28 ? 19.055  16.012  9.654   1.00 19.08  ? 28  GLU B C   1 
ATOM   909  O  O   . GLU B 1 28 ? 18.874  17.027  10.317  1.00 15.73  ? 28  GLU B O   1 
ATOM   910  C  CB  . GLU B 1 28 ? 18.032  13.875  10.301  1.00 14.73  ? 28  GLU B CB  1 
ATOM   911  C  CG  . GLU B 1 28 ? 16.684  13.079  10.303  1.00 12.38  ? 28  GLU B CG  1 
ATOM   912  C  CD  . GLU B 1 28 ? 16.651  11.840  11.209  1.00 14.15  ? 28  GLU B CD  1 
ATOM   913  O  OE1 . GLU B 1 28 ? 17.665  11.359  11.677  1.00 17.36  ? 28  GLU B OE1 1 
ATOM   914  O  OE2 . GLU B 1 28 ? 15.485  11.396  11.415  1.00 13.98  ? 28  GLU B OE2 1 
ATOM   915  N  N   . GLU B 1 29 ? 20.243  15.751  9.110   1.00 14.67  ? 29  GLU B N   1 
ATOM   916  C  CA  . GLU B 1 29 ? 21.405  16.601  9.285   1.00 14.60  ? 29  GLU B CA  1 
ATOM   917  C  C   . GLU B 1 29 ? 21.158  17.958  8.598   1.00 16.93  ? 29  GLU B C   1 
ATOM   918  O  O   . GLU B 1 29 ? 21.499  18.955  9.151   1.00 21.68  ? 29  GLU B O   1 
ATOM   919  C  CB  . GLU B 1 29 ? 22.688  15.980  8.832   1.00 17.32  ? 29  GLU B CB  1 
ATOM   920  C  CG  . GLU B 1 29 ? 23.374  15.136  9.880   1.00 41.06  ? 29  GLU B CG  1 
ATOM   921  C  CD  . GLU B 1 29 ? 24.552  14.382  9.371   1.00 55.58  ? 29  GLU B CD  1 
ATOM   922  O  OE1 . GLU B 1 29 ? 24.138  13.376  8.674   1.00 63.79  ? 29  GLU B OE1 1 
ATOM   923  O  OE2 . GLU B 1 29 ? 25.720  14.658  9.582   1.00 60.08  ? 29  GLU B OE2 1 
ATOM   924  N  N   . ALA B 1 30 ? 20.526  17.920  7.442   1.00 13.00  ? 30  ALA B N   1 
ATOM   925  C  CA  . ALA B 1 30 ? 20.192  19.133  6.654   1.00 13.31  ? 30  ALA B CA  1 
ATOM   926  C  C   . ALA B 1 30 ? 19.068  19.907  7.353   1.00 14.82  ? 30  ALA B C   1 
ATOM   927  O  O   . ALA B 1 30 ? 18.818  21.039  6.895   1.00 19.57  ? 30  ALA B O   1 
ATOM   928  C  CB  . ALA B 1 30 ? 19.841  18.836  5.229   1.00 13.27  ? 30  ALA B CB  1 
ATOM   929  N  N   . GLY B 1 31 ? 18.313  19.263  8.278   1.00 11.24  ? 31  GLY B N   1 
ATOM   930  C  CA  . GLY B 1 31 ? 17.232  20.008  8.932   1.00 14.21  ? 31  GLY B CA  1 
ATOM   931  C  C   . GLY B 1 31 ? 15.861  19.685  8.428   1.00 16.81  ? 31  GLY B C   1 
ATOM   932  O  O   . GLY B 1 31 ? 14.969  20.524  8.768   1.00 16.53  ? 31  GLY B O   1 
ATOM   933  N  N   . TYR B 1 32 ? 15.701  18.564  7.743   1.00 13.19  ? 32  TYR B N   1 
ATOM   934  C  CA  . TYR B 1 32 ? 14.423  18.176  7.197   1.00 12.70  ? 32  TYR B CA  1 
ATOM   935  C  C   . TYR B 1 32 ? 13.862  17.038  8.076   1.00 9.50   ? 32  TYR B C   1 
ATOM   936  O  O   . TYR B 1 32 ? 14.576  16.336  8.756   1.00 17.16  ? 32  TYR B O   1 
ATOM   937  C  CB  . TYR B 1 32 ? 14.491  17.863  5.702   1.00 15.94  ? 32  TYR B CB  1 
ATOM   938  C  CG  . TYR B 1 32 ? 15.162  18.987  4.875   1.00 21.33  ? 32  TYR B CG  1 
ATOM   939  C  CD1 . TYR B 1 32 ? 14.589  20.253  4.915   1.00 19.75  ? 32  TYR B CD1 1 
ATOM   940  C  CD2 . TYR B 1 32 ? 16.307  18.769  4.142   1.00 17.73  ? 32  TYR B CD2 1 
ATOM   941  C  CE1 . TYR B 1 32 ? 15.194  21.347  4.224   1.00 17.33  ? 32  TYR B CE1 1 
ATOM   942  C  CE2 . TYR B 1 32 ? 16.902  19.800  3.450   1.00 19.63  ? 32  TYR B CE2 1 
ATOM   943  C  CZ  . TYR B 1 32 ? 16.329  21.065  3.489   1.00 24.19  ? 32  TYR B CZ  1 
ATOM   944  O  OH  . TYR B 1 32 ? 16.919  22.102  2.750   1.00 21.73  ? 32  TYR B OH  1 
ATOM   945  N  N   . ASP B 1 33 ? 12.532  16.938  8.093   1.00 12.81  ? 33  ASP B N   1 
ATOM   946  C  CA  . ASP B 1 33 ? 11.829  15.977  8.921   1.00 9.13   ? 33  ASP B CA  1 
ATOM   947  C  C   . ASP B 1 33 ? 11.187  14.865  8.023   1.00 9.45   ? 33  ASP B C   1 
ATOM   948  O  O   . ASP B 1 33 ? 10.179  15.212  7.320   1.00 14.10  ? 33  ASP B O   1 
ATOM   949  C  CB  . ASP B 1 33 ? 10.738  16.721  9.715   1.00 14.74  ? 33  ASP B CB  1 
ATOM   950  C  CG  . ASP B 1 33 ? 11.372  17.769  10.611  1.00 14.44  ? 33  ASP B CG  1 
ATOM   951  O  OD1 . ASP B 1 33 ? 12.290  17.480  11.403  1.00 15.00  ? 33  ASP B OD1 1 
ATOM   952  O  OD2 . ASP B 1 33 ? 10.931  18.948  10.516  1.00 19.39  ? 33  ASP B OD2 1 
ATOM   953  N  N   . LEU B 1 34 ? 11.672  13.657  8.072   1.00 7.05   ? 34  LEU B N   1 
ATOM   954  C  CA  . LEU B 1 34 ? 11.126  12.614  7.228   1.00 10.05  ? 34  LEU B CA  1 
ATOM   955  C  C   . LEU B 1 34 ? 10.624  11.567  8.252   1.00 5.99   ? 34  LEU B C   1 
ATOM   956  O  O   . LEU B 1 34 ? 11.273  11.460  9.266   1.00 10.64  ? 34  LEU B O   1 
ATOM   957  C  CB  . LEU B 1 34 ? 12.138  12.007  6.292   1.00 4.07   ? 34  LEU B CB  1 
ATOM   958  C  CG  . LEU B 1 34 ? 12.774  12.888  5.226   1.00 13.73  ? 34  LEU B CG  1 
ATOM   959  C  CD1 . LEU B 1 34 ? 13.553  12.028  4.227   1.00 10.92  ? 34  LEU B CD1 1 
ATOM   960  C  CD2 . LEU B 1 34 ? 11.737  13.688  4.437   1.00 15.73  ? 34  LEU B CD2 1 
ATOM   961  N  N   . PRO B 1 35 ? 9.592   10.846  7.899   1.00 10.98  ? 35  PRO B N   1 
ATOM   962  C  CA  . PRO B 1 35 ? 8.962   9.832   8.730   1.00 7.45   ? 35  PRO B CA  1 
ATOM   963  C  C   . PRO B 1 35 ? 9.856   8.670   8.991   1.00 12.44  ? 35  PRO B C   1 
ATOM   964  O  O   . PRO B 1 35 ? 10.757  8.351   8.148   1.00 12.06  ? 35  PRO B O   1 
ATOM   965  C  CB  . PRO B 1 35 ? 7.703   9.509   8.047   1.00 10.05  ? 35  PRO B CB  1 
ATOM   966  C  CG  . PRO B 1 35 ? 7.936   9.786   6.572   1.00 13.01  ? 35  PRO B CG  1 
ATOM   967  C  CD  . PRO B 1 35 ? 8.840   11.044  6.602   1.00 8.90   ? 35  PRO B CD  1 
ATOM   968  N  N   . PHE B 1 36 ? 9.705   8.068   10.183  1.00 10.94  ? 36  PHE B N   1 
ATOM   969  C  CA  . PHE B 1 36 ? 10.501  6.901   10.531  1.00 10.76  ? 36  PHE B CA  1 
ATOM   970  C  C   . PHE B 1 36 ? 9.974   6.348   11.891  1.00 16.53  ? 36  PHE B C   1 
ATOM   971  O  O   . PHE B 1 36 ? 9.361   7.104   12.617  1.00 10.99  ? 36  PHE B O   1 
ATOM   972  C  CB  . PHE B 1 36 ? 11.966  7.173   10.760  1.00 7.07   ? 36  PHE B CB  1 
ATOM   973  C  CG  . PHE B 1 36 ? 12.313  7.981   12.008  1.00 5.75   ? 36  PHE B CG  1 
ATOM   974  C  CD1 . PHE B 1 36 ? 12.232  9.394   11.939  1.00 9.22   ? 36  PHE B CD1 1 
ATOM   975  C  CD2 . PHE B 1 36 ? 12.694  7.348   13.183  1.00 9.62   ? 36  PHE B CD2 1 
ATOM   976  C  CE1 . PHE B 1 36 ? 12.638  10.168  13.049  1.00 10.80  ? 36  PHE B CE1 1 
ATOM   977  C  CE2 . PHE B 1 36 ? 13.047  8.087   14.338  1.00 8.94   ? 36  PHE B CE2 1 
ATOM   978  C  CZ  . PHE B 1 36 ? 12.985  9.489   14.222  1.00 8.33   ? 36  PHE B CZ  1 
ATOM   979  N  N   . SER B 1 37 ? 10.415  5.094   12.076  1.00 15.13  ? 37  SER B N   1 
ATOM   980  C  CA  . SER B 1 37 ? 10.113  4.452   13.400  1.00 13.93  ? 37  SER B CA  1 
ATOM   981  C  C   . SER B 1 37 ? 11.302  3.566   13.776  1.00 11.53  ? 37  SER B C   1 
ATOM   982  O  O   . SER B 1 37 ? 12.159  4.033   14.534  1.00 17.64  ? 37  SER B O   1 
ATOM   983  C  CB  . SER B 1 37 ? 8.833   3.670   13.499  1.00 18.31  ? 37  SER B CB  1 
ATOM   984  O  OG  . SER B 1 37 ? 8.362   3.014   12.386  1.00 20.78  ? 37  SER B OG  1 
ATOM   985  N  N   . CYS B 1 38 ? 11.304  2.318   13.238  1.00 13.80  ? 38  CYS B N   1 
ATOM   986  C  CA  . CYS B 1 38 ? 12.397  1.364   13.560  1.00 13.64  ? 38  CYS B CA  1 
ATOM   987  C  C   . CYS B 1 38 ? 13.777  1.808   13.134  1.00 17.06  ? 38  CYS B C   1 
ATOM   988  O  O   . CYS B 1 38 ? 14.725  1.432   13.833  1.00 18.21  ? 38  CYS B O   1 
ATOM   989  C  CB  . CYS B 1 38 ? 11.970  0.006   12.949  1.00 12.98  ? 38  CYS B CB  1 
ATOM   990  S  SG  . CYS B 1 38 ? 12.319  -0.138  11.148  1.00 16.76  ? 38  CYS B SG  1 
ATOM   991  N  N   . ARG B 1 39 ? 13.975  2.514   11.993  1.00 14.33  ? 39  ARG B N   1 
ATOM   992  C  CA  . ARG B 1 39 ? 15.293  2.936   11.515  1.00 13.67  ? 39  ARG B CA  1 
ATOM   993  C  C   . ARG B 1 39 ? 16.197  1.726   11.263  1.00 16.62  ? 39  ARG B C   1 
ATOM   994  O  O   . ARG B 1 39 ? 17.454  1.880   11.243  1.00 17.24  ? 39  ARG B O   1 
ATOM   995  C  CB  . ARG B 1 39 ? 15.975  3.948   12.413  1.00 15.80  ? 39  ARG B CB  1 
ATOM   996  C  CG  . ARG B 1 39 ? 15.236  5.256   12.584  1.00 17.31  ? 39  ARG B CG  1 
ATOM   997  C  CD  . ARG B 1 39 ? 16.031  6.268   13.302  1.00 13.85  ? 39  ARG B CD  1 
ATOM   998  N  NE  . ARG B 1 39 ? 17.024  6.881   12.391  1.00 18.82  ? 39  ARG B NE  1 
ATOM   999  C  CZ  . ARG B 1 39 ? 16.945  8.167   12.039  1.00 19.89  ? 39  ARG B CZ  1 
ATOM   1000 N  NH1 . ARG B 1 39 ? 15.986  8.977   12.514  1.00 16.40  ? 39  ARG B NH1 1 
ATOM   1001 N  NH2 . ARG B 1 39 ? 17.900  8.725   11.310  1.00 17.82  ? 39  ARG B NH2 1 
ATOM   1002 N  N   . ALA B 1 40 ? 15.663  0.564   11.069  1.00 12.55  ? 40  ALA B N   1 
ATOM   1003 C  CA  . ALA B 1 40 ? 16.265  -0.712  10.844  1.00 20.23  ? 40  ALA B CA  1 
ATOM   1004 C  C   . ALA B 1 40 ? 15.868  -1.484  9.593   1.00 18.29  ? 40  ALA B C   1 
ATOM   1005 O  O   . ALA B 1 40 ? 16.280  -2.702  9.499   1.00 23.47  ? 40  ALA B O   1 
ATOM   1006 C  CB  . ALA B 1 40 ? 16.096  -1.520  12.125  1.00 24.94  ? 40  ALA B CB  1 
ATOM   1007 N  N   . GLY B 1 41 ? 15.088  -0.939  8.767   1.00 17.59  ? 41  GLY B N   1 
ATOM   1008 C  CA  . GLY B 1 41 ? 14.637  -1.529  7.517   1.00 17.75  ? 41  GLY B CA  1 
ATOM   1009 C  C   . GLY B 1 41 ? 13.604  -2.630  7.577   1.00 20.55  ? 41  GLY B C   1 
ATOM   1010 O  O   . GLY B 1 41 ? 13.514  -3.433  6.669   1.00 20.75  ? 41  GLY B O   1 
ATOM   1011 N  N   . ALA B 1 42 ? 12.823  -2.626  8.653   1.00 22.84  ? 42  ALA B N   1 
ATOM   1012 C  CA  . ALA B 1 42 ? 11.778  -3.586  8.902   1.00 19.56  ? 42  ALA B CA  1 
ATOM   1013 C  C   . ALA B 1 42 ? 10.325  -3.107  9.016   1.00 22.18  ? 42  ALA B C   1 
ATOM   1014 O  O   . ALA B 1 42 ? 9.411   -3.827  9.603   1.00 24.03  ? 42  ALA B O   1 
ATOM   1015 C  CB  . ALA B 1 42 ? 12.292  -4.321  10.175  1.00 19.30  ? 42  ALA B CB  1 
ATOM   1016 N  N   . CYS B 1 43 ? 10.008  -1.991  8.460   1.00 17.26  ? 43  CYS B N   1 
ATOM   1017 C  CA  . CYS B 1 43 ? 8.633   -1.417  8.441   1.00 16.27  ? 43  CYS B CA  1 
ATOM   1018 C  C   . CYS B 1 43 ? 8.542   -0.565  7.193   1.00 14.18  ? 43  CYS B C   1 
ATOM   1019 O  O   . CYS B 1 43 ? 9.504   -0.505  6.409   1.00 14.41  ? 43  CYS B O   1 
ATOM   1020 C  CB  . CYS B 1 43 ? 8.312   -0.624  9.746   1.00 18.61  ? 43  CYS B CB  1 
ATOM   1021 S  SG  . CYS B 1 43 ? 9.164   1.028   9.779   1.00 13.63  ? 43  CYS B SG  1 
ATOM   1022 N  N   . SER B 1 44 ? 7.414   0.118   7.097   1.00 17.03  ? 44  SER B N   1 
ATOM   1023 C  CA  . SER B 1 44 ? 7.236   1.028   5.938   1.00 15.35  ? 44  SER B CA  1 
ATOM   1024 C  C   . SER B 1 44 ? 7.109   2.443   6.379   1.00 11.38  ? 44  SER B C   1 
ATOM   1025 O  O   . SER B 1 44 ? 6.762   3.247   5.489   1.00 14.48  ? 44  SER B O   1 
ATOM   1026 C  CB  . SER B 1 44 ? 5.997   0.554   5.159   1.00 19.73  ? 44  SER B CB  1 
ATOM   1027 O  OG  . SER B 1 44 ? 4.884   0.670   6.032   1.00 21.46  ? 44  SER B OG  1 
ATOM   1028 N  N   . SER B 1 45 ? 7.422   2.854   7.572   1.00 8.92   ? 45  SER B N   1 
ATOM   1029 C  CA  . SER B 1 45 ? 7.290   4.274   7.965   1.00 13.04  ? 45  SER B CA  1 
ATOM   1030 C  C   . SER B 1 45 ? 8.047   5.270   7.095   1.00 11.85  ? 45  SER B C   1 
ATOM   1031 O  O   . SER B 1 45 ? 7.525   6.374   6.854   1.00 10.47  ? 45  SER B O   1 
ATOM   1032 C  CB  . SER B 1 45 ? 7.590   4.536   9.434   1.00 14.71  ? 45  SER B CB  1 
ATOM   1033 O  OG  . SER B 1 45 ? 6.846   3.677   10.262  1.00 18.74  ? 45  SER B OG  1 
ATOM   1034 N  N   . CYS B 1 46 ? 9.270   4.900   6.737   1.00 12.51  ? 46  CYS B N   1 
ATOM   1035 C  CA  . CYS B 1 46 ? 10.159  5.793   5.964   1.00 10.58  ? 46  CYS B CA  1 
ATOM   1036 C  C   . CYS B 1 46 ? 10.079  5.587   4.463   1.00 9.92   ? 46  CYS B C   1 
ATOM   1037 O  O   . CYS B 1 46 ? 11.022  6.009   3.777   1.00 11.45  ? 46  CYS B O   1 
ATOM   1038 C  CB  . CYS B 1 46 ? 11.572  5.448   6.456   1.00 9.27   ? 46  CYS B CB  1 
ATOM   1039 S  SG  . CYS B 1 46 ? 12.105  3.742   5.940   1.00 10.24  ? 46  CYS B SG  1 
ATOM   1040 N  N   . LEU B 1 47 ? 9.052   5.013   3.973   1.00 9.71   ? 47  LEU B N   1 
ATOM   1041 C  CA  . LEU B 1 47 ? 8.856   4.674   2.556   1.00 10.10  ? 47  LEU B CA  1 
ATOM   1042 C  C   . LEU B 1 47 ? 8.927   5.952   1.699   1.00 10.34  ? 47  LEU B C   1 
ATOM   1043 O  O   . LEU B 1 47 ? 8.323   6.940   2.011   1.00 10.73  ? 47  LEU B O   1 
ATOM   1044 C  CB  . LEU B 1 47 ? 7.547   3.931   2.374   1.00 12.48  ? 47  LEU B CB  1 
ATOM   1045 C  CG  . LEU B 1 47 ? 7.295   3.345   0.995   1.00 10.43  ? 47  LEU B CG  1 
ATOM   1046 C  CD1 . LEU B 1 47 ? 8.243   2.169   0.838   1.00 9.67   ? 47  LEU B CD1 1 
ATOM   1047 C  CD2 . LEU B 1 47 ? 5.870   2.973   0.767   1.00 13.71  ? 47  LEU B CD2 1 
ATOM   1048 N  N   . GLY B 1 48 ? 9.656   5.773   0.616   1.00 9.45   ? 48  GLY B N   1 
ATOM   1049 C  CA  . GLY B 1 48 ? 9.793   6.870   -0.381  1.00 9.65   ? 48  GLY B CA  1 
ATOM   1050 C  C   . GLY B 1 48 ? 9.786   6.105   -1.749  1.00 5.95   ? 48  GLY B C   1 
ATOM   1051 O  O   . GLY B 1 48 ? 9.687   4.831   -1.780  1.00 9.52   ? 48  GLY B O   1 
ATOM   1052 N  N   . LYS B 1 49 ? 9.863   6.825   -2.805  1.00 8.02   ? 49  LYS B N   1 
ATOM   1053 C  CA  . LYS B 1 49 ? 9.889   6.247   -4.121  1.00 7.51   ? 49  LYS B CA  1 
ATOM   1054 C  C   . LYS B 1 49 ? 10.986  6.920   -4.932  1.00 8.16   ? 49  LYS B C   1 
ATOM   1055 O  O   . LYS B 1 49 ? 11.062  8.150   -5.044  1.00 8.43   ? 49  LYS B O   1 
ATOM   1056 C  CB  . LYS B 1 49 ? 8.557   6.406   -4.846  1.00 8.02   ? 49  LYS B CB  1 
ATOM   1057 C  CG  . LYS B 1 49 ? 8.473   5.624   -6.172  1.00 13.55  ? 49  LYS B CG  1 
ATOM   1058 C  CD  . LYS B 1 49 ? 7.038   5.770   -6.624  1.00 24.53  ? 49  LYS B CD  1 
ATOM   1059 C  CE  . LYS B 1 49 ? 6.594   4.956   -7.785  1.00 34.10  ? 49  LYS B CE  1 
ATOM   1060 N  NZ  . LYS B 1 49 ? 5.388   5.587   -8.446  1.00 36.30  ? 49  LYS B NZ  1 
ATOM   1061 N  N   . VAL B 1 50 ? 11.881  6.089   -5.459  1.00 7.90   ? 50  VAL B N   1 
ATOM   1062 C  CA  . VAL B 1 50 ? 13.004  6.605   -6.318  1.00 11.48  ? 50  VAL B CA  1 
ATOM   1063 C  C   . VAL B 1 50 ? 12.417  6.901   -7.698  1.00 11.78  ? 50  VAL B C   1 
ATOM   1064 O  O   . VAL B 1 50 ? 11.787  6.049   -8.358  1.00 14.10  ? 50  VAL B O   1 
ATOM   1065 C  CB  . VAL B 1 50 ? 14.150  5.559   -6.321  1.00 13.88  ? 50  VAL B CB  1 
ATOM   1066 C  CG1 . VAL B 1 50 ? 15.244  5.959   -7.279  1.00 10.54  ? 50  VAL B CG1 1 
ATOM   1067 C  CG2 . VAL B 1 50 ? 14.645  5.187   -4.948  1.00 14.77  ? 50  VAL B CG2 1 
ATOM   1068 N  N   . VAL B 1 51 ? 12.595  8.144   -8.083  1.00 12.12  ? 51  VAL B N   1 
ATOM   1069 C  CA  . VAL B 1 51 ? 12.119  8.568   -9.362  1.00 10.31  ? 51  VAL B CA  1 
ATOM   1070 C  C   . VAL B 1 51 ? 13.238  8.459   -10.421 1.00 10.16  ? 51  VAL B C   1 
ATOM   1071 O  O   . VAL B 1 51 ? 12.940  8.106   -11.565 1.00 13.53  ? 51  VAL B O   1 
ATOM   1072 C  CB  . VAL B 1 51 ? 11.647  10.036  -9.173  1.00 14.38  ? 51  VAL B CB  1 
ATOM   1073 C  CG1 . VAL B 1 51 ? 11.469  10.743  -10.522 1.00 17.11  ? 51  VAL B CG1 1 
ATOM   1074 C  CG2 . VAL B 1 51 ? 10.378  10.056  -8.357  1.00 10.50  ? 51  VAL B CG2 1 
ATOM   1075 N  N   . SER B 1 52 ? 14.440  8.627   -10.024 1.00 10.12  ? 52  SER B N   1 
ATOM   1076 C  CA  . SER B 1 52 ? 15.602  8.553   -10.987 1.00 6.94   ? 52  SER B CA  1 
ATOM   1077 C  C   . SER B 1 52 ? 16.804  8.264   -10.084 1.00 12.13  ? 52  SER B C   1 
ATOM   1078 O  O   . SER B 1 52 ? 16.848  8.732   -8.952  1.00 6.86   ? 52  SER B O   1 
ATOM   1079 C  CB  . SER B 1 52 ? 15.683  9.818   -11.750 1.00 9.41   ? 52  SER B CB  1 
ATOM   1080 O  OG  . SER B 1 52 ? 15.934  11.014  -11.058 1.00 11.40  ? 52  SER B OG  1 
ATOM   1081 N  N   . GLY B 1 53 ? 17.762  7.532   -10.652 1.00 9.25   ? 53  GLY B N   1 
ATOM   1082 C  CA  . GLY B 1 53 ? 18.988  7.163   -9.890  1.00 9.47   ? 53  GLY B CA  1 
ATOM   1083 C  C   . GLY B 1 53 ? 18.792  5.777   -9.276  1.00 3.58   ? 53  GLY B C   1 
ATOM   1084 O  O   . GLY B 1 53 ? 17.809  5.083   -9.485  1.00 5.91   ? 53  GLY B O   1 
ATOM   1085 N  N   . SER B 1 54 ? 19.776  5.370   -8.482  1.00 8.99   ? 54  SER B N   1 
ATOM   1086 C  CA  . SER B 1 54 ? 19.700  4.034   -7.813  1.00 6.54   ? 54  SER B CA  1 
ATOM   1087 C  C   . SER B 1 54 ? 20.298  4.153   -6.377  1.00 8.44   ? 54  SER B C   1 
ATOM   1088 O  O   . SER B 1 54 ? 21.054  5.076   -6.083  1.00 9.12   ? 54  SER B O   1 
ATOM   1089 C  CB  . SER B 1 54 ? 20.297  2.870   -8.642  1.00 6.39   ? 54  SER B CB  1 
ATOM   1090 O  OG  . SER B 1 54 ? 21.675  3.152   -8.699  1.00 8.96   ? 54  SER B OG  1 
ATOM   1091 N  N   . VAL B 1 55 ? 19.862  3.213   -5.580  1.00 11.20  ? 55  VAL B N   1 
ATOM   1092 C  CA  . VAL B 1 55 ? 20.262  3.124   -4.206  1.00 12.05  ? 55  VAL B CA  1 
ATOM   1093 C  C   . VAL B 1 55 ? 20.608  1.645   -3.889  1.00 14.14  ? 55  VAL B C   1 
ATOM   1094 O  O   . VAL B 1 55 ? 20.207  0.774   -4.630  1.00 11.81  ? 55  VAL B O   1 
ATOM   1095 C  CB  . VAL B 1 55 ? 19.087  3.491   -3.239  1.00 7.56   ? 55  VAL B CB  1 
ATOM   1096 C  CG1 . VAL B 1 55 ? 18.712  4.979   -3.370  1.00 6.32   ? 55  VAL B CG1 1 
ATOM   1097 C  CG2 . VAL B 1 55 ? 17.843  2.693   -3.278  1.00 10.09  ? 55  VAL B CG2 1 
ATOM   1098 N  N   . ASP B 1 56 ? 21.325  1.555   -2.778  1.00 10.35  ? 56  ASP B N   1 
ATOM   1099 C  CA  . ASP B 1 56 ? 21.697  0.256   -2.223  1.00 14.30  ? 56  ASP B CA  1 
ATOM   1100 C  C   . ASP B 1 56 ? 20.819  0.178   -0.968  1.00 15.34  ? 56  ASP B C   1 
ATOM   1101 O  O   . ASP B 1 56 ? 21.128  0.960   -0.001  1.00 16.39  ? 56  ASP B O   1 
ATOM   1102 C  CB  . ASP B 1 56 ? 23.186  0.145   -1.815  1.00 14.62  ? 56  ASP B CB  1 
ATOM   1103 C  CG  . ASP B 1 56 ? 23.466  -1.103  -0.985  1.00 20.32  ? 56  ASP B CG  1 
ATOM   1104 O  OD1 . ASP B 1 56 ? 22.665  -2.026  -0.767  1.00 18.44  ? 56  ASP B OD1 1 
ATOM   1105 O  OD2 . ASP B 1 56 ? 24.631  -1.053  -0.544  1.00 23.99  ? 56  ASP B OD2 1 
ATOM   1106 N  N   . GLU B 1 57 ? 19.785  -0.628  -1.042  1.00 9.11   ? 57  GLU B N   1 
ATOM   1107 C  CA  . GLU B 1 57 ? 18.926  -0.718  0.168   1.00 13.63  ? 57  GLU B CA  1 
ATOM   1108 C  C   . GLU B 1 57 ? 18.964  -2.193  0.608   1.00 13.59  ? 57  GLU B C   1 
ATOM   1109 O  O   . GLU B 1 57 ? 17.959  -2.700  1.100   1.00 10.50  ? 57  GLU B O   1 
ATOM   1110 C  CB  . GLU B 1 57 ? 17.541  -0.271  0.006   1.00 12.26  ? 57  GLU B CB  1 
ATOM   1111 C  CG  . GLU B 1 57 ? 16.666  -0.916  -1.130  1.00 17.18  ? 57  GLU B CG  1 
ATOM   1112 C  CD  . GLU B 1 57 ? 15.286  -0.398  -1.336  1.00 21.99  ? 57  GLU B CD  1 
ATOM   1113 O  OE1 . GLU B 1 57 ? 14.781  -0.169  -0.241  1.00 18.40  ? 57  GLU B OE1 1 
ATOM   1114 O  OE2 . GLU B 1 57 ? 14.719  -0.203  -2.438  1.00 20.45  ? 57  GLU B OE2 1 
ATOM   1115 N  N   . SER B 1 58 ? 20.155  -2.762  0.430   1.00 14.79  ? 58  SER B N   1 
ATOM   1116 C  CA  . SER B 1 58 ? 20.325  -4.185  0.784   1.00 20.87  ? 58  SER B CA  1 
ATOM   1117 C  C   . SER B 1 58 ? 20.058  -4.507  2.256   1.00 25.23  ? 58  SER B C   1 
ATOM   1118 O  O   . SER B 1 58 ? 19.665  -5.660  2.538   1.00 18.36  ? 58  SER B O   1 
ATOM   1119 C  CB  . SER B 1 58 ? 21.676  -4.713  0.337   1.00 17.19  ? 58  SER B CB  1 
ATOM   1120 O  OG  . SER B 1 58 ? 22.692  -4.001  1.014   1.00 26.73  ? 58  SER B OG  1 
ATOM   1121 N  N   . GLU B 1 59 ? 20.199  -3.529  3.170   1.00 24.61  ? 59  GLU B N   1 
ATOM   1122 C  CA  . GLU B 1 59 ? 19.937  -3.781  4.597   1.00 31.74  ? 59  GLU B CA  1 
ATOM   1123 C  C   . GLU B 1 59 ? 18.441  -3.994  4.929   1.00 29.85  ? 59  GLU B C   1 
ATOM   1124 O  O   . GLU B 1 59 ? 18.047  -4.620  5.921   1.00 31.65  ? 59  GLU B O   1 
ATOM   1125 C  CB  . GLU B 1 59 ? 20.375  -2.666  5.577   1.00 39.02  ? 59  GLU B CB  1 
ATOM   1126 C  CG  . GLU B 1 59 ? 21.837  -2.620  6.033   1.00 58.86  ? 59  GLU B CG  1 
ATOM   1127 C  CD  . GLU B 1 59 ? 22.185  -1.355  6.778   1.00 67.34  ? 59  GLU B CD  1 
ATOM   1128 O  OE1 . GLU B 1 59 ? 21.250  -1.005  7.526   1.00 73.24  ? 59  GLU B OE1 1 
ATOM   1129 O  OE2 . GLU B 1 59 ? 23.193  -0.728  6.614   1.00 74.78  ? 59  GLU B OE2 1 
ATOM   1130 N  N   . GLY B 1 60 ? 17.652  -3.435  4.009   1.00 30.47  ? 60  GLY B N   1 
ATOM   1131 C  CA  . GLY B 1 60 ? 16.204  -3.452  4.067   1.00 28.04  ? 60  GLY B CA  1 
ATOM   1132 C  C   . GLY B 1 60 ? 15.662  -4.897  3.915   1.00 26.23  ? 60  GLY B C   1 
ATOM   1133 O  O   . GLY B 1 60 ? 16.236  -5.692  3.138   1.00 21.39  ? 60  GLY B O   1 
ATOM   1134 N  N   . SER B 1 61 ? 14.624  -5.114  4.692   1.00 20.33  ? 61  SER B N   1 
ATOM   1135 C  CA  . SER B 1 61 ? 13.970  -6.481  4.628   1.00 22.17  ? 61  SER B CA  1 
ATOM   1136 C  C   . SER B 1 61 ? 12.472  -6.448  4.451   1.00 22.95  ? 61  SER B C   1 
ATOM   1137 O  O   . SER B 1 61 ? 11.864  -7.480  4.163   1.00 21.81  ? 61  SER B O   1 
ATOM   1138 C  CB  . SER B 1 61 ? 14.381  -7.214  5.942   1.00 33.56  ? 61  SER B CB  1 
ATOM   1139 O  OG  . SER B 1 61 ? 13.626  -6.877  7.074   1.00 31.42  ? 61  SER B OG  1 
ATOM   1140 N  N   . PHE B 1 62 ? 11.895  -5.253  4.535   1.00 15.56  ? 62  PHE B N   1 
ATOM   1141 C  CA  . PHE B 1 62 ? 10.446  -5.116  4.410   1.00 18.83  ? 62  PHE B CA  1 
ATOM   1142 C  C   . PHE B 1 62 ? 9.731   -5.228  3.108   1.00 21.20  ? 62  PHE B C   1 
ATOM   1143 O  O   . PHE B 1 62 ? 8.615   -5.834  3.033   1.00 19.61  ? 62  PHE B O   1 
ATOM   1144 C  CB  . PHE B 1 62 ? 10.100  -3.695  5.025   1.00 15.61  ? 62  PHE B CB  1 
ATOM   1145 C  CG  . PHE B 1 62 ? 8.599   -3.685  5.268   1.00 24.62  ? 62  PHE B CG  1 
ATOM   1146 C  CD1 . PHE B 1 62 ? 8.083   -4.438  6.297   1.00 31.48  ? 62  PHE B CD1 1 
ATOM   1147 C  CD2 . PHE B 1 62 ? 7.797   -2.910  4.445   1.00 24.46  ? 62  PHE B CD2 1 
ATOM   1148 C  CE1 . PHE B 1 62 ? 6.703   -4.517  6.544   1.00 33.19  ? 62  PHE B CE1 1 
ATOM   1149 C  CE2 . PHE B 1 62 ? 6.426   -2.925  4.694   1.00 28.86  ? 62  PHE B CE2 1 
ATOM   1150 C  CZ  . PHE B 1 62 ? 5.878   -3.725  5.721   1.00 25.78  ? 62  PHE B CZ  1 
ATOM   1151 N  N   . LEU B 1 63 ? 10.311  -4.592  2.079   1.00 17.85  ? 63  LEU B N   1 
ATOM   1152 C  CA  . LEU B 1 63 ? 9.717   -4.577  0.740   1.00 16.53  ? 63  LEU B CA  1 
ATOM   1153 C  C   . LEU B 1 63 ? 9.954   -5.836  -0.065  1.00 13.64  ? 63  LEU B C   1 
ATOM   1154 O  O   . LEU B 1 63 ? 10.975  -6.512  0.026   1.00 13.19  ? 63  LEU B O   1 
ATOM   1155 C  CB  . LEU B 1 63 ? 10.315  -3.336  0.052   1.00 17.38  ? 63  LEU B CB  1 
ATOM   1156 C  CG  . LEU B 1 63 ? 10.175  -1.917  0.585   1.00 15.09  ? 63  LEU B CG  1 
ATOM   1157 C  CD1 . LEU B 1 63 ? 10.917  -0.979  -0.334  1.00 17.06  ? 63  LEU B CD1 1 
ATOM   1158 C  CD2 . LEU B 1 63 ? 8.699   -1.559  0.650   1.00 21.12  ? 63  LEU B CD2 1 
ATOM   1159 N  N   . ASP B 1 64 ? 8.912   -6.025  -0.874  1.00 16.15  ? 64  ASP B N   1 
ATOM   1160 C  CA  . ASP B 1 64 ? 8.906   -7.246  -1.738  1.00 18.42  ? 64  ASP B CA  1 
ATOM   1161 C  C   . ASP B 1 64 ? 9.610   -6.825  -3.044  1.00 18.30  ? 64  ASP B C   1 
ATOM   1162 O  O   . ASP B 1 64 ? 9.886   -5.591  -3.284  1.00 16.36  ? 64  ASP B O   1 
ATOM   1163 C  CB  . ASP B 1 64 ? 7.512   -7.860  -1.876  1.00 14.10  ? 64  ASP B CB  1 
ATOM   1164 C  CG  . ASP B 1 64 ? 6.715   -7.492  -3.079  1.00 26.46  ? 64  ASP B CG  1 
ATOM   1165 O  OD1 . ASP B 1 64 ? 6.733   -6.339  -3.569  1.00 25.55  ? 64  ASP B OD1 1 
ATOM   1166 O  OD2 . ASP B 1 64 ? 6.065   -8.332  -3.693  1.00 32.09  ? 64  ASP B OD2 1 
ATOM   1167 N  N   . ASP B 1 65 ? 9.975   -7.753  -3.835  1.00 14.89  ? 65  ASP B N   1 
ATOM   1168 C  CA  . ASP B 1 65 ? 10.673  -7.614  -5.099  1.00 17.02  ? 65  ASP B CA  1 
ATOM   1169 C  C   . ASP B 1 65 ? 9.913   -6.652  -6.009  1.00 14.85  ? 65  ASP B C   1 
ATOM   1170 O  O   . ASP B 1 65 ? 10.563  -5.804  -6.702  1.00 21.00  ? 65  ASP B O   1 
ATOM   1171 C  CB  . ASP B 1 65 ? 10.890  -8.939  -5.767  1.00 12.96  ? 65  ASP B CB  1 
ATOM   1172 C  CG  . ASP B 1 65 ? 11.841  -9.884  -5.079  1.00 11.21  ? 65  ASP B CG  1 
ATOM   1173 O  OD1 . ASP B 1 65 ? 12.479  -9.411  -4.147  1.00 18.13  ? 65  ASP B OD1 1 
ATOM   1174 O  OD2 . ASP B 1 65 ? 12.003  -11.041 -5.513  1.00 25.05  ? 65  ASP B OD2 1 
ATOM   1175 N  N   . GLY B 1 66 ? 8.617   -6.847  -6.040  1.00 14.13  ? 66  GLY B N   1 
ATOM   1176 C  CA  . GLY B 1 66 ? 7.738   -6.013  -6.912  1.00 14.36  ? 66  GLY B CA  1 
ATOM   1177 C  C   . GLY B 1 66 ? 7.825   -4.536  -6.551  1.00 18.30  ? 66  GLY B C   1 
ATOM   1178 O  O   . GLY B 1 66 ? 7.973   -3.668  -7.412  1.00 18.66  ? 66  GLY B O   1 
ATOM   1179 N  N   . GLN B 1 67 ? 7.812   -4.251  -5.240  1.00 16.82  ? 67  GLN B N   1 
ATOM   1180 C  CA  . GLN B 1 67 ? 7.930   -2.876  -4.739  1.00 16.51  ? 67  GLN B CA  1 
ATOM   1181 C  C   . GLN B 1 67 ? 9.246   -2.251  -5.027  1.00 12.18  ? 67  GLN B C   1 
ATOM   1182 O  O   . GLN B 1 67 ? 9.294   -1.122  -5.467  1.00 15.36  ? 67  GLN B O   1 
ATOM   1183 C  CB  . GLN B 1 67 ? 7.724   -2.819  -3.210  1.00 18.67  ? 67  GLN B CB  1 
ATOM   1184 C  CG  . GLN B 1 67 ? 6.267   -3.054  -2.970  1.00 21.46  ? 67  GLN B CG  1 
ATOM   1185 C  CD  . GLN B 1 67 ? 5.916   -3.660  -1.649  1.00 30.63  ? 67  GLN B CD  1 
ATOM   1186 O  OE1 . GLN B 1 67 ? 6.739   -4.096  -0.818  1.00 23.02  ? 67  GLN B OE1 1 
ATOM   1187 N  NE2 . GLN B 1 67 ? 4.609   -3.576  -1.441  1.00 30.11  ? 67  GLN B NE2 1 
ATOM   1188 N  N   . MET B 1 68 ? 10.296  -3.027  -4.796  1.00 12.31  ? 68  MET B N   1 
ATOM   1189 C  CA  . MET B 1 68 ? 11.632  -2.492  -5.037  1.00 12.97  ? 68  MET B CA  1 
ATOM   1190 C  C   . MET B 1 68 ? 11.659  -2.137  -6.522  1.00 16.83  ? 68  MET B C   1 
ATOM   1191 O  O   . MET B 1 68 ? 12.034  -1.036  -6.898  1.00 20.00  ? 68  MET B O   1 
ATOM   1192 C  CB  . MET B 1 68 ? 12.688  -3.366  -4.435  1.00 15.85  ? 68  MET B CB  1 
ATOM   1193 C  CG  . MET B 1 68 ? 12.535  -3.275  -2.949  1.00 18.92  ? 68  MET B CG  1 
ATOM   1194 S  SD  . MET B 1 68 ? 14.024  -4.045  -2.227  1.00 26.26  ? 68  MET B SD  1 
ATOM   1195 C  CE  . MET B 1 68 ? 13.362  -5.707  -2.017  1.00 23.12  ? 68  MET B CE  1 
ATOM   1196 N  N   . GLU B 1 69 ? 11.264  -3.077  -7.356  1.00 18.74  ? 69  GLU B N   1 
ATOM   1197 C  CA  . GLU B 1 69 ? 11.210  -2.950  -8.803  1.00 25.86  ? 69  GLU B CA  1 
ATOM   1198 C  C   . GLU B 1 69 ? 10.530  -1.650  -9.235  1.00 24.19  ? 69  GLU B C   1 
ATOM   1199 O  O   . GLU B 1 69 ? 11.018  -1.025  -10.128 1.00 21.23  ? 69  GLU B O   1 
ATOM   1200 C  CB  . GLU B 1 69 ? 10.530  -4.194  -9.426  1.00 33.67  ? 69  GLU B CB  1 
ATOM   1201 C  CG  . GLU B 1 69 ? 9.965   -4.126  -10.809 1.00 47.56  ? 69  GLU B CG  1 
ATOM   1202 C  CD  . GLU B 1 69 ? 8.552   -4.651  -10.993 1.00 52.65  ? 69  GLU B CD  1 
ATOM   1203 O  OE1 . GLU B 1 69 ? 8.519   -5.897  -11.159 1.00 57.67  ? 69  GLU B OE1 1 
ATOM   1204 O  OE2 . GLU B 1 69 ? 7.550   -3.924  -10.988 1.00 54.22  ? 69  GLU B OE2 1 
ATOM   1205 N  N   . GLU B 1 70 ? 9.425   -1.315  -8.544  1.00 24.08  ? 70  GLU B N   1 
ATOM   1206 C  CA  . GLU B 1 70 ? 8.613   -0.142  -8.800  1.00 22.71  ? 70  GLU B CA  1 
ATOM   1207 C  C   . GLU B 1 70 ? 9.337   1.150   -8.313  1.00 20.30  ? 70  GLU B C   1 
ATOM   1208 O  O   . GLU B 1 70 ? 8.849   2.236   -8.692  1.00 24.10  ? 70  GLU B O   1 
ATOM   1209 C  CB  . GLU B 1 70 ? 7.257   -0.051  -8.127  1.00 31.09  ? 70  GLU B CB  1 
ATOM   1210 C  CG  . GLU B 1 70 ? 6.115   -0.975  -8.490  1.00 43.84  ? 70  GLU B CG  1 
ATOM   1211 C  CD  . GLU B 1 70 ? 4.905   -1.003  -7.579  1.00 56.83  ? 70  GLU B CD  1 
ATOM   1212 O  OE1 . GLU B 1 70 ? 4.044   -0.146  -7.890  1.00 58.96  ? 70  GLU B OE1 1 
ATOM   1213 O  OE2 . GLU B 1 70 ? 4.726   -1.784  -6.624  1.00 58.08  ? 70  GLU B OE2 1 
ATOM   1214 N  N   . GLY B 1 71 ? 10.410  1.034   -7.555  1.00 15.70  ? 71  GLY B N   1 
ATOM   1215 C  CA  . GLY B 1 71 ? 11.096  2.285   -7.118  1.00 13.27  ? 71  GLY B CA  1 
ATOM   1216 C  C   . GLY B 1 71 ? 10.911  2.542   -5.630  1.00 12.29  ? 71  GLY B C   1 
ATOM   1217 O  O   . GLY B 1 71 ? 11.586  3.442   -5.108  1.00 11.83  ? 71  GLY B O   1 
ATOM   1218 N  N   . PHE B 1 72 ? 10.153  1.701   -4.943  1.00 8.46   ? 72  PHE B N   1 
ATOM   1219 C  CA  . PHE B 1 72 ? 10.018  1.922   -3.453  1.00 10.80  ? 72  PHE B CA  1 
ATOM   1220 C  C   . PHE B 1 72 ? 11.308  1.652   -2.733  1.00 12.59  ? 72  PHE B C   1 
ATOM   1221 O  O   . PHE B 1 72 ? 12.092  0.743   -2.987  1.00 9.02   ? 72  PHE B O   1 
ATOM   1222 C  CB  . PHE B 1 72 ? 8.796   1.219   -2.976  1.00 11.99  ? 72  PHE B CB  1 
ATOM   1223 C  CG  . PHE B 1 72 ? 7.527   1.813   -3.455  1.00 15.56  ? 72  PHE B CG  1 
ATOM   1224 C  CD1 . PHE B 1 72 ? 7.062   2.966   -2.852  1.00 10.97  ? 72  PHE B CD1 1 
ATOM   1225 C  CD2 . PHE B 1 72 ? 6.833   1.171   -4.440  1.00 11.51  ? 72  PHE B CD2 1 
ATOM   1226 C  CE1 . PHE B 1 72 ? 5.882   3.566   -3.280  1.00 19.34  ? 72  PHE B CE1 1 
ATOM   1227 C  CE2 . PHE B 1 72 ? 5.618   1.723   -4.871  1.00 21.91  ? 72  PHE B CE2 1 
ATOM   1228 C  CZ  . PHE B 1 72 ? 5.124   2.901   -4.315  1.00 24.42  ? 72  PHE B CZ  1 
ATOM   1229 N  N   . VAL B 1 73 ? 11.577  2.535   -1.767  1.00 9.69   ? 73  VAL B N   1 
ATOM   1230 C  CA  . VAL B 1 73 ? 12.825  2.505   -0.997  1.00 12.83  ? 73  VAL B CA  1 
ATOM   1231 C  C   . VAL B 1 73 ? 12.587  2.727   0.534   1.00 11.44  ? 73  VAL B C   1 
ATOM   1232 O  O   . VAL B 1 73 ? 11.591  3.433   0.818   1.00 9.76   ? 73  VAL B O   1 
ATOM   1233 C  CB  . VAL B 1 73 ? 13.819  3.593   -1.573  1.00 12.40  ? 73  VAL B CB  1 
ATOM   1234 C  CG1 . VAL B 1 73 ? 13.279  4.983   -1.622  1.00 11.70  ? 73  VAL B CG1 1 
ATOM   1235 C  CG2 . VAL B 1 73 ? 15.105  3.681   -0.845  1.00 14.25  ? 73  VAL B CG2 1 
ATOM   1236 N  N   . LEU B 1 74 ? 13.383  2.099   1.359   1.00 8.14   ? 74  LEU B N   1 
ATOM   1237 C  CA  . LEU B 1 74 ? 13.276  2.372   2.805   1.00 11.15  ? 74  LEU B CA  1 
ATOM   1238 C  C   . LEU B 1 74 ? 14.364  3.415   3.027   1.00 7.15   ? 74  LEU B C   1 
ATOM   1239 O  O   . LEU B 1 74 ? 15.552  3.050   3.040   1.00 9.63   ? 74  LEU B O   1 
ATOM   1240 C  CB  . LEU B 1 74 ? 13.405  1.021   3.625   1.00 11.07  ? 74  LEU B CB  1 
ATOM   1241 C  CG  . LEU B 1 74 ? 12.382  0.014   3.221   1.00 15.30  ? 74  LEU B CG  1 
ATOM   1242 C  CD1 . LEU B 1 74 ? 12.633  -1.350  3.954   1.00 16.98  ? 74  LEU B CD1 1 
ATOM   1243 C  CD2 . LEU B 1 74 ? 10.983  0.514   3.526   1.00 14.63  ? 74  LEU B CD2 1 
ATOM   1244 N  N   . THR B 1 75 ? 14.011  4.660   3.126   1.00 7.01   ? 75  THR B N   1 
ATOM   1245 C  CA  . THR B 1 75 ? 14.995  5.782   3.297   1.00 7.35   ? 75  THR B CA  1 
ATOM   1246 C  C   . THR B 1 75 ? 15.799  5.618   4.552   1.00 7.96   ? 75  THR B C   1 
ATOM   1247 O  O   . THR B 1 75 ? 16.905  6.237   4.533   1.00 8.81   ? 75  THR B O   1 
ATOM   1248 C  CB  . THR B 1 75 ? 14.279  7.163   3.144   1.00 9.42   ? 75  THR B CB  1 
ATOM   1249 O  OG1 . THR B 1 75 ? 13.326  7.293   4.213   1.00 10.43  ? 75  THR B OG1 1 
ATOM   1250 C  CG2 . THR B 1 75 ? 13.521  7.369   1.799   1.00 10.85  ? 75  THR B CG2 1 
ATOM   1251 N  N   . CYS B 1 76 ? 15.489  4.926   5.640   1.00 7.16   ? 76  CYS B N   1 
ATOM   1252 C  CA  . CYS B 1 76 ? 16.375  4.850   6.809   1.00 6.16   ? 76  CYS B CA  1 
ATOM   1253 C  C   . CYS B 1 76 ? 17.656  4.005   6.583   1.00 14.06  ? 76  CYS B C   1 
ATOM   1254 O  O   . CYS B 1 76 ? 18.673  4.149   7.251   1.00 10.84  ? 76  CYS B O   1 
ATOM   1255 C  CB  . CYS B 1 76 ? 15.589  4.357   7.968   1.00 13.85  ? 76  CYS B CB  1 
ATOM   1256 S  SG  . CYS B 1 76 ? 15.167  2.613   7.815   1.00 12.37  ? 76  CYS B SG  1 
ATOM   1257 N  N   . ILE B 1 77 ? 17.544  3.079   5.626   1.00 7.10   ? 77  ILE B N   1 
ATOM   1258 C  CA  . ILE B 1 77 ? 18.611  2.185   5.247   1.00 18.44  ? 77  ILE B CA  1 
ATOM   1259 C  C   . ILE B 1 77 ? 19.274  2.355   3.889   1.00 10.44  ? 77  ILE B C   1 
ATOM   1260 O  O   . ILE B 1 77 ? 20.386  1.846   3.661   1.00 12.48  ? 77  ILE B O   1 
ATOM   1261 C  CB  . ILE B 1 77 ? 17.820  0.773   5.222   1.00 22.56  ? 77  ILE B CB  1 
ATOM   1262 C  CG1 . ILE B 1 77 ? 18.286  -0.066  6.445   1.00 25.56  ? 77  ILE B CG1 1 
ATOM   1263 C  CG2 . ILE B 1 77 ? 17.765  0.044   3.851   1.00 20.80  ? 77  ILE B CG2 1 
ATOM   1264 C  CD1 . ILE B 1 77 ? 18.559  0.796   7.690   1.00 30.44  ? 77  ILE B CD1 1 
ATOM   1265 N  N   . ALA B 1 78 ? 18.657  3.139   3.029   1.00 15.57  ? 78  ALA B N   1 
ATOM   1266 C  CA  . ALA B 1 78 ? 19.139  3.369   1.661   1.00 10.40  ? 78  ALA B CA  1 
ATOM   1267 C  C   . ALA B 1 78 ? 20.251  4.347   1.510   1.00 12.93  ? 78  ALA B C   1 
ATOM   1268 O  O   . ALA B 1 78 ? 20.235  5.459   2.091   1.00 10.91  ? 78  ALA B O   1 
ATOM   1269 C  CB  . ALA B 1 78 ? 17.937  3.658   0.760   1.00 8.47   ? 78  ALA B CB  1 
ATOM   1270 N  N   . ILE B 1 79 ? 21.276  3.861   0.764   1.00 8.14   ? 79  ILE B N   1 
ATOM   1271 C  CA  . ILE B 1 79 ? 22.487  4.703   0.477   1.00 8.97   ? 79  ILE B CA  1 
ATOM   1272 C  C   . ILE B 1 79 ? 22.471  4.947   -1.013  1.00 11.80  ? 79  ILE B C   1 
ATOM   1273 O  O   . ILE B 1 79 ? 22.267  3.932   -1.744  1.00 12.40  ? 79  ILE B O   1 
ATOM   1274 C  CB  . ILE B 1 79 ? 23.684  3.868   1.087   1.00 16.65  ? 79  ILE B CB  1 
ATOM   1275 C  CG1 . ILE B 1 79 ? 23.419  3.896   2.613   1.00 16.52  ? 79  ILE B CG1 1 
ATOM   1276 C  CG2 . ILE B 1 79 ? 25.074  4.376   0.662   1.00 19.88  ? 79  ILE B CG2 1 
ATOM   1277 C  CD1 . ILE B 1 79 ? 24.480  3.078   3.402   1.00 25.35  ? 79  ILE B CD1 1 
ATOM   1278 N  N   . PRO B 1 80 ? 22.644  6.198   -1.445  1.00 10.93  ? 80  PRO B N   1 
ATOM   1279 C  CA  . PRO B 1 80 ? 22.656  6.557   -2.837  1.00 9.07   ? 80  PRO B CA  1 
ATOM   1280 C  C   . PRO B 1 80 ? 23.819  5.900   -3.578  1.00 11.21  ? 80  PRO B C   1 
ATOM   1281 O  O   . PRO B 1 80 ? 24.884  5.657   -2.963  1.00 10.47  ? 80  PRO B O   1 
ATOM   1282 C  CB  . PRO B 1 80 ? 22.701  8.091   -2.897  1.00 11.82  ? 80  PRO B CB  1 
ATOM   1283 C  CG  . PRO B 1 80 ? 23.041  8.541   -1.515  1.00 16.95  ? 80  PRO B CG  1 
ATOM   1284 C  CD  . PRO B 1 80 ? 22.832  7.357   -0.571  1.00 12.65  ? 80  PRO B CD  1 
ATOM   1285 N  N   . GLU B 1 81 ? 23.623  5.622   -4.854  1.00 12.09  ? 81  GLU B N   1 
ATOM   1286 C  CA  . GLU B 1 81 ? 24.706  5.103   -5.737  1.00 11.39  ? 81  GLU B CA  1 
ATOM   1287 C  C   . GLU B 1 81 ? 24.898  6.096   -6.826  1.00 12.06  ? 81  GLU B C   1 
ATOM   1288 O  O   . GLU B 1 81 ? 25.919  5.967   -7.565  1.00 11.33  ? 81  GLU B O   1 
ATOM   1289 C  CB  . GLU B 1 81 ? 24.412  3.719   -6.341  1.00 10.89  ? 81  GLU B CB  1 
ATOM   1290 C  CG  . GLU B 1 81 ? 24.174  2.622   -5.303  1.00 12.41  ? 81  GLU B CG  1 
ATOM   1291 C  CD  . GLU B 1 81 ? 23.729  1.351   -5.960  1.00 13.36  ? 81  GLU B CD  1 
ATOM   1292 O  OE1 . GLU B 1 81 ? 23.006  1.512   -6.977  1.00 14.41  ? 81  GLU B OE1 1 
ATOM   1293 O  OE2 . GLU B 1 81 ? 24.070  0.295   -5.495  1.00 20.35  ? 81  GLU B OE2 1 
ATOM   1294 N  N   . SER B 1 82 ? 23.996  7.039   -6.904  1.00 5.18   ? 82  SER B N   1 
ATOM   1295 C  CA  . SER B 1 82 ? 24.074  8.108   -7.905  1.00 6.27   ? 82  SER B CA  1 
ATOM   1296 C  C   . SER B 1 82 ? 23.287  9.284   -7.320  1.00 11.87  ? 82  SER B C   1 
ATOM   1297 O  O   . SER B 1 82 ? 22.746  9.116   -6.280  1.00 11.68  ? 82  SER B O   1 
ATOM   1298 C  CB  . SER B 1 82 ? 23.359  7.568   -9.170  1.00 9.33   ? 82  SER B CB  1 
ATOM   1299 O  OG  . SER B 1 82 ? 21.980  7.350   -8.972  1.00 15.10  ? 82  SER B OG  1 
ATOM   1300 N  N   . ASP B 1 83 ? 23.137  10.296  -8.148  1.00 13.45  ? 83  ASP B N   1 
ATOM   1301 C  CA  . ASP B 1 83 ? 22.286  11.463  -7.846  1.00 12.00  ? 83  ASP B CA  1 
ATOM   1302 C  C   . ASP B 1 83 ? 20.898  10.843  -7.936  1.00 9.31   ? 83  ASP B C   1 
ATOM   1303 O  O   . ASP B 1 83 ? 20.614  9.965   -8.810  1.00 8.22   ? 83  ASP B O   1 
ATOM   1304 C  CB  . ASP B 1 83 ? 22.462  12.537  -8.935  1.00 14.24  ? 83  ASP B CB  1 
ATOM   1305 C  CG  . ASP B 1 83 ? 23.840  13.233  -8.796  1.00 24.60  ? 83  ASP B CG  1 
ATOM   1306 O  OD1 . ASP B 1 83 ? 24.554  13.009  -7.781  1.00 32.94  ? 83  ASP B OD1 1 
ATOM   1307 O  OD2 . ASP B 1 83 ? 24.106  14.018  -9.699  1.00 34.88  ? 83  ASP B OD2 1 
ATOM   1308 N  N   . LEU B 1 84 ? 20.054  11.330  -7.040  1.00 8.88   ? 84  LEU B N   1 
ATOM   1309 C  CA  . LEU B 1 84 ? 18.684  10.825  -6.895  1.00 4.69   ? 84  LEU B CA  1 
ATOM   1310 C  C   . LEU B 1 84 ? 17.576  11.910  -6.842  1.00 5.69   ? 84  LEU B C   1 
ATOM   1311 O  O   . LEU B 1 84 ? 17.930  13.056  -6.567  1.00 8.41   ? 84  LEU B O   1 
ATOM   1312 C  CB  . LEU B 1 84 ? 18.712  10.287  -5.411  1.00 15.77  ? 84  LEU B CB  1 
ATOM   1313 C  CG  . LEU B 1 84 ? 19.436  8.972   -5.256  1.00 14.08  ? 84  LEU B CG  1 
ATOM   1314 C  CD1 . LEU B 1 84 ? 19.517  8.609   -3.766  1.00 25.92  ? 84  LEU B CD1 1 
ATOM   1315 C  CD2 . LEU B 1 84 ? 18.721  7.835   -6.066  1.00 12.24  ? 84  LEU B CD2 1 
ATOM   1316 N  N   . VAL B 1 85 ? 16.400  11.507  -7.196  1.00 8.33   ? 85  VAL B N   1 
ATOM   1317 C  CA  . VAL B 1 85 ? 15.125  12.283  -7.066  1.00 4.32   ? 85  VAL B CA  1 
ATOM   1318 C  C   . VAL B 1 85 ? 14.295  11.279  -6.339  1.00 5.53   ? 85  VAL B C   1 
ATOM   1319 O  O   . VAL B 1 85 ? 14.127  10.079  -6.793  1.00 9.30   ? 85  VAL B O   1 
ATOM   1320 C  CB  . VAL B 1 85 ? 14.614  12.737  -8.438  1.00 5.59   ? 85  VAL B CB  1 
ATOM   1321 C  CG1 . VAL B 1 85 ? 13.189  13.333  -8.227  1.00 8.06   ? 85  VAL B CG1 1 
ATOM   1322 C  CG2 . VAL B 1 85 ? 15.531  13.746  -9.114  1.00 6.57   ? 85  VAL B CG2 1 
ATOM   1323 N  N   . ILE B 1 86 ? 13.793  11.642  -5.147  1.00 6.54   ? 86  ILE B N   1 
ATOM   1324 C  CA  . ILE B 1 86 ? 13.006  10.671  -4.324  1.00 4.31   ? 86  ILE B CA  1 
ATOM   1325 C  C   . ILE B 1 86 ? 11.727  11.363  -3.916  1.00 6.24   ? 86  ILE B C   1 
ATOM   1326 O  O   . ILE B 1 86 ? 11.906  12.486  -3.510  1.00 9.11   ? 86  ILE B O   1 
ATOM   1327 C  CB  . ILE B 1 86 ? 13.858  10.261  -3.071  1.00 11.79  ? 86  ILE B CB  1 
ATOM   1328 C  CG1 . ILE B 1 86 ? 15.124  9.512   -3.528  1.00 18.62  ? 86  ILE B CG1 1 
ATOM   1329 C  CG2 . ILE B 1 86 ? 13.090  9.404   -2.012  1.00 11.09  ? 86  ILE B CG2 1 
ATOM   1330 C  CD1 . ILE B 1 86 ? 16.156  9.195   -2.450  1.00 23.15  ? 86  ILE B CD1 1 
ATOM   1331 N  N   . GLU B 1 87 ? 10.618  10.611  -3.993  1.00 6.55   ? 87  GLU B N   1 
ATOM   1332 C  CA  . GLU B 1 87 ? 9.397   11.253  -3.489  1.00 8.13   ? 87  GLU B CA  1 
ATOM   1333 C  C   . GLU B 1 87 ? 9.337   10.711  -2.056  1.00 11.05  ? 87  GLU B C   1 
ATOM   1334 O  O   . GLU B 1 87 ? 9.564   9.471   -1.882  1.00 9.85   ? 87  GLU B O   1 
ATOM   1335 C  CB  . GLU B 1 87 ? 8.212   10.737  -4.219  1.00 4.99   ? 87  GLU B CB  1 
ATOM   1336 C  CG  . GLU B 1 87 ? 7.991   11.614  -5.474  1.00 16.24  ? 87  GLU B CG  1 
ATOM   1337 C  CD  . GLU B 1 87 ? 7.247   10.944  -6.602  1.00 24.94  ? 87  GLU B CD  1 
ATOM   1338 O  OE1 . GLU B 1 87 ? 6.803   9.829   -6.323  1.00 24.70  ? 87  GLU B OE1 1 
ATOM   1339 O  OE2 . GLU B 1 87 ? 7.135   11.519  -7.717  1.00 25.95  ? 87  GLU B OE2 1 
ATOM   1340 N  N   . THR B 1 88 ? 9.120   11.518  -1.026  1.00 8.29   ? 88  THR B N   1 
ATOM   1341 C  CA  . THR B 1 88 ? 9.098   11.094  0.364   1.00 4.53   ? 88  THR B CA  1 
ATOM   1342 C  C   . THR B 1 88 ? 7.640   10.984  0.887   1.00 11.17  ? 88  THR B C   1 
ATOM   1343 O  O   . THR B 1 88 ? 6.702   11.285  0.140   1.00 8.74   ? 88  THR B O   1 
ATOM   1344 C  CB  . THR B 1 88 ? 9.961   12.046  1.272   1.00 8.12   ? 88  THR B CB  1 
ATOM   1345 O  OG1 . THR B 1 88 ? 9.159   13.268  1.251   1.00 8.53   ? 88  THR B OG1 1 
ATOM   1346 C  CG2 . THR B 1 88 ? 11.369  12.269  0.655   1.00 9.33   ? 88  THR B CG2 1 
ATOM   1347 N  N   . HIS B 1 89 ? 7.513   10.504  2.129   1.00 6.10   ? 89  HIS B N   1 
ATOM   1348 C  CA  . HIS B 1 89 ? 6.197   10.356  2.753   1.00 11.86  ? 89  HIS B CA  1 
ATOM   1349 C  C   . HIS B 1 89 ? 5.255   9.528   1.937   1.00 11.76  ? 89  HIS B C   1 
ATOM   1350 O  O   . HIS B 1 89 ? 4.085   9.960   1.787   1.00 15.79  ? 89  HIS B O   1 
ATOM   1351 C  CB  . HIS B 1 89 ? 5.622   11.825  2.983   1.00 8.60   ? 89  HIS B CB  1 
ATOM   1352 C  CG  . HIS B 1 89 ? 6.374   12.714  3.930   1.00 13.02  ? 89  HIS B CG  1 
ATOM   1353 N  ND1 . HIS B 1 89 ? 7.592   13.333  3.730   1.00 12.93  ? 89  HIS B ND1 1 
ATOM   1354 C  CD2 . HIS B 1 89 ? 5.993   13.128  5.177   1.00 20.26  ? 89  HIS B CD2 1 
ATOM   1355 C  CE1 . HIS B 1 89 ? 7.934   14.085  4.791   1.00 18.87  ? 89  HIS B CE1 1 
ATOM   1356 N  NE2 . HIS B 1 89 ? 6.949   13.966  5.667   1.00 14.27  ? 89  HIS B NE2 1 
ATOM   1357 N  N   . LYS B 1 90 ? 5.709   8.450   1.381   1.00 13.93  ? 90  LYS B N   1 
ATOM   1358 C  CA  . LYS B 1 90 ? 4.909   7.521   0.524   1.00 15.84  ? 90  LYS B CA  1 
ATOM   1359 C  C   . LYS B 1 90 ? 4.129   6.481   1.253   1.00 21.78  ? 90  LYS B C   1 
ATOM   1360 O  O   . LYS B 1 90 ? 3.311   5.836   0.587   1.00 22.50  ? 90  LYS B O   1 
ATOM   1361 C  CB  . LYS B 1 90 ? 5.819   6.853   -0.511  1.00 14.06  ? 90  LYS B CB  1 
ATOM   1362 C  CG  . LYS B 1 90 ? 6.097   7.926   -1.641  1.00 15.59  ? 90  LYS B CG  1 
ATOM   1363 C  CD  . LYS B 1 90 ? 4.909   7.782   -2.597  1.00 23.50  ? 90  LYS B CD  1 
ATOM   1364 C  CE  . LYS B 1 90 ? 4.916   8.701   -3.792  1.00 24.08  ? 90  LYS B CE  1 
ATOM   1365 N  NZ  . LYS B 1 90 ? 4.985   10.113  -3.293  1.00 38.28  ? 90  LYS B NZ  1 
ATOM   1366 N  N   . GLU B 1 91 ? 4.373   6.294   2.569   1.00 25.57  ? 91  GLU B N   1 
ATOM   1367 C  CA  . GLU B 1 91 ? 3.602   5.318   3.300   1.00 38.47  ? 91  GLU B CA  1 
ATOM   1368 C  C   . GLU B 1 91 ? 2.178   5.852   3.371   1.00 49.43  ? 91  GLU B C   1 
ATOM   1369 O  O   . GLU B 1 91 ? 1.161   5.174   3.300   1.00 53.72  ? 91  GLU B O   1 
ATOM   1370 C  CB  . GLU B 1 91 ? 4.062   5.040   4.720   1.00 24.21  ? 91  GLU B CB  1 
ATOM   1371 C  CG  . GLU B 1 91 ? 3.401   3.777   5.358   1.00 25.66  ? 91  GLU B CG  1 
ATOM   1372 C  CD  . GLU B 1 91 ? 3.561   3.783   6.859   1.00 31.51  ? 91  GLU B CD  1 
ATOM   1373 O  OE1 . GLU B 1 91 ? 3.261   4.895   7.332   1.00 29.70  ? 91  GLU B OE1 1 
ATOM   1374 O  OE2 . GLU B 1 91 ? 3.882   2.800   7.512   1.00 32.43  ? 91  GLU B OE2 1 
ATOM   1375 N  N   . GLU B 1 92 ? 2.121   7.170   3.394   1.00 59.66  ? 92  GLU B N   1 
ATOM   1376 C  CA  . GLU B 1 92 ? 1.053   8.154   3.447   1.00 69.28  ? 92  GLU B CA  1 
ATOM   1377 C  C   . GLU B 1 92 ? 0.274   8.161   2.143   1.00 72.73  ? 92  GLU B C   1 
ATOM   1378 O  O   . GLU B 1 92 ? -0.150  9.144   1.532   1.00 73.53  ? 92  GLU B O   1 
ATOM   1379 C  CB  . GLU B 1 92 ? 1.673   9.538   3.648   1.00 75.61  ? 92  GLU B CB  1 
ATOM   1380 C  CG  . GLU B 1 92 ? 0.988   10.790  4.101   1.00 81.53  ? 92  GLU B CG  1 
ATOM   1381 C  CD  . GLU B 1 92 ? 1.008   11.185  5.557   1.00 85.75  ? 92  GLU B CD  1 
ATOM   1382 O  OE1 . GLU B 1 92 ? 0.133   10.778  6.340   1.00 86.13  ? 92  GLU B OE1 1 
ATOM   1383 O  OE2 . GLU B 1 92 ? 1.903   11.937  5.856   1.00 87.34  ? 92  GLU B OE2 1 
ATOM   1384 N  N   . GLU B 1 93 ? 0.066   6.921   1.639   1.00 77.14  ? 93  GLU B N   1 
ATOM   1385 C  CA  . GLU B 1 93 ? -0.641  6.585   0.427   1.00 81.11  ? 93  GLU B CA  1 
ATOM   1386 C  C   . GLU B 1 93 ? -0.879  5.054   0.429   1.00 82.04  ? 93  GLU B C   1 
ATOM   1387 O  O   . GLU B 1 93 ? -1.953  4.531   0.825   1.00 82.22  ? 93  GLU B O   1 
ATOM   1388 C  CB  . GLU B 1 93 ? 0.117   6.963   -0.829  1.00 87.66  ? 93  GLU B CB  1 
ATOM   1389 C  CG  . GLU B 1 93 ? 0.033   6.104   -2.064  1.00 93.81  ? 93  GLU B CG  1 
ATOM   1390 C  CD  . GLU B 1 93 ? 1.317   5.562   -2.610  1.00 96.18  ? 93  GLU B CD  1 
ATOM   1391 O  OE1 . GLU B 1 93 ? 2.156   4.981   -1.921  1.00 96.67  ? 93  GLU B OE1 1 
ATOM   1392 O  OE2 . GLU B 1 93 ? 1.496   5.788   -3.809  1.00 98.04  ? 93  GLU B OE2 1 
ATOM   1393 N  N   . LEU B 1 94 ? 0.190   4.371   0.056   1.00 83.33  ? 94  LEU B N   1 
ATOM   1394 C  CA  . LEU B 1 94 ? 0.243   2.919   -0.063  1.00 85.25  ? 94  LEU B CA  1 
ATOM   1395 C  C   . LEU B 1 94 ? -0.282  2.227   1.247   1.00 86.60  ? 94  LEU B C   1 
ATOM   1396 O  O   . LEU B 1 94 ? -0.941  1.217   1.190   1.00 86.29  ? 94  LEU B O   1 
ATOM   1397 C  CB  . LEU B 1 94 ? 1.681   2.536   -0.410  1.00 82.67  ? 94  LEU B CB  1 
ATOM   1398 C  CG  . LEU B 1 94 ? 1.975   1.381   -1.303  1.00 84.36  ? 94  LEU B CG  1 
ATOM   1399 C  CD1 . LEU B 1 94 ? 1.560   1.630   -2.768  1.00 83.37  ? 94  LEU B CD1 1 
ATOM   1400 C  CD2 . LEU B 1 94 ? 3.462   1.011   -1.274  1.00 81.90  ? 94  LEU B CD2 1 
ATOM   1401 N  N   . PHE B 1 95 ? -0.002  2.880   2.348   1.00 88.98  ? 95  PHE B N   1 
ATOM   1402 C  CA  . PHE B 1 95 ? -0.303  2.588   3.726   1.00 91.34  ? 95  PHE B CA  1 
ATOM   1403 C  C   . PHE B 1 95 ? -0.142  1.101   4.078   1.00 92.72  ? 95  PHE B C   1 
ATOM   1404 O  O   . PHE B 1 95 ? -0.496  0.789   5.265   1.00 92.98  ? 95  PHE B O   1 
ATOM   1405 C  CB  . PHE B 1 95 ? -1.654  3.116   4.174   1.00 86.40  ? 95  PHE B CB  1 
ATOM   1406 C  CG  . PHE B 1 95 ? -2.924  2.350   3.901   1.00 81.11  ? 95  PHE B CG  1 
ATOM   1407 C  CD1 . PHE B 1 95 ? -2.954  0.950   3.917   1.00 79.36  ? 95  PHE B CD1 1 
ATOM   1408 C  CD2 . PHE B 1 95 ? -4.105  3.012   3.614   1.00 79.48  ? 95  PHE B CD2 1 
ATOM   1409 C  CE1 . PHE B 1 95 ? -4.108  0.242   3.652   1.00 72.78  ? 95  PHE B CE1 1 
ATOM   1410 C  CE2 . PHE B 1 95 ? -5.250  2.368   3.350   1.00 76.73  ? 95  PHE B CE2 1 
ATOM   1411 C  CZ  . PHE B 1 95 ? -5.280  0.969   3.367   1.00 76.09  ? 95  PHE B CZ  1 
ATOM   1412 O  OXT . PHE B 1 95 ? 0.295   0.337   3.248   1.00 100.19 ? 95  PHE B OXT 1 
HETATM 1413 FE FE1 . FES C 2 .  ? -18.728 -13.105 7.650   1.00 14.04  ? 96  FES A FE1 1 
HETATM 1414 FE FE2 . FES C 2 .  ? -17.047 -11.802 5.857   1.00 14.08  ? 96  FES A FE2 1 
HETATM 1415 S  S1  . FES C 2 .  ? -18.027 -11.067 7.777   1.00 12.01  ? 96  FES A S1  1 
HETATM 1416 S  S2  . FES C 2 .  ? -17.890 -13.880 5.722   1.00 11.16  ? 96  FES A S2  1 
HETATM 1417 FE FE1 . FES D 2 .  ? 11.381  1.278   9.582   1.00 15.03  ? 96  FES B FE1 1 
HETATM 1418 FE FE2 . FES D 2 .  ? 12.890  2.705   7.783   1.00 11.57  ? 96  FES B FE2 1 
HETATM 1419 S  S1  . FES D 2 .  ? 11.902  3.378   9.701   1.00 12.41  ? 96  FES B S1  1 
HETATM 1420 S  S2  . FES D 2 .  ? 12.227  0.566   7.656   1.00 11.57  ? 96  FES B S2  1 
HETATM 1421 O  O   . HOH E 3 .  ? -22.589 -0.383  -3.653  1.00 25.64  ? 97  HOH A O   1 
HETATM 1422 O  O   . HOH E 3 .  ? -10.552 -17.437 -4.715  1.00 25.44  ? 98  HOH A O   1 
HETATM 1423 O  O   . HOH E 3 .  ? -8.995  -3.136  10.122  1.00 35.30  ? 99  HOH A O   1 
HETATM 1424 O  O   . HOH E 3 .  ? -11.392 -4.616  12.850  1.00 27.25  ? 100 HOH A O   1 
HETATM 1425 O  O   . HOH E 3 .  ? -15.670 -1.683  8.703   1.00 12.94  ? 101 HOH A O   1 
HETATM 1426 O  O   . HOH E 3 .  ? -13.640 -9.759  -12.389 1.00 34.26  ? 102 HOH A O   1 
HETATM 1427 O  O   . HOH E 3 .  ? -11.723 -13.071 -8.848  1.00 17.53  ? 103 HOH A O   1 
HETATM 1428 O  O   . HOH E 3 .  ? -8.563  8.108   3.418   1.00 43.60  ? 104 HOH A O   1 
HETATM 1429 O  O   . HOH E 3 .  ? -17.903 -5.368  3.697   1.00 11.68  ? 105 HOH A O   1 
HETATM 1430 O  O   . HOH E 3 .  ? -19.266 -4.960  1.576   1.00 16.84  ? 106 HOH A O   1 
HETATM 1431 O  O   . HOH E 3 .  ? -22.659 -6.665  2.378   1.00 16.90  ? 107 HOH A O   1 
HETATM 1432 O  O   . HOH E 3 .  ? -24.858 -4.787  3.598   1.00 28.07  ? 108 HOH A O   1 
HETATM 1433 O  O   . HOH E 3 .  ? -13.766 -1.184  -14.091 1.00 28.54  ? 109 HOH A O   1 
HETATM 1434 O  O   . HOH E 3 .  ? -14.928 -16.661 -0.280  1.00 18.33  ? 110 HOH A O   1 
HETATM 1435 O  O   . HOH E 3 .  ? -24.198 -19.721 -0.442  1.00 18.58  ? 111 HOH A O   1 
HETATM 1436 O  O   . HOH E 3 .  ? -7.262  -15.346 -10.695 1.00 41.58  ? 112 HOH A O   1 
HETATM 1437 O  O   . HOH E 3 .  ? -18.127 -0.032  -13.660 1.00 48.20  ? 113 HOH A O   1 
HETATM 1438 O  O   . HOH E 3 .  ? -17.498 5.097   5.469   1.00 33.53  ? 114 HOH A O   1 
HETATM 1439 O  O   . HOH E 3 .  ? -8.357  6.649   0.414   1.00 36.39  ? 115 HOH A O   1 
HETATM 1440 O  O   . HOH E 3 .  ? -15.317 5.542   10.639  1.00 33.08  ? 116 HOH A O   1 
HETATM 1441 O  O   . HOH E 3 .  ? -21.822 1.737   6.046   1.00 23.39  ? 117 HOH A O   1 
HETATM 1442 O  O   . HOH E 3 .  ? -14.205 -12.638 -8.512  1.00 47.66  ? 118 HOH A O   1 
HETATM 1443 O  O   . HOH E 3 .  ? -17.189 -21.298 -0.966  1.00 22.80  ? 119 HOH A O   1 
HETATM 1444 O  O   . HOH E 3 .  ? -17.635 -22.792 -3.774  1.00 16.92  ? 120 HOH A O   1 
HETATM 1445 O  O   . HOH E 3 .  ? -21.515 -5.418  -11.951 1.00 63.30  ? 121 HOH A O   1 
HETATM 1446 O  O   . HOH E 3 .  ? -14.198 6.290   -9.207  1.00 23.68  ? 122 HOH A O   1 
HETATM 1447 O  O   . HOH E 3 .  ? -4.336  -10.581 5.663   1.00 32.72  ? 123 HOH A O   1 
HETATM 1448 O  O   . HOH E 3 .  ? -5.314  -8.336  6.119   1.00 22.42  ? 124 HOH A O   1 
HETATM 1449 O  O   . HOH E 3 .  ? -10.108 -8.971  7.237   1.00 37.73  ? 125 HOH A O   1 
HETATM 1450 O  O   . HOH E 3 .  ? -4.317  -6.267  9.250   1.00 43.81  ? 126 HOH A O   1 
HETATM 1451 O  O   . HOH E 3 .  ? -25.137 -14.964 7.300   1.00 47.69  ? 127 HOH A O   1 
HETATM 1452 O  O   . HOH E 3 .  ? -25.074 -10.924 7.849   1.00 32.75  ? 128 HOH A O   1 
HETATM 1453 O  O   . HOH E 3 .  ? -10.145 -3.070  -12.292 1.00 20.09  ? 129 HOH A O   1 
HETATM 1454 O  O   . HOH E 3 .  ? -9.639  -15.230 -8.726  1.00 65.44  ? 130 HOH A O   1 
HETATM 1455 O  O   . HOH E 3 .  ? -9.197  0.072   -9.890  1.00 22.22  ? 131 HOH A O   1 
HETATM 1456 O  O   . HOH E 3 .  ? -22.305 3.557   2.928   1.00 33.12  ? 132 HOH A O   1 
HETATM 1457 O  O   . HOH E 3 .  ? -17.189 -18.795 -0.077  1.00 18.78  ? 133 HOH A O   1 
HETATM 1458 O  O   . HOH E 3 .  ? -3.354  -15.202 3.340   1.00 62.32  ? 134 HOH A O   1 
HETATM 1459 O  O   . HOH E 3 .  ? -20.322 -1.176  -11.847 1.00 36.26  ? 135 HOH A O   1 
HETATM 1460 O  O   . HOH E 3 .  ? -19.522 9.887   2.231   1.00 39.43  ? 136 HOH A O   1 
HETATM 1461 O  O   . HOH E 3 .  ? -25.650 -19.890 -7.200  1.00 19.11  ? 137 HOH A O   1 
HETATM 1462 O  O   . HOH E 3 .  ? -3.611  -3.476  7.479   1.00 74.51  ? 138 HOH A O   1 
HETATM 1463 O  O   . HOH E 3 .  ? -5.288  -13.451 4.666   1.00 39.49  ? 139 HOH A O   1 
HETATM 1464 O  O   . HOH E 3 .  ? -9.546  -9.210  10.296  1.00 46.33  ? 140 HOH A O   1 
HETATM 1465 O  O   . HOH E 3 .  ? -15.304 1.886   -12.343 1.00 70.94  ? 141 HOH A O   1 
HETATM 1466 O  O   . HOH E 3 .  ? -24.067 -12.595 -14.104 1.00 74.42  ? 142 HOH A O   1 
HETATM 1467 O  O   . HOH E 3 .  ? -26.672 -0.975  -7.067  1.00 53.97  ? 143 HOH A O   1 
HETATM 1468 O  O   . HOH E 3 .  ? 3.314   -13.319 -4.461  1.00 35.27  ? 144 HOH A O   1 
HETATM 1469 O  O   . HOH E 3 .  ? -22.862 -22.175 5.277   1.00 43.56  ? 145 HOH A O   1 
HETATM 1470 O  O   . HOH E 3 .  ? -19.428 5.262   7.090   1.00 36.36  ? 146 HOH A O   1 
HETATM 1471 O  O   . HOH E 3 .  ? -0.592  -7.148  -11.417 1.00 34.59  ? 147 HOH A O   1 
HETATM 1472 O  O   . HOH E 3 .  ? -14.169 -21.921 -1.089  1.00 47.40  ? 148 HOH A O   1 
HETATM 1473 O  O   . HOH E 3 .  ? -19.731 10.907  -0.374  1.00 27.84  ? 149 HOH A O   1 
HETATM 1474 O  O   . HOH E 3 .  ? -2.675  -10.308 -2.311  1.00 22.34  ? 150 HOH A O   1 
HETATM 1475 O  O   . HOH E 3 .  ? -31.573 -7.567  2.231   1.00 46.39  ? 151 HOH A O   1 
HETATM 1476 O  O   . HOH E 3 .  ? -15.745 -10.569 -11.310 1.00 21.70  ? 152 HOH A O   1 
HETATM 1477 O  O   . HOH E 3 .  ? -24.479 -6.716  5.121   1.00 37.43  ? 153 HOH A O   1 
HETATM 1478 O  O   . HOH E 3 .  ? -19.279 3.207   4.071   1.00 30.61  ? 154 HOH A O   1 
HETATM 1479 O  O   . HOH E 3 .  ? -7.228  3.461   -13.211 1.00 67.44  ? 155 HOH A O   1 
HETATM 1480 O  O   . HOH E 3 .  ? -26.970 -8.026  -5.498  1.00 53.34  ? 156 HOH A O   1 
HETATM 1481 O  O   . HOH E 3 .  ? -33.501 -10.737 -0.879  1.00 26.38  ? 157 HOH A O   1 
HETATM 1482 O  O   . HOH E 3 .  ? -6.814  -7.030  11.893  1.00 45.40  ? 158 HOH A O   1 
HETATM 1483 O  O   . HOH E 3 .  ? -8.955  -15.053 12.919  1.00 59.86  ? 159 HOH A O   1 
HETATM 1484 O  O   . HOH E 3 .  ? -23.190 -14.316 10.780  1.00 54.11  ? 160 HOH A O   1 
HETATM 1485 O  O   . HOH E 3 .  ? -21.385 -9.523  -13.706 1.00 74.75  ? 161 HOH A O   1 
HETATM 1486 O  O   . HOH E 3 .  ? -18.142 -9.367  -15.294 1.00 55.19  ? 162 HOH A O   1 
HETATM 1487 O  O   . HOH E 3 .  ? -22.767 -22.147 2.529   1.00 26.32  ? 163 HOH A O   1 
HETATM 1488 O  O   . HOH E 3 .  ? -20.886 -23.611 4.147   1.00 38.48  ? 164 HOH A O   1 
HETATM 1489 O  O   . HOH E 3 .  ? -5.874  -20.560 5.938   1.00 46.64  ? 165 HOH A O   1 
HETATM 1490 O  O   . HOH E 3 .  ? -26.334 5.097   -3.521  1.00 46.11  ? 166 HOH A O   1 
HETATM 1491 O  O   . HOH E 3 .  ? -8.995  -16.070 0.905   1.00 38.42  ? 167 HOH A O   1 
HETATM 1492 O  O   . HOH E 3 .  ? -14.564 -19.927 5.882   1.00 26.95  ? 168 HOH A O   1 
HETATM 1493 O  O   . HOH E 3 .  ? -8.478  -20.845 -8.493  1.00 38.22  ? 169 HOH A O   1 
HETATM 1494 O  O   . HOH E 3 .  ? -6.521  7.029   6.125   1.00 73.37  ? 170 HOH A O   1 
HETATM 1495 O  O   . HOH E 3 .  ? -24.582 -2.747  5.287   1.00 41.17  ? 171 HOH A O   1 
HETATM 1496 O  O   . HOH E 3 .  ? -23.829 -22.854 -9.396  1.00 76.67  ? 172 HOH A O   1 
HETATM 1497 O  O   . HOH E 3 .  ? -5.216  1.770   -15.278 1.00 54.37  ? 173 HOH A O   1 
HETATM 1498 O  O   . HOH E 3 .  ? -12.109 -12.220 -13.565 1.00 83.11  ? 174 HOH A O   1 
HETATM 1499 O  O   . HOH E 3 .  ? -7.453  -22.224 -3.890  1.00 42.71  ? 175 HOH A O   1 
HETATM 1500 O  O   . HOH E 3 .  ? -27.204 -15.305 4.890   1.00 62.26  ? 176 HOH A O   1 
HETATM 1501 O  O   . HOH E 3 .  ? -3.142  -15.204 7.877   1.00 53.73  ? 177 HOH A O   1 
HETATM 1502 O  O   . HOH E 3 .  ? -8.810  3.828   -15.533 1.00 69.54  ? 178 HOH A O   1 
HETATM 1503 O  O   . HOH E 3 .  ? -1.929  -12.179 3.200   1.00 36.88  ? 179 HOH A O   1 
HETATM 1504 O  O   . HOH E 3 .  ? -19.573 -25.765 -10.008 1.00 19.47  ? 180 HOH A O   1 
HETATM 1505 O  O   . HOH E 3 .  ? 3.472   -5.747  -4.721  1.00 41.92  ? 181 HOH A O   1 
HETATM 1506 O  O   . HOH E 3 .  ? -20.425 -23.223 -11.265 1.00 37.16  ? 182 HOH A O   1 
HETATM 1507 O  O   . HOH E 3 .  ? -15.886 0.350   10.550  1.00 21.48  ? 183 HOH A O   1 
HETATM 1508 O  O   . HOH E 3 .  ? -16.213 6.762   -12.764 1.00 41.09  ? 184 HOH A O   1 
HETATM 1509 O  O   . HOH E 3 .  ? 1.956   -4.901  -9.875  1.00 76.22  ? 185 HOH A O   1 
HETATM 1510 O  O   . HOH E 3 .  ? -24.677 -11.797 -10.576 1.00 61.82  ? 186 HOH A O   1 
HETATM 1511 O  O   . HOH F 3 .  ? -5.164  3.712   1.235   1.00 32.09  ? 97  HOH B O   1 
HETATM 1512 O  O   . HOH F 3 .  ? 9.167   -8.387  -9.446  1.00 47.19  ? 98  HOH B O   1 
HETATM 1513 O  O   . HOH F 3 .  ? 13.860  18.431  13.236  1.00 20.72  ? 99  HOH B O   1 
HETATM 1514 O  O   . HOH F 3 .  ? 18.869  23.163  9.926   1.00 51.85  ? 100 HOH B O   1 
HETATM 1515 O  O   . HOH F 3 .  ? 17.698  -9.253  11.548  1.00 47.44  ? 101 HOH B O   1 
HETATM 1516 O  O   . HOH F 3 .  ? 5.819   13.403  -1.967  1.00 28.54  ? 102 HOH B O   1 
HETATM 1517 O  O   . HOH F 3 .  ? 19.255  -2.743  -3.166  1.00 18.58  ? 103 HOH B O   1 
HETATM 1518 O  O   . HOH F 3 .  ? 20.615  11.766  11.804  1.00 34.23  ? 104 HOH B O   1 
HETATM 1519 O  O   . HOH F 3 .  ? 17.831  10.643  14.470  1.00 31.39  ? 105 HOH B O   1 
HETATM 1520 O  O   . HOH F 3 .  ? 13.205  12.759  10.380  1.00 7.97   ? 106 HOH B O   1 
HETATM 1521 O  O   . HOH F 3 .  ? 15.003  4.920   -10.672 1.00 27.68  ? 107 HOH B O   1 
HETATM 1522 O  O   . HOH F 3 .  ? 17.594  1.387   -6.864  1.00 18.75  ? 108 HOH B O   1 
HETATM 1523 O  O   . HOH F 3 .  ? 19.883  22.516  4.931   1.00 28.74  ? 109 HOH B O   1 
HETATM 1524 O  O   . HOH F 3 .  ? 11.402  8.890   5.583   1.00 9.07   ? 110 HOH B O   1 
HETATM 1525 O  O   . HOH F 3 .  ? 9.836   9.175   3.260   1.00 11.85  ? 111 HOH B O   1 
HETATM 1526 O  O   . HOH F 3 .  ? 6.599   7.476   4.444   1.00 17.91  ? 112 HOH B O   1 
HETATM 1527 O  O   . HOH F 3 .  ? 4.884   7.662   6.684   1.00 43.38  ? 113 HOH B O   1 
HETATM 1528 O  O   . HOH F 3 .  ? 14.812  12.695  -12.441 1.00 37.58  ? 114 HOH B O   1 
HETATM 1529 O  O   . HOH F 3 .  ? 14.995  -2.351  1.548   1.00 19.25  ? 115 HOH B O   1 
HETATM 1530 O  O   . HOH F 3 .  ? 5.952   -5.544  2.049   1.00 30.85  ? 116 HOH B O   1 
HETATM 1531 O  O   . HOH F 3 .  ? 22.186  -0.836  -8.797  1.00 30.13  ? 117 HOH B O   1 
HETATM 1532 O  O   . HOH F 3 .  ? 11.625  14.880  -11.504 1.00 56.32  ? 118 HOH B O   1 
HETATM 1533 O  O   . HOH F 3 .  ? 10.797  18.988  6.777   1.00 23.67  ? 119 HOH B O   1 
HETATM 1534 O  O   . HOH F 3 .  ? 19.581  21.210  1.996   1.00 40.74  ? 120 HOH B O   1 
HETATM 1535 O  O   . HOH F 3 .  ? 12.673  20.825  11.398  1.00 31.06  ? 121 HOH B O   1 
HETATM 1536 O  O   . HOH F 3 .  ? 6.584   15.804  7.829   1.00 25.69  ? 122 HOH B O   1 
HETATM 1537 O  O   . HOH F 3 .  ? 13.648  0.326   -5.381  1.00 20.02  ? 123 HOH B O   1 
HETATM 1538 O  O   . HOH F 3 .  ? 12.910  -7.534  0.720   1.00 31.48  ? 124 HOH B O   1 
HETATM 1539 O  O   . HOH F 3 .  ? 12.409  -9.028  -1.437  1.00 22.17  ? 125 HOH B O   1 
HETATM 1540 O  O   . HOH F 3 .  ? 7.488   8.914   -9.989  1.00 63.68  ? 126 HOH B O   1 
HETATM 1541 O  O   . HOH F 3 .  ? 24.548  4.375   8.145   1.00 50.29  ? 127 HOH B O   1 
HETATM 1542 O  O   . HOH F 3 .  ? 24.174  7.238   7.574   1.00 18.80  ? 128 HOH B O   1 
HETATM 1543 O  O   . HOH F 3 .  ? 18.998  6.279   9.224   1.00 26.23  ? 129 HOH B O   1 
HETATM 1544 O  O   . HOH F 3 .  ? 24.837  7.876   11.357  1.00 37.15  ? 130 HOH B O   1 
HETATM 1545 O  O   . HOH F 3 .  ? 4.859   -0.582  9.412   1.00 40.75  ? 131 HOH B O   1 
HETATM 1546 O  O   . HOH F 3 .  ? 4.636   2.727   10.213  1.00 38.17  ? 132 HOH B O   1 
HETATM 1547 O  O   . HOH F 3 .  ? 18.511  11.301  -10.348 1.00 24.00  ? 133 HOH B O   1 
HETATM 1548 O  O   . HOH F 3 .  ? 20.031  -1.065  -6.170  1.00 46.40  ? 134 HOH B O   1 
HETATM 1549 O  O   . HOH F 3 .  ? 19.169  14.696  -8.610  1.00 20.96  ? 135 HOH B O   1 
HETATM 1550 O  O   . HOH F 3 .  ? 17.160  -6.119  -0.879  1.00 68.21  ? 136 HOH B O   1 
HETATM 1551 O  O   . HOH F 3 .  ? 23.444  18.590  2.440   1.00 26.98  ? 137 HOH B O   1 
HETATM 1552 O  O   . HOH F 3 .  ? 13.145  -4.229  1.966   1.00 16.27  ? 138 HOH B O   1 
HETATM 1553 O  O   . HOH F 3 .  ? 25.229  -0.929  5.464   1.00 43.40  ? 139 HOH B O   1 
HETATM 1554 O  O   . HOH F 3 .  ? 8.593   13.186  -9.328  1.00 41.33  ? 140 HOH B O   1 
HETATM 1555 O  O   . HOH F 3 .  ? 6.159   24.685  4.669   1.00 50.76  ? 141 HOH B O   1 
HETATM 1556 O  O   . HOH F 3 .  ? 25.647  11.031  9.366   1.00 36.32  ? 142 HOH B O   1 
HETATM 1557 O  O   . HOH F 3 .  ? 22.523  1.508   5.875   1.00 37.62  ? 143 HOH B O   1 
HETATM 1558 O  O   . HOH F 3 .  ? 19.047  3.151   9.864   1.00 49.86  ? 144 HOH B O   1 
HETATM 1559 O  O   . HOH F 3 .  ? 13.549  16.606  -10.288 1.00 42.15  ? 145 HOH B O   1 
HETATM 1560 O  O   . HOH F 3 .  ? 4.588   2.609   -8.317  1.00 59.16  ? 146 HOH B O   1 
HETATM 1561 O  O   . HOH F 3 .  ? 3.008   11.696  -1.039  1.00 44.02  ? 147 HOH B O   1 
HETATM 1562 O  O   . HOH F 3 .  ? 7.192   18.391  -3.424  1.00 33.26  ? 148 HOH B O   1 
HETATM 1563 O  O   . HOH F 3 .  ? 5.543   -7.065  7.409   1.00 62.43  ? 149 HOH B O   1 
HETATM 1564 O  O   . HOH F 3 .  ? 13.494  -8.613  10.345  1.00 82.05  ? 150 HOH B O   1 
HETATM 1565 O  O   . HOH F 3 .  ? 17.167  -5.254  11.691  1.00 55.01  ? 151 HOH B O   1 
HETATM 1566 O  O   . HOH F 3 .  ? 9.309   19.827  8.389   1.00 52.46  ? 152 HOH B O   1 
HETATM 1567 O  O   . HOH F 3 .  ? 28.786  7.106   -9.154  1.00 65.49  ? 153 HOH B O   1 
HETATM 1568 O  O   . HOH F 3 .  ? 15.668  -7.327  0.600   1.00 63.23  ? 154 HOH B O   1 
HETATM 1569 O  O   . HOH F 3 .  ? 8.022   24.364  2.901   1.00 20.43  ? 155 HOH B O   1 
HETATM 1570 O  O   . HOH F 3 .  ? 26.361  2.697   -2.286  1.00 32.64  ? 156 HOH B O   1 
HETATM 1571 O  O   . HOH F 3 .  ? -3.218  6.934   4.441   1.00 71.71  ? 157 HOH B O   1 
HETATM 1572 O  O   . HOH F 3 .  ? 20.588  -6.948  -2.476  1.00 61.51  ? 158 HOH B O   1 
HETATM 1573 O  O   . HOH F 3 .  ? 16.462  -0.751  -4.918  1.00 30.70  ? 159 HOH B O   1 
HETATM 1574 O  O   . HOH F 3 .  ? 11.727  -2.630  -13.246 1.00 41.86  ? 160 HOH B O   1 
HETATM 1575 O  O   . HOH F 3 .  ? 26.623  8.540   8.298   1.00 33.04  ? 161 HOH B O   1 
HETATM 1576 O  O   . HOH F 3 .  ? 31.370  10.217  3.465   1.00 23.41  ? 162 HOH B O   1 
HETATM 1577 O  O   . HOH F 3 .  ? 6.440   -0.069  -12.093 1.00 53.82  ? 163 HOH B O   1 
HETATM 1578 O  O   . HOH F 3 .  ? 21.469  -0.652  2.599   1.00 17.76  ? 164 HOH B O   1 
HETATM 1579 O  O   . HOH F 3 .  ? 23.391  16.193  -13.569 1.00 48.20  ? 165 HOH B O   1 
HETATM 1580 O  O   . HOH F 3 .  ? 15.288  -3.357  14.608  1.00 49.22  ? 166 HOH B O   1 
HETATM 1581 O  O   . HOH F 3 .  ? 20.495  -6.383  9.196   1.00 54.80  ? 167 HOH B O   1 
HETATM 1582 O  O   . HOH F 3 .  ? 12.142  8.482   -14.076 1.00 42.52  ? 168 HOH B O   1 
HETATM 1583 O  O   . HOH F 3 .  ? 13.248  10.693  -14.576 1.00 28.15  ? 169 HOH B O   1 
HETATM 1584 O  O   . HOH F 3 .  ? 11.424  1.959   -11.492 1.00 38.74  ? 170 HOH B O   1 
HETATM 1585 O  O   . HOH F 3 .  ? 7.790   4.607   -11.644 1.00 49.54  ? 171 HOH B O   1 
HETATM 1586 O  O   . HOH F 3 .  ? 9.372   5.161   -15.137 1.00 50.77  ? 172 HOH B O   1 
HETATM 1587 O  O   . HOH F 3 .  ? 10.707  4.313   -10.133 1.00 27.68  ? 173 HOH B O   1 
HETATM 1588 O  O   . HOH F 3 .  ? 2.851   -1.477  7.229   1.00 46.72  ? 174 HOH B O   1 
HETATM 1589 O  O   . HOH F 3 .  ? 24.155  -1.591  2.311   1.00 24.28  ? 175 HOH B O   1 
HETATM 1590 O  O   . HOH F 3 .  ? 5.225   -8.894  -6.598  1.00 79.38  ? 176 HOH B O   1 
HETATM 1591 O  O   . HOH F 3 .  ? 15.128  2.256   -6.892  1.00 41.88  ? 177 HOH B O   1 
HETATM 1592 O  O   . HOH F 3 .  ? 23.551  20.839  6.223   1.00 52.68  ? 178 HOH B O   1 
HETATM 1593 O  O   . HOH F 3 .  ? 11.417  20.576  4.790   1.00 47.66  ? 179 HOH B O   1 
HETATM 1594 O  O   . HOH F 3 .  ? 19.607  5.620   11.625  1.00 38.96  ? 180 HOH B O   1 
HETATM 1595 O  O   . HOH F 3 .  ? 12.079  -5.508  -15.664 1.00 34.22  ? 181 HOH B O   1 
HETATM 1596 O  O   . HOH F 3 .  ? 2.443   15.628  -1.739  1.00 62.50  ? 182 HOH B O   1 
HETATM 1597 O  O   . HOH F 3 .  ? 29.820  9.096   10.029  1.00 47.59  ? 183 HOH B O   1 
HETATM 1598 O  O   . HOH F 3 .  ? 28.100  1.258   -0.537  1.00 69.20  ? 184 HOH B O   1 
HETATM 1599 O  O   . HOH F 3 .  ? 22.394  -5.409  6.709   1.00 60.15  ? 185 HOH B O   1 
HETATM 1600 O  O   . HOH F 3 .  ? 18.373  18.451  -9.466  1.00 61.26  ? 186 HOH B O   1 
HETATM 1601 O  O   . HOH F 3 .  ? 30.485  11.806  5.408   1.00 53.38  ? 187 HOH B O   1 
HETATM 1602 O  O   . HOH F 3 .  ? 25.988  0.021   -4.040  1.00 32.56  ? 188 HOH B O   1 
HETATM 1603 O  O   . HOH F 3 .  ? 15.663  -8.484  -2.503  1.00 44.98  ? 189 HOH B O   1 
# 
